data_4CD2
# 
_entry.id   4CD2 
# 
_audit_conform.dict_name       mmcif_pdbx.dic 
_audit_conform.dict_version    5.383 
_audit_conform.dict_location   http://mmcif.pdb.org/dictionaries/ascii/mmcif_pdbx.dic 
# 
loop_
_database_2.database_id 
_database_2.database_code 
_database_2.pdbx_database_accession 
_database_2.pdbx_DOI 
PDB   4CD2         pdb_00004cd2 10.2210/pdb4cd2/pdb 
RCSB  RCSB000680   ?            ?                   
WWPDB D_1000000680 ?            ?                   
# 
loop_
_pdbx_audit_revision_history.ordinal 
_pdbx_audit_revision_history.data_content_type 
_pdbx_audit_revision_history.major_revision 
_pdbx_audit_revision_history.minor_revision 
_pdbx_audit_revision_history.revision_date 
1 'Structure model' 1 0 2000-03-29 
2 'Structure model' 1 1 2007-10-16 
3 'Structure model' 1 2 2011-07-13 
4 'Structure model' 1 3 2018-04-04 
5 'Structure model' 1 4 2023-12-27 
# 
_pdbx_audit_revision_details.ordinal             1 
_pdbx_audit_revision_details.revision_ordinal    1 
_pdbx_audit_revision_details.data_content_type   'Structure model' 
_pdbx_audit_revision_details.provider            repository 
_pdbx_audit_revision_details.type                'Initial release' 
_pdbx_audit_revision_details.description         ? 
_pdbx_audit_revision_details.details             ? 
# 
loop_
_pdbx_audit_revision_group.ordinal 
_pdbx_audit_revision_group.revision_ordinal 
_pdbx_audit_revision_group.data_content_type 
_pdbx_audit_revision_group.group 
1 2 'Structure model' 'Version format compliance' 
2 3 'Structure model' 'Version format compliance' 
3 4 'Structure model' 'Data collection'           
4 5 'Structure model' 'Data collection'           
5 5 'Structure model' 'Database references'       
6 5 'Structure model' 'Derived calculations'      
# 
loop_
_pdbx_audit_revision_category.ordinal 
_pdbx_audit_revision_category.revision_ordinal 
_pdbx_audit_revision_category.data_content_type 
_pdbx_audit_revision_category.category 
1 4 'Structure model' diffrn_source  
2 5 'Structure model' chem_comp_atom 
3 5 'Structure model' chem_comp_bond 
4 5 'Structure model' database_2     
5 5 'Structure model' struct_site    
# 
loop_
_pdbx_audit_revision_item.ordinal 
_pdbx_audit_revision_item.revision_ordinal 
_pdbx_audit_revision_item.data_content_type 
_pdbx_audit_revision_item.item 
1 4 'Structure model' '_diffrn_source.type'                 
2 5 'Structure model' '_database_2.pdbx_DOI'                
3 5 'Structure model' '_database_2.pdbx_database_accession' 
4 5 'Structure model' '_struct_site.pdbx_auth_asym_id'      
5 5 'Structure model' '_struct_site.pdbx_auth_comp_id'      
6 5 'Structure model' '_struct_site.pdbx_auth_seq_id'       
# 
_pdbx_database_status.status_code                     REL 
_pdbx_database_status.entry_id                        4CD2 
_pdbx_database_status.recvd_initial_deposition_date   1999-03-18 
_pdbx_database_status.deposit_site                    BNL 
_pdbx_database_status.process_site                    RCSB 
_pdbx_database_status.SG_entry                        . 
_pdbx_database_status.pdb_format_compatible           Y 
_pdbx_database_status.status_code_mr                  ? 
_pdbx_database_status.status_code_sf                  ? 
_pdbx_database_status.status_code_cs                  ? 
_pdbx_database_status.methods_development_category    ? 
_pdbx_database_status.status_code_nmr_data            ? 
# 
loop_
_pdbx_database_related.db_name 
_pdbx_database_related.db_id 
_pdbx_database_related.details 
_pdbx_database_related.content_type 
PDB 1CD2 . unspecified 
PDB 2CD2 . unspecified 
PDB 3CD2 . unspecified 
# 
loop_
_audit_author.name 
_audit_author.pdbx_ordinal 
'Cody, V.'      1 
'Galitsky, N.'  2 
'Rak, D.'       3 
'Luft, J.R.'    4 
'Pangborn, W.'  5 
'Queener, S.F.' 6 
# 
loop_
_citation.id 
_citation.title 
_citation.journal_abbrev 
_citation.journal_volume 
_citation.page_first 
_citation.page_last 
_citation.year 
_citation.journal_id_ASTM 
_citation.country 
_citation.journal_id_ISSN 
_citation.journal_id_CSD 
_citation.book_publisher 
_citation.pdbx_database_id_PubMed 
_citation.pdbx_database_id_DOI 
primary 
;Ligand-induced conformational changes in the crystal structures of Pneumocystis carinii dihydrofolate reductase complexes with folate and NADP+.
;
Biochemistry         38 4303 4312 1999 BICHAW US 0006-2960 0033 ? 10194348 10.1021/bi982728m 
1       'THE STRUCTURE OF PNEUMOCYSTIS CARINII DIHYDROFOLATE REDUCTASE TO 1.9 ANGSTROMS RESOLUTION' 'Structure (London)' 2  915  ? 
1994 ?      ?  ?         ?    ? ?        ?                 
# 
loop_
_citation_author.citation_id 
_citation_author.name 
_citation_author.ordinal 
_citation_author.identifier_ORCID 
primary 'Cody, V.'         1  ? 
primary 'Galitsky, N.'     2  ? 
primary 'Rak, D.'          3  ? 
primary 'Luft, J.R.'       4  ? 
primary 'Pangborn, W.'     5  ? 
primary 'Queener, S.F.'    6  ? 
1       'CHAMPNESS, J.N.'  7  ? 
1       'ACHARI, A.'       8  ? 
1       'BALLANTINE, S.P.' 9  ? 
1       'BRYANT, P.K.'     10 ? 
1       'DELVES, C.J.'     11 ? 
1       'STAMMERS, D.K.'   12 ? 
# 
loop_
_entity.id 
_entity.type 
_entity.src_method 
_entity.pdbx_description 
_entity.formula_weight 
_entity.pdbx_number_of_molecules 
_entity.pdbx_ec 
_entity.pdbx_mutation 
_entity.pdbx_fragment 
_entity.details 
1 polymer     man 'DIHYDROFOLATE REDUCTASE' 23918.537 1  1.5.1.3 ? ? ? 
2 non-polymer syn 'FOLIC ACID'              441.397   1  ?       ? ? ? 
3 water       nat water                     18.015    55 ?       ? ? ? 
# 
_entity_name_com.entity_id   1 
_entity_name_com.name        PCDHFR 
# 
_entity_poly.entity_id                      1 
_entity_poly.type                           'polypeptide(L)' 
_entity_poly.nstd_linkage                   no 
_entity_poly.nstd_monomer                   no 
_entity_poly.pdbx_seq_one_letter_code       
;MNQQKSLTLIVALTTSYGIGRSNSLPWKLKKEISYFKRVTSFVPTFDSFESMNVVLMGRKTWESIPLQFRPLKGRINVVI
TRNESLDLGNGIHSAKSLDHALELLYRTYGSESSVQINRIFVIGGAQLYKAAMDHPKLDRIMATIIYKDIHCDVFFPLKF
RDKEWSSVWKKEKHSDLESWVGTKVPHGKINEDGFDYEFEMWTRDL
;
_entity_poly.pdbx_seq_one_letter_code_can   
;MNQQKSLTLIVALTTSYGIGRSNSLPWKLKKEISYFKRVTSFVPTFDSFESMNVVLMGRKTWESIPLQFRPLKGRINVVI
TRNESLDLGNGIHSAKSLDHALELLYRTYGSESSVQINRIFVIGGAQLYKAAMDHPKLDRIMATIIYKDIHCDVFFPLKF
RDKEWSSVWKKEKHSDLESWVGTKVPHGKINEDGFDYEFEMWTRDL
;
_entity_poly.pdbx_strand_id                 A 
_entity_poly.pdbx_target_identifier         ? 
# 
loop_
_pdbx_entity_nonpoly.entity_id 
_pdbx_entity_nonpoly.name 
_pdbx_entity_nonpoly.comp_id 
2 'FOLIC ACID' FOL 
3 water        HOH 
# 
loop_
_entity_poly_seq.entity_id 
_entity_poly_seq.num 
_entity_poly_seq.mon_id 
_entity_poly_seq.hetero 
1 1   MET n 
1 2   ASN n 
1 3   GLN n 
1 4   GLN n 
1 5   LYS n 
1 6   SER n 
1 7   LEU n 
1 8   THR n 
1 9   LEU n 
1 10  ILE n 
1 11  VAL n 
1 12  ALA n 
1 13  LEU n 
1 14  THR n 
1 15  THR n 
1 16  SER n 
1 17  TYR n 
1 18  GLY n 
1 19  ILE n 
1 20  GLY n 
1 21  ARG n 
1 22  SER n 
1 23  ASN n 
1 24  SER n 
1 25  LEU n 
1 26  PRO n 
1 27  TRP n 
1 28  LYS n 
1 29  LEU n 
1 30  LYS n 
1 31  LYS n 
1 32  GLU n 
1 33  ILE n 
1 34  SER n 
1 35  TYR n 
1 36  PHE n 
1 37  LYS n 
1 38  ARG n 
1 39  VAL n 
1 40  THR n 
1 41  SER n 
1 42  PHE n 
1 43  VAL n 
1 44  PRO n 
1 45  THR n 
1 46  PHE n 
1 47  ASP n 
1 48  SER n 
1 49  PHE n 
1 50  GLU n 
1 51  SER n 
1 52  MET n 
1 53  ASN n 
1 54  VAL n 
1 55  VAL n 
1 56  LEU n 
1 57  MET n 
1 58  GLY n 
1 59  ARG n 
1 60  LYS n 
1 61  THR n 
1 62  TRP n 
1 63  GLU n 
1 64  SER n 
1 65  ILE n 
1 66  PRO n 
1 67  LEU n 
1 68  GLN n 
1 69  PHE n 
1 70  ARG n 
1 71  PRO n 
1 72  LEU n 
1 73  LYS n 
1 74  GLY n 
1 75  ARG n 
1 76  ILE n 
1 77  ASN n 
1 78  VAL n 
1 79  VAL n 
1 80  ILE n 
1 81  THR n 
1 82  ARG n 
1 83  ASN n 
1 84  GLU n 
1 85  SER n 
1 86  LEU n 
1 87  ASP n 
1 88  LEU n 
1 89  GLY n 
1 90  ASN n 
1 91  GLY n 
1 92  ILE n 
1 93  HIS n 
1 94  SER n 
1 95  ALA n 
1 96  LYS n 
1 97  SER n 
1 98  LEU n 
1 99  ASP n 
1 100 HIS n 
1 101 ALA n 
1 102 LEU n 
1 103 GLU n 
1 104 LEU n 
1 105 LEU n 
1 106 TYR n 
1 107 ARG n 
1 108 THR n 
1 109 TYR n 
1 110 GLY n 
1 111 SER n 
1 112 GLU n 
1 113 SER n 
1 114 SER n 
1 115 VAL n 
1 116 GLN n 
1 117 ILE n 
1 118 ASN n 
1 119 ARG n 
1 120 ILE n 
1 121 PHE n 
1 122 VAL n 
1 123 ILE n 
1 124 GLY n 
1 125 GLY n 
1 126 ALA n 
1 127 GLN n 
1 128 LEU n 
1 129 TYR n 
1 130 LYS n 
1 131 ALA n 
1 132 ALA n 
1 133 MET n 
1 134 ASP n 
1 135 HIS n 
1 136 PRO n 
1 137 LYS n 
1 138 LEU n 
1 139 ASP n 
1 140 ARG n 
1 141 ILE n 
1 142 MET n 
1 143 ALA n 
1 144 THR n 
1 145 ILE n 
1 146 ILE n 
1 147 TYR n 
1 148 LYS n 
1 149 ASP n 
1 150 ILE n 
1 151 HIS n 
1 152 CYS n 
1 153 ASP n 
1 154 VAL n 
1 155 PHE n 
1 156 PHE n 
1 157 PRO n 
1 158 LEU n 
1 159 LYS n 
1 160 PHE n 
1 161 ARG n 
1 162 ASP n 
1 163 LYS n 
1 164 GLU n 
1 165 TRP n 
1 166 SER n 
1 167 SER n 
1 168 VAL n 
1 169 TRP n 
1 170 LYS n 
1 171 LYS n 
1 172 GLU n 
1 173 LYS n 
1 174 HIS n 
1 175 SER n 
1 176 ASP n 
1 177 LEU n 
1 178 GLU n 
1 179 SER n 
1 180 TRP n 
1 181 VAL n 
1 182 GLY n 
1 183 THR n 
1 184 LYS n 
1 185 VAL n 
1 186 PRO n 
1 187 HIS n 
1 188 GLY n 
1 189 LYS n 
1 190 ILE n 
1 191 ASN n 
1 192 GLU n 
1 193 ASP n 
1 194 GLY n 
1 195 PHE n 
1 196 ASP n 
1 197 TYR n 
1 198 GLU n 
1 199 PHE n 
1 200 GLU n 
1 201 MET n 
1 202 TRP n 
1 203 THR n 
1 204 ARG n 
1 205 ASP n 
1 206 LEU n 
# 
_entity_src_gen.entity_id                          1 
_entity_src_gen.pdbx_src_id                        1 
_entity_src_gen.pdbx_alt_source_flag               sample 
_entity_src_gen.pdbx_seq_type                      ? 
_entity_src_gen.pdbx_beg_seq_num                   ? 
_entity_src_gen.pdbx_end_seq_num                   ? 
_entity_src_gen.gene_src_common_name               ? 
_entity_src_gen.gene_src_genus                     Pneumocystis 
_entity_src_gen.pdbx_gene_src_gene                 ? 
_entity_src_gen.gene_src_species                   ? 
_entity_src_gen.gene_src_strain                    ? 
_entity_src_gen.gene_src_tissue                    ? 
_entity_src_gen.gene_src_tissue_fraction           ? 
_entity_src_gen.gene_src_details                   ? 
_entity_src_gen.pdbx_gene_src_fragment             ? 
_entity_src_gen.pdbx_gene_src_scientific_name      'Pneumocystis carinii' 
_entity_src_gen.pdbx_gene_src_ncbi_taxonomy_id     4754 
_entity_src_gen.pdbx_gene_src_variant              ? 
_entity_src_gen.pdbx_gene_src_cell_line            ? 
_entity_src_gen.pdbx_gene_src_atcc                 ? 
_entity_src_gen.pdbx_gene_src_organ                ? 
_entity_src_gen.pdbx_gene_src_organelle            ? 
_entity_src_gen.pdbx_gene_src_cell                 ? 
_entity_src_gen.pdbx_gene_src_cellular_location    ? 
_entity_src_gen.host_org_common_name               ? 
_entity_src_gen.pdbx_host_org_scientific_name      'Escherichia coli' 
_entity_src_gen.pdbx_host_org_ncbi_taxonomy_id     562 
_entity_src_gen.host_org_genus                     Escherichia 
_entity_src_gen.pdbx_host_org_gene                 'C-DNA P.CARINII DHFR' 
_entity_src_gen.pdbx_host_org_organ                ? 
_entity_src_gen.host_org_species                   ? 
_entity_src_gen.pdbx_host_org_tissue               ? 
_entity_src_gen.pdbx_host_org_tissue_fraction      ? 
_entity_src_gen.pdbx_host_org_strain               ? 
_entity_src_gen.pdbx_host_org_variant              ? 
_entity_src_gen.pdbx_host_org_cell_line            ? 
_entity_src_gen.pdbx_host_org_atcc                 ? 
_entity_src_gen.pdbx_host_org_culture_collection   ? 
_entity_src_gen.pdbx_host_org_cell                 ? 
_entity_src_gen.pdbx_host_org_organelle            ? 
_entity_src_gen.pdbx_host_org_cellular_location    ? 
_entity_src_gen.pdbx_host_org_vector_type          ? 
_entity_src_gen.pdbx_host_org_vector               ? 
_entity_src_gen.host_org_details                   ? 
_entity_src_gen.expression_system_id               ? 
_entity_src_gen.plasmid_name                       PT7-7 
_entity_src_gen.plasmid_details                    ? 
_entity_src_gen.pdbx_description                   ? 
# 
loop_
_chem_comp.id 
_chem_comp.type 
_chem_comp.mon_nstd_flag 
_chem_comp.name 
_chem_comp.pdbx_synonyms 
_chem_comp.formula 
_chem_comp.formula_weight 
ALA 'L-peptide linking' y ALANINE         ? 'C3 H7 N O2'     89.093  
ARG 'L-peptide linking' y ARGININE        ? 'C6 H15 N4 O2 1' 175.209 
ASN 'L-peptide linking' y ASPARAGINE      ? 'C4 H8 N2 O3'    132.118 
ASP 'L-peptide linking' y 'ASPARTIC ACID' ? 'C4 H7 N O4'     133.103 
CYS 'L-peptide linking' y CYSTEINE        ? 'C3 H7 N O2 S'   121.158 
FOL non-polymer         . 'FOLIC ACID'    ? 'C19 H19 N7 O6'  441.397 
GLN 'L-peptide linking' y GLUTAMINE       ? 'C5 H10 N2 O3'   146.144 
GLU 'L-peptide linking' y 'GLUTAMIC ACID' ? 'C5 H9 N O4'     147.129 
GLY 'peptide linking'   y GLYCINE         ? 'C2 H5 N O2'     75.067  
HIS 'L-peptide linking' y HISTIDINE       ? 'C6 H10 N3 O2 1' 156.162 
HOH non-polymer         . WATER           ? 'H2 O'           18.015  
ILE 'L-peptide linking' y ISOLEUCINE      ? 'C6 H13 N O2'    131.173 
LEU 'L-peptide linking' y LEUCINE         ? 'C6 H13 N O2'    131.173 
LYS 'L-peptide linking' y LYSINE          ? 'C6 H15 N2 O2 1' 147.195 
MET 'L-peptide linking' y METHIONINE      ? 'C5 H11 N O2 S'  149.211 
PHE 'L-peptide linking' y PHENYLALANINE   ? 'C9 H11 N O2'    165.189 
PRO 'L-peptide linking' y PROLINE         ? 'C5 H9 N O2'     115.130 
SER 'L-peptide linking' y SERINE          ? 'C3 H7 N O3'     105.093 
THR 'L-peptide linking' y THREONINE       ? 'C4 H9 N O3'     119.119 
TRP 'L-peptide linking' y TRYPTOPHAN      ? 'C11 H12 N2 O2'  204.225 
TYR 'L-peptide linking' y TYROSINE        ? 'C9 H11 N O3'    181.189 
VAL 'L-peptide linking' y VALINE          ? 'C5 H11 N O2'    117.146 
# 
loop_
_pdbx_poly_seq_scheme.asym_id 
_pdbx_poly_seq_scheme.entity_id 
_pdbx_poly_seq_scheme.seq_id 
_pdbx_poly_seq_scheme.mon_id 
_pdbx_poly_seq_scheme.ndb_seq_num 
_pdbx_poly_seq_scheme.pdb_seq_num 
_pdbx_poly_seq_scheme.auth_seq_num 
_pdbx_poly_seq_scheme.pdb_mon_id 
_pdbx_poly_seq_scheme.auth_mon_id 
_pdbx_poly_seq_scheme.pdb_strand_id 
_pdbx_poly_seq_scheme.pdb_ins_code 
_pdbx_poly_seq_scheme.hetero 
A 1 1   MET 1   1   ?   ?   ?   A . n 
A 1 2   ASN 2   2   ?   ?   ?   A . n 
A 1 3   GLN 3   3   ?   ?   ?   A . n 
A 1 4   GLN 4   4   ?   ?   ?   A . n 
A 1 5   LYS 5   5   5   LYS LYS A . n 
A 1 6   SER 6   6   6   SER SER A . n 
A 1 7   LEU 7   7   7   LEU LEU A . n 
A 1 8   THR 8   8   8   THR THR A . n 
A 1 9   LEU 9   9   9   LEU LEU A . n 
A 1 10  ILE 10  10  10  ILE ILE A . n 
A 1 11  VAL 11  11  11  VAL VAL A . n 
A 1 12  ALA 12  12  12  ALA ALA A . n 
A 1 13  LEU 13  13  13  LEU LEU A . n 
A 1 14  THR 14  14  14  THR THR A . n 
A 1 15  THR 15  15  15  THR THR A . n 
A 1 16  SER 16  16  16  SER SER A . n 
A 1 17  TYR 17  17  17  TYR TYR A . n 
A 1 18  GLY 18  18  18  GLY GLY A . n 
A 1 19  ILE 19  19  19  ILE ILE A . n 
A 1 20  GLY 20  20  20  GLY GLY A . n 
A 1 21  ARG 21  21  21  ARG ARG A . n 
A 1 22  SER 22  22  22  SER SER A . n 
A 1 23  ASN 23  23  23  ASN ASN A . n 
A 1 24  SER 24  24  24  SER SER A . n 
A 1 25  LEU 25  25  25  LEU LEU A . n 
A 1 26  PRO 26  26  26  PRO PRO A . n 
A 1 27  TRP 27  27  27  TRP TRP A . n 
A 1 28  LYS 28  28  28  LYS LYS A . n 
A 1 29  LEU 29  29  29  LEU LEU A . n 
A 1 30  LYS 30  30  30  LYS LYS A . n 
A 1 31  LYS 31  31  31  LYS LYS A . n 
A 1 32  GLU 32  32  32  GLU GLU A . n 
A 1 33  ILE 33  33  33  ILE ILE A . n 
A 1 34  SER 34  34  34  SER SER A . n 
A 1 35  TYR 35  35  35  TYR TYR A . n 
A 1 36  PHE 36  36  36  PHE PHE A . n 
A 1 37  LYS 37  37  37  LYS LYS A . n 
A 1 38  ARG 38  38  38  ARG ARG A . n 
A 1 39  VAL 39  39  39  VAL VAL A . n 
A 1 40  THR 40  40  40  THR THR A . n 
A 1 41  SER 41  41  41  SER SER A . n 
A 1 42  PHE 42  42  42  PHE PHE A . n 
A 1 43  VAL 43  43  43  VAL VAL A . n 
A 1 44  PRO 44  44  44  PRO PRO A . n 
A 1 45  THR 45  45  45  THR THR A . n 
A 1 46  PHE 46  46  46  PHE PHE A . n 
A 1 47  ASP 47  47  47  ASP ASP A . n 
A 1 48  SER 48  48  48  SER SER A . n 
A 1 49  PHE 49  49  49  PHE PHE A . n 
A 1 50  GLU 50  50  50  GLU GLU A . n 
A 1 51  SER 51  51  51  SER SER A . n 
A 1 52  MET 52  52  52  MET MET A . n 
A 1 53  ASN 53  53  53  ASN ASN A . n 
A 1 54  VAL 54  54  54  VAL VAL A . n 
A 1 55  VAL 55  55  55  VAL VAL A . n 
A 1 56  LEU 56  56  56  LEU LEU A . n 
A 1 57  MET 57  57  57  MET MET A . n 
A 1 58  GLY 58  58  58  GLY GLY A . n 
A 1 59  ARG 59  59  59  ARG ARG A . n 
A 1 60  LYS 60  60  60  LYS LYS A . n 
A 1 61  THR 61  61  61  THR THR A . n 
A 1 62  TRP 62  62  62  TRP TRP A . n 
A 1 63  GLU 63  63  63  GLU GLU A . n 
A 1 64  SER 64  64  64  SER SER A . n 
A 1 65  ILE 65  65  65  ILE ILE A . n 
A 1 66  PRO 66  66  66  PRO PRO A . n 
A 1 67  LEU 67  67  67  LEU LEU A . n 
A 1 68  GLN 68  68  68  GLN GLN A . n 
A 1 69  PHE 69  69  69  PHE PHE A . n 
A 1 70  ARG 70  70  70  ARG ARG A . n 
A 1 71  PRO 71  71  71  PRO PRO A . n 
A 1 72  LEU 72  72  72  LEU LEU A . n 
A 1 73  LYS 73  73  73  LYS LYS A . n 
A 1 74  GLY 74  74  74  GLY GLY A . n 
A 1 75  ARG 75  75  75  ARG ARG A . n 
A 1 76  ILE 76  76  76  ILE ILE A . n 
A 1 77  ASN 77  77  77  ASN ASN A . n 
A 1 78  VAL 78  78  78  VAL VAL A . n 
A 1 79  VAL 79  79  79  VAL VAL A . n 
A 1 80  ILE 80  80  80  ILE ILE A . n 
A 1 81  THR 81  81  81  THR THR A . n 
A 1 82  ARG 82  82  82  ARG ARG A . n 
A 1 83  ASN 83  83  83  ASN ASN A . n 
A 1 84  GLU 84  84  84  GLU GLU A . n 
A 1 85  SER 85  85  85  SER SER A . n 
A 1 86  LEU 86  86  86  LEU LEU A . n 
A 1 87  ASP 87  87  87  ASP ASP A . n 
A 1 88  LEU 88  88  88  LEU LEU A . n 
A 1 89  GLY 89  89  89  GLY GLY A . n 
A 1 90  ASN 90  90  90  ASN ASN A . n 
A 1 91  GLY 91  91  91  GLY GLY A . n 
A 1 92  ILE 92  92  92  ILE ILE A . n 
A 1 93  HIS 93  93  93  HIS HIS A . n 
A 1 94  SER 94  94  94  SER SER A . n 
A 1 95  ALA 95  95  95  ALA ALA A . n 
A 1 96  LYS 96  96  96  LYS LYS A . n 
A 1 97  SER 97  97  97  SER SER A . n 
A 1 98  LEU 98  98  98  LEU LEU A . n 
A 1 99  ASP 99  99  99  ASP ASP A . n 
A 1 100 HIS 100 100 100 HIS HIS A . n 
A 1 101 ALA 101 101 101 ALA ALA A . n 
A 1 102 LEU 102 102 102 LEU LEU A . n 
A 1 103 GLU 103 103 103 GLU GLU A . n 
A 1 104 LEU 104 104 104 LEU LEU A . n 
A 1 105 LEU 105 105 105 LEU LEU A . n 
A 1 106 TYR 106 106 106 TYR TYR A . n 
A 1 107 ARG 107 107 107 ARG ARG A . n 
A 1 108 THR 108 108 108 THR THR A . n 
A 1 109 TYR 109 109 109 TYR TYR A . n 
A 1 110 GLY 110 110 110 GLY GLY A . n 
A 1 111 SER 111 111 111 SER SER A . n 
A 1 112 GLU 112 112 112 GLU GLU A . n 
A 1 113 SER 113 113 113 SER SER A . n 
A 1 114 SER 114 114 114 SER SER A . n 
A 1 115 VAL 115 115 115 VAL VAL A . n 
A 1 116 GLN 116 116 116 GLN GLN A . n 
A 1 117 ILE 117 117 117 ILE ILE A . n 
A 1 118 ASN 118 118 118 ASN ASN A . n 
A 1 119 ARG 119 119 119 ARG ARG A . n 
A 1 120 ILE 120 120 120 ILE ILE A . n 
A 1 121 PHE 121 121 121 PHE PHE A . n 
A 1 122 VAL 122 122 122 VAL VAL A . n 
A 1 123 ILE 123 123 123 ILE ILE A . n 
A 1 124 GLY 124 124 124 GLY GLY A . n 
A 1 125 GLY 125 125 125 GLY GLY A . n 
A 1 126 ALA 126 126 126 ALA ALA A . n 
A 1 127 GLN 127 127 127 GLN GLN A . n 
A 1 128 LEU 128 128 128 LEU LEU A . n 
A 1 129 TYR 129 129 129 TYR TYR A . n 
A 1 130 LYS 130 130 130 LYS LYS A . n 
A 1 131 ALA 131 131 131 ALA ALA A . n 
A 1 132 ALA 132 132 132 ALA ALA A . n 
A 1 133 MET 133 133 133 MET MET A . n 
A 1 134 ASP 134 134 134 ASP ASP A . n 
A 1 135 HIS 135 135 135 HIS HIS A . n 
A 1 136 PRO 136 136 136 PRO PRO A . n 
A 1 137 LYS 137 137 137 LYS LYS A . n 
A 1 138 LEU 138 138 138 LEU LEU A . n 
A 1 139 ASP 139 139 139 ASP ASP A . n 
A 1 140 ARG 140 140 140 ARG ARG A . n 
A 1 141 ILE 141 141 141 ILE ILE A . n 
A 1 142 MET 142 142 142 MET MET A . n 
A 1 143 ALA 143 143 143 ALA ALA A . n 
A 1 144 THR 144 144 144 THR THR A . n 
A 1 145 ILE 145 145 145 ILE ILE A . n 
A 1 146 ILE 146 146 146 ILE ILE A . n 
A 1 147 TYR 147 147 147 TYR TYR A . n 
A 1 148 LYS 148 148 148 LYS LYS A . n 
A 1 149 ASP 149 149 149 ASP ASP A . n 
A 1 150 ILE 150 150 150 ILE ILE A . n 
A 1 151 HIS 151 151 151 HIS HIS A . n 
A 1 152 CYS 152 152 152 CYS CYS A . n 
A 1 153 ASP 153 153 153 ASP ASP A . n 
A 1 154 VAL 154 154 154 VAL VAL A . n 
A 1 155 PHE 155 155 155 PHE PHE A . n 
A 1 156 PHE 156 156 156 PHE PHE A . n 
A 1 157 PRO 157 157 157 PRO PRO A . n 
A 1 158 LEU 158 158 158 LEU LEU A . n 
A 1 159 LYS 159 159 159 LYS LYS A . n 
A 1 160 PHE 160 160 160 PHE PHE A . n 
A 1 161 ARG 161 161 161 ARG ARG A . n 
A 1 162 ASP 162 162 162 ASP ASP A . n 
A 1 163 LYS 163 163 163 LYS LYS A . n 
A 1 164 GLU 164 164 164 GLU GLU A . n 
A 1 165 TRP 165 165 165 TRP TRP A . n 
A 1 166 SER 166 166 166 SER SER A . n 
A 1 167 SER 167 167 167 SER SER A . n 
A 1 168 VAL 168 168 168 VAL VAL A . n 
A 1 169 TRP 169 169 169 TRP TRP A . n 
A 1 170 LYS 170 170 170 LYS LYS A . n 
A 1 171 LYS 171 171 171 LYS LYS A . n 
A 1 172 GLU 172 172 172 GLU GLU A . n 
A 1 173 LYS 173 173 173 LYS LYS A . n 
A 1 174 HIS 174 174 174 HIS HIS A . n 
A 1 175 SER 175 175 175 SER SER A . n 
A 1 176 ASP 176 176 176 ASP ASP A . n 
A 1 177 LEU 177 177 177 LEU LEU A . n 
A 1 178 GLU 178 178 178 GLU GLU A . n 
A 1 179 SER 179 179 179 SER SER A . n 
A 1 180 TRP 180 180 180 TRP TRP A . n 
A 1 181 VAL 181 181 181 VAL VAL A . n 
A 1 182 GLY 182 182 182 GLY GLY A . n 
A 1 183 THR 183 183 183 THR THR A . n 
A 1 184 LYS 184 184 184 LYS LYS A . n 
A 1 185 VAL 185 185 185 VAL VAL A . n 
A 1 186 PRO 186 186 186 PRO PRO A . n 
A 1 187 HIS 187 187 187 HIS HIS A . n 
A 1 188 GLY 188 188 188 GLY GLY A . n 
A 1 189 LYS 189 189 189 LYS LYS A . n 
A 1 190 ILE 190 190 190 ILE ILE A . n 
A 1 191 ASN 191 191 191 ASN ASN A . n 
A 1 192 GLU 192 192 192 GLU GLU A . n 
A 1 193 ASP 193 193 193 ASP ASP A . n 
A 1 194 GLY 194 194 194 GLY GLY A . n 
A 1 195 PHE 195 195 195 PHE PHE A . n 
A 1 196 ASP 196 196 196 ASP ASP A . n 
A 1 197 TYR 197 197 197 TYR TYR A . n 
A 1 198 GLU 198 198 198 GLU GLU A . n 
A 1 199 PHE 199 199 199 PHE PHE A . n 
A 1 200 GLU 200 200 200 GLU GLU A . n 
A 1 201 MET 201 201 201 MET MET A . n 
A 1 202 TRP 202 202 202 TRP TRP A . n 
A 1 203 THR 203 203 203 THR THR A . n 
A 1 204 ARG 204 204 204 ARG ARG A . n 
A 1 205 ASP 205 205 205 ASP ASP A . n 
A 1 206 LEU 206 206 206 LEU LEU A . n 
# 
loop_
_pdbx_nonpoly_scheme.asym_id 
_pdbx_nonpoly_scheme.entity_id 
_pdbx_nonpoly_scheme.mon_id 
_pdbx_nonpoly_scheme.ndb_seq_num 
_pdbx_nonpoly_scheme.pdb_seq_num 
_pdbx_nonpoly_scheme.auth_seq_num 
_pdbx_nonpoly_scheme.pdb_mon_id 
_pdbx_nonpoly_scheme.auth_mon_id 
_pdbx_nonpoly_scheme.pdb_strand_id 
_pdbx_nonpoly_scheme.pdb_ins_code 
B 2 FOL 1  207 207 FOL FOL A . 
C 3 HOH 1  208 208 HOH HOH A . 
C 3 HOH 2  209 209 HOH HOH A . 
C 3 HOH 3  210 210 HOH HOH A . 
C 3 HOH 4  211 211 HOH HOH A . 
C 3 HOH 5  212 212 HOH HOH A . 
C 3 HOH 6  213 213 HOH HOH A . 
C 3 HOH 7  214 214 HOH HOH A . 
C 3 HOH 8  215 215 HOH HOH A . 
C 3 HOH 9  216 216 HOH HOH A . 
C 3 HOH 10 217 217 HOH HOH A . 
C 3 HOH 11 218 218 HOH HOH A . 
C 3 HOH 12 219 219 HOH HOH A . 
C 3 HOH 13 220 220 HOH HOH A . 
C 3 HOH 14 221 221 HOH HOH A . 
C 3 HOH 15 222 222 HOH HOH A . 
C 3 HOH 16 223 223 HOH HOH A . 
C 3 HOH 17 224 224 HOH HOH A . 
C 3 HOH 18 225 225 HOH HOH A . 
C 3 HOH 19 226 226 HOH HOH A . 
C 3 HOH 20 227 227 HOH HOH A . 
C 3 HOH 21 228 228 HOH HOH A . 
C 3 HOH 22 229 229 HOH HOH A . 
C 3 HOH 23 230 230 HOH HOH A . 
C 3 HOH 24 231 231 HOH HOH A . 
C 3 HOH 25 232 232 HOH HOH A . 
C 3 HOH 26 233 233 HOH HOH A . 
C 3 HOH 27 234 234 HOH HOH A . 
C 3 HOH 28 235 235 HOH HOH A . 
C 3 HOH 29 236 236 HOH HOH A . 
C 3 HOH 30 237 237 HOH HOH A . 
C 3 HOH 31 238 238 HOH HOH A . 
C 3 HOH 32 239 239 HOH HOH A . 
C 3 HOH 33 240 240 HOH HOH A . 
C 3 HOH 34 241 241 HOH HOH A . 
C 3 HOH 35 242 242 HOH HOH A . 
C 3 HOH 36 243 243 HOH HOH A . 
C 3 HOH 37 244 244 HOH HOH A . 
C 3 HOH 38 245 245 HOH HOH A . 
C 3 HOH 39 246 246 HOH HOH A . 
C 3 HOH 40 247 247 HOH HOH A . 
C 3 HOH 41 248 248 HOH HOH A . 
C 3 HOH 42 249 249 HOH HOH A . 
C 3 HOH 43 250 250 HOH HOH A . 
C 3 HOH 44 251 251 HOH HOH A . 
C 3 HOH 45 252 252 HOH HOH A . 
C 3 HOH 46 253 253 HOH HOH A . 
C 3 HOH 47 254 254 HOH HOH A . 
C 3 HOH 48 255 255 HOH HOH A . 
C 3 HOH 49 256 256 HOH HOH A . 
C 3 HOH 50 257 257 HOH HOH A . 
C 3 HOH 51 258 258 HOH HOH A . 
C 3 HOH 52 259 259 HOH HOH A . 
C 3 HOH 53 260 260 HOH HOH A . 
C 3 HOH 54 261 261 HOH HOH A . 
C 3 HOH 55 262 262 HOH HOH A . 
# 
loop_
_software.name 
_software.classification 
_software.version 
_software.citation_id 
_software.pdbx_ordinal 
AMoRE     phasing          . ? 1 
PROLSQ    refinement       . ? 2 
DENZO     'data reduction' . ? 3 
SCALEPACK 'data scaling'   . ? 4 
# 
_cell.entry_id           4CD2 
_cell.length_a           38.048 
_cell.length_b           61.510 
_cell.length_c           85.665 
_cell.angle_alpha        90.00 
_cell.angle_beta         90.00 
_cell.angle_gamma        90.00 
_cell.Z_PDB              4 
_cell.pdbx_unique_axis   ? 
# 
_symmetry.entry_id                         4CD2 
_symmetry.space_group_name_H-M             'P 21 21 21' 
_symmetry.pdbx_full_space_group_name_H-M   ? 
_symmetry.cell_setting                     ? 
_symmetry.Int_Tables_number                19 
# 
_exptl.entry_id          4CD2 
_exptl.method            'X-RAY DIFFRACTION' 
_exptl.crystals_number   1 
# 
_exptl_crystal.id                    1 
_exptl_crystal.density_meas          ? 
_exptl_crystal.density_Matthews      1.97 
_exptl_crystal.density_percent_sol   48 
_exptl_crystal.description           ? 
# 
_exptl_crystal_grow.crystal_id      1 
_exptl_crystal_grow.method          ? 
_exptl_crystal_grow.temp            ? 
_exptl_crystal_grow.temp_details    ? 
_exptl_crystal_grow.pH              6.0 
_exptl_crystal_grow.pdbx_details    'pH 6.0' 
_exptl_crystal_grow.pdbx_pH_range   . 
# 
_diffrn.id                     1 
_diffrn.ambient_temp           293 
_diffrn.ambient_temp_details   ? 
_diffrn.crystal_id             1 
# 
_diffrn_detector.diffrn_id              1 
_diffrn_detector.detector               ? 
_diffrn_detector.type                   ? 
_diffrn_detector.pdbx_collection_date   1997-08 
_diffrn_detector.details                ? 
# 
_diffrn_radiation.diffrn_id                        1 
_diffrn_radiation.wavelength_id                    1 
_diffrn_radiation.pdbx_monochromatic_or_laue_m_l   M 
_diffrn_radiation.monochromator                    ? 
_diffrn_radiation.pdbx_diffrn_protocol             'SINGLE WAVELENGTH' 
_diffrn_radiation.pdbx_scattering_type             x-ray 
# 
_diffrn_radiation_wavelength.id           1 
_diffrn_radiation_wavelength.wavelength   1.5418 
_diffrn_radiation_wavelength.wt           1.0 
# 
_diffrn_source.diffrn_id                   1 
_diffrn_source.source                      'ROTATING ANODE' 
_diffrn_source.type                        'RIGAKU RU200' 
_diffrn_source.pdbx_synchrotron_site       ? 
_diffrn_source.pdbx_synchrotron_beamline   ? 
_diffrn_source.pdbx_wavelength             1.5418 
_diffrn_source.pdbx_wavelength_list        ? 
# 
_reflns.entry_id                     4CD2 
_reflns.observed_criterion_sigma_I   2 
_reflns.observed_criterion_sigma_F   ? 
_reflns.d_resolution_low             99.0 
_reflns.d_resolution_high            2.00 
_reflns.number_obs                   13866 
_reflns.number_all                   ? 
_reflns.percent_possible_obs         97.7 
_reflns.pdbx_Rmerge_I_obs            0.0520000 
_reflns.pdbx_Rsym_value              ? 
_reflns.pdbx_netI_over_sigmaI        12.7 
_reflns.B_iso_Wilson_estimate        ? 
_reflns.pdbx_redundancy              2.6 
_reflns.R_free_details               ? 
_reflns.limit_h_max                  ? 
_reflns.limit_h_min                  ? 
_reflns.limit_k_max                  ? 
_reflns.limit_k_min                  ? 
_reflns.limit_l_max                  ? 
_reflns.limit_l_min                  ? 
_reflns.observed_criterion_F_max     ? 
_reflns.observed_criterion_F_min     ? 
_reflns.pdbx_diffrn_id               1 
_reflns.pdbx_ordinal                 1 
# 
_refine.entry_id                                 4CD2 
_refine.ls_number_reflns_obs                     11837 
_refine.ls_number_reflns_all                     ? 
_refine.pdbx_ls_sigma_I                          ? 
_refine.pdbx_ls_sigma_F                          2.0 
_refine.pdbx_data_cutoff_high_absF               ? 
_refine.pdbx_data_cutoff_low_absF                ? 
_refine.pdbx_data_cutoff_high_rms_absF           ? 
_refine.ls_d_res_low                             8.0 
_refine.ls_d_res_high                            2.0 
_refine.ls_percent_reflns_obs                    98.3 
_refine.ls_R_factor_obs                          ? 
_refine.ls_R_factor_all                          ? 
_refine.ls_R_factor_R_work                       0.1760000 
_refine.ls_R_factor_R_free                       ? 
_refine.ls_R_factor_R_free_error                 ? 
_refine.ls_R_factor_R_free_error_details         ? 
_refine.ls_percent_reflns_R_free                 ? 
_refine.ls_number_reflns_R_free                  ? 
_refine.ls_number_parameters                     ? 
_refine.ls_number_restraints                     ? 
_refine.occupancy_min                            ? 
_refine.occupancy_max                            ? 
_refine.B_iso_mean                               23.16 
_refine.aniso_B[1][1]                            ? 
_refine.aniso_B[2][2]                            ? 
_refine.aniso_B[3][3]                            ? 
_refine.aniso_B[1][2]                            ? 
_refine.aniso_B[1][3]                            ? 
_refine.aniso_B[2][3]                            ? 
_refine.solvent_model_details                    ? 
_refine.solvent_model_param_ksol                 ? 
_refine.solvent_model_param_bsol                 ? 
_refine.pdbx_ls_cross_valid_method               ? 
_refine.details                                  ? 
_refine.pdbx_starting_model                      ? 
_refine.pdbx_method_to_determine_struct          'MOLECULAR REPLACEMENT' 
_refine.pdbx_isotropic_thermal_model             ? 
_refine.pdbx_stereochemistry_target_values       ? 
_refine.pdbx_stereochem_target_val_spec_case     ? 
_refine.pdbx_R_Free_selection_details            ? 
_refine.pdbx_overall_ESU_R                       ? 
_refine.pdbx_overall_ESU_R_Free                  ? 
_refine.overall_SU_ML                            ? 
_refine.overall_SU_B                             ? 
_refine.ls_redundancy_reflns_obs                 ? 
_refine.B_iso_min                                ? 
_refine.B_iso_max                                ? 
_refine.pdbx_refine_id                           'X-RAY DIFFRACTION' 
_refine.pdbx_diffrn_id                           1 
_refine.pdbx_TLS_residual_ADP_flag               ? 
_refine.correlation_coeff_Fo_to_Fc               ? 
_refine.correlation_coeff_Fo_to_Fc_free          ? 
_refine.pdbx_solvent_vdw_probe_radii             ? 
_refine.pdbx_solvent_ion_probe_radii             ? 
_refine.pdbx_solvent_shrinkage_radii             ? 
_refine.pdbx_overall_phase_error                 ? 
_refine.overall_SU_R_Cruickshank_DPI             ? 
_refine.pdbx_overall_SU_R_free_Cruickshank_DPI   ? 
_refine.pdbx_overall_SU_R_Blow_DPI               ? 
_refine.pdbx_overall_SU_R_free_Blow_DPI          ? 
# 
_refine_hist.pdbx_refine_id                   'X-RAY DIFFRACTION' 
_refine_hist.cycle_id                         LAST 
_refine_hist.pdbx_number_atoms_protein        1652 
_refine_hist.pdbx_number_atoms_nucleic_acid   0 
_refine_hist.pdbx_number_atoms_ligand         32 
_refine_hist.number_atoms_solvent             55 
_refine_hist.number_atoms_total               1739 
_refine_hist.d_res_high                       2.0 
_refine_hist.d_res_low                        8.0 
# 
loop_
_refine_ls_restr.type 
_refine_ls_restr.dev_ideal 
_refine_ls_restr.dev_ideal_target 
_refine_ls_restr.weight 
_refine_ls_restr.number 
_refine_ls_restr.pdbx_refine_id 
_refine_ls_restr.pdbx_restraint_function 
p_bond_d            0.017 0.020 ? ? 'X-RAY DIFFRACTION' ? 
p_angle_d           0.049 0.040 ? ? 'X-RAY DIFFRACTION' ? 
p_angle_deg         ?     ?     ? ? 'X-RAY DIFFRACTION' ? 
p_planar_d          0.050 0.050 ? ? 'X-RAY DIFFRACTION' ? 
p_hb_or_metal_coord ?     ?     ? ? 'X-RAY DIFFRACTION' ? 
p_mcbond_it         1.878 1.750 ? ? 'X-RAY DIFFRACTION' ? 
p_mcangle_it        2.991 2.500 ? ? 'X-RAY DIFFRACTION' ? 
p_scbond_it         2.141 1.750 ? ? 'X-RAY DIFFRACTION' ? 
p_scangle_it        3.289 2.500 ? ? 'X-RAY DIFFRACTION' ? 
p_plane_restr       0.014 0.020 ? ? 'X-RAY DIFFRACTION' ? 
p_chiral_restr      0.174 0.150 ? ? 'X-RAY DIFFRACTION' ? 
p_singtor_nbd       0.201 0.500 ? ? 'X-RAY DIFFRACTION' ? 
p_multtor_nbd       0.252 0.500 ? ? 'X-RAY DIFFRACTION' ? 
p_xhyhbond_nbd      ?     ?     ? ? 'X-RAY DIFFRACTION' ? 
p_xyhbond_nbd       0.205 0.500 ? ? 'X-RAY DIFFRACTION' ? 
p_planar_tor        2.3   3.0   ? ? 'X-RAY DIFFRACTION' ? 
p_staggered_tor     20.6  15.0  ? ? 'X-RAY DIFFRACTION' ? 
p_orthonormal_tor   ?     ?     ? ? 'X-RAY DIFFRACTION' ? 
p_transverse_tor    19.7  20.0  ? ? 'X-RAY DIFFRACTION' ? 
p_special_tor       ?     ?     ? ? 'X-RAY DIFFRACTION' ? 
# 
_struct.entry_id                  4CD2 
_struct.title                     
;LIGAND INDUCED CONFORMATIONAL CHANGES IN THE CRYSTAL STRUCTURES OF PNEUMOCYSTIS CARINII DIHYDROFOLATE REDUCTASE COMPLEXES WITH FOLATE AND NADP+
;
_struct.pdbx_model_details        ? 
_struct.pdbx_CASP_flag            ? 
_struct.pdbx_model_type_details   ? 
# 
_struct_keywords.entry_id        4CD2 
_struct_keywords.pdbx_keywords   OXIDOREDUCTASE 
_struct_keywords.text            'OXIDO-REDUCTASE, FOLATE, OXIDOREDUCTASE' 
# 
loop_
_struct_asym.id 
_struct_asym.pdbx_blank_PDB_chainid_flag 
_struct_asym.pdbx_modified 
_struct_asym.entity_id 
_struct_asym.details 
A N N 1 ? 
B N N 2 ? 
C N N 3 ? 
# 
_struct_ref.id                         1 
_struct_ref.db_name                    UNP 
_struct_ref.db_code                    DYR_PNECA 
_struct_ref.entity_id                  1 
_struct_ref.pdbx_db_accession          P16184 
_struct_ref.pdbx_align_begin           ? 
_struct_ref.pdbx_seq_one_letter_code   ? 
_struct_ref.pdbx_db_isoform            ? 
# 
_struct_ref_seq.align_id                      1 
_struct_ref_seq.ref_id                        1 
_struct_ref_seq.pdbx_PDB_id_code              4CD2 
_struct_ref_seq.pdbx_strand_id                A 
_struct_ref_seq.seq_align_beg                 1 
_struct_ref_seq.pdbx_seq_align_beg_ins_code   ? 
_struct_ref_seq.seq_align_end                 206 
_struct_ref_seq.pdbx_seq_align_end_ins_code   ? 
_struct_ref_seq.pdbx_db_accession             P16184 
_struct_ref_seq.db_align_beg                  1 
_struct_ref_seq.pdbx_db_align_beg_ins_code    ? 
_struct_ref_seq.db_align_end                  206 
_struct_ref_seq.pdbx_db_align_end_ins_code    ? 
_struct_ref_seq.pdbx_auth_seq_align_beg       1 
_struct_ref_seq.pdbx_auth_seq_align_end       206 
# 
_pdbx_struct_assembly.id                   1 
_pdbx_struct_assembly.details              author_defined_assembly 
_pdbx_struct_assembly.method_details       ? 
_pdbx_struct_assembly.oligomeric_details   monomeric 
_pdbx_struct_assembly.oligomeric_count     1 
# 
_pdbx_struct_assembly_gen.assembly_id       1 
_pdbx_struct_assembly_gen.oper_expression   1 
_pdbx_struct_assembly_gen.asym_id_list      A,B,C 
# 
_pdbx_struct_oper_list.id                   1 
_pdbx_struct_oper_list.type                 'identity operation' 
_pdbx_struct_oper_list.name                 1_555 
_pdbx_struct_oper_list.symmetry_operation   x,y,z 
_pdbx_struct_oper_list.matrix[1][1]         1.0000000000 
_pdbx_struct_oper_list.matrix[1][2]         0.0000000000 
_pdbx_struct_oper_list.matrix[1][3]         0.0000000000 
_pdbx_struct_oper_list.vector[1]            0.0000000000 
_pdbx_struct_oper_list.matrix[2][1]         0.0000000000 
_pdbx_struct_oper_list.matrix[2][2]         1.0000000000 
_pdbx_struct_oper_list.matrix[2][3]         0.0000000000 
_pdbx_struct_oper_list.vector[2]            0.0000000000 
_pdbx_struct_oper_list.matrix[3][1]         0.0000000000 
_pdbx_struct_oper_list.matrix[3][2]         0.0000000000 
_pdbx_struct_oper_list.matrix[3][3]         1.0000000000 
_pdbx_struct_oper_list.vector[3]            0.0000000000 
# 
_struct_biol.id                    1 
_struct_biol.pdbx_parent_biol_id   ? 
_struct_biol.details               ? 
# 
loop_
_struct_conf.conf_type_id 
_struct_conf.id 
_struct_conf.pdbx_PDB_helix_id 
_struct_conf.beg_label_comp_id 
_struct_conf.beg_label_asym_id 
_struct_conf.beg_label_seq_id 
_struct_conf.pdbx_beg_PDB_ins_code 
_struct_conf.end_label_comp_id 
_struct_conf.end_label_asym_id 
_struct_conf.end_label_seq_id 
_struct_conf.pdbx_end_PDB_ins_code 
_struct_conf.beg_auth_comp_id 
_struct_conf.beg_auth_asym_id 
_struct_conf.beg_auth_seq_id 
_struct_conf.end_auth_comp_id 
_struct_conf.end_auth_asym_id 
_struct_conf.end_auth_seq_id 
_struct_conf.pdbx_PDB_helix_class 
_struct_conf.details 
_struct_conf.pdbx_PDB_helix_length 
HELX_P HELX_P1 1 LYS A 30  ? SER A 41  ? LYS A 30  SER A 41  1 ? 12 
HELX_P HELX_P2 2 PHE A 46  ? SER A 48  ? PHE A 46  SER A 48  5 ? 3  
HELX_P HELX_P3 3 ARG A 59  ? SER A 64  ? ARG A 59  SER A 64  1 ? 6  
HELX_P HELX_P4 4 LEU A 98  ? THR A 108 ? LEU A 98  THR A 108 1 ? 11 
HELX_P HELX_P5 5 ALA A 126 ? MET A 133 ? ALA A 126 MET A 133 1 ? 8  
HELX_P HELX_P6 6 LYS A 163 ? TRP A 165 ? LYS A 163 TRP A 165 5 ? 3  
HELX_P HELX_P7 7 HIS A 174 ? VAL A 181 ? HIS A 174 VAL A 181 1 ? 8  
# 
_struct_conf_type.id          HELX_P 
_struct_conf_type.criteria    ? 
_struct_conf_type.reference   ? 
# 
loop_
_struct_mon_prot_cis.pdbx_id 
_struct_mon_prot_cis.label_comp_id 
_struct_mon_prot_cis.label_seq_id 
_struct_mon_prot_cis.label_asym_id 
_struct_mon_prot_cis.label_alt_id 
_struct_mon_prot_cis.pdbx_PDB_ins_code 
_struct_mon_prot_cis.auth_comp_id 
_struct_mon_prot_cis.auth_seq_id 
_struct_mon_prot_cis.auth_asym_id 
_struct_mon_prot_cis.pdbx_label_comp_id_2 
_struct_mon_prot_cis.pdbx_label_seq_id_2 
_struct_mon_prot_cis.pdbx_label_asym_id_2 
_struct_mon_prot_cis.pdbx_PDB_ins_code_2 
_struct_mon_prot_cis.pdbx_auth_comp_id_2 
_struct_mon_prot_cis.pdbx_auth_seq_id_2 
_struct_mon_prot_cis.pdbx_auth_asym_id_2 
_struct_mon_prot_cis.pdbx_PDB_model_num 
_struct_mon_prot_cis.pdbx_omega_angle 
1 ARG 70  A . ? ARG 70  A PRO 71  A ? PRO 71  A 1 0.06  
2 GLY 124 A . ? GLY 124 A GLY 125 A ? GLY 125 A 1 -0.04 
# 
_struct_sheet.id               A 
_struct_sheet.type             ? 
_struct_sheet.number_strands   8 
_struct_sheet.details          ? 
# 
loop_
_struct_sheet_order.sheet_id 
_struct_sheet_order.range_id_1 
_struct_sheet_order.range_id_2 
_struct_sheet_order.offset 
_struct_sheet_order.sense 
A 1 2 ? anti-parallel 
A 2 3 ? anti-parallel 
A 3 4 ? parallel      
A 4 5 ? parallel      
A 5 6 ? parallel      
A 6 7 ? parallel      
A 7 8 ? parallel      
# 
loop_
_struct_sheet_range.sheet_id 
_struct_sheet_range.id 
_struct_sheet_range.beg_label_comp_id 
_struct_sheet_range.beg_label_asym_id 
_struct_sheet_range.beg_label_seq_id 
_struct_sheet_range.pdbx_beg_PDB_ins_code 
_struct_sheet_range.end_label_comp_id 
_struct_sheet_range.end_label_asym_id 
_struct_sheet_range.end_label_seq_id 
_struct_sheet_range.pdbx_end_PDB_ins_code 
_struct_sheet_range.beg_auth_comp_id 
_struct_sheet_range.beg_auth_asym_id 
_struct_sheet_range.beg_auth_seq_id 
_struct_sheet_range.end_auth_comp_id 
_struct_sheet_range.end_auth_asym_id 
_struct_sheet_range.end_auth_seq_id 
A 1 ILE A 190 ? GLU A 192 ? ILE A 190 GLU A 192 
A 2 PHE A 195 ? THR A 203 ? PHE A 195 THR A 203 
A 3 LEU A 138 ? ILE A 146 ? LEU A 138 ILE A 146 
A 4 LEU A 7   ? THR A 14  ? LEU A 7   THR A 14  
A 5 ILE A 120 ? GLY A 124 ? ILE A 120 GLY A 124 
A 6 VAL A 54  ? GLY A 58  ? VAL A 54  GLY A 58  
A 7 ILE A 76  ? ILE A 80  ? ILE A 76  ILE A 80  
A 8 HIS A 93  ? ALA A 95  ? HIS A 93  ALA A 95  
# 
loop_
_pdbx_struct_sheet_hbond.sheet_id 
_pdbx_struct_sheet_hbond.range_id_1 
_pdbx_struct_sheet_hbond.range_id_2 
_pdbx_struct_sheet_hbond.range_1_label_atom_id 
_pdbx_struct_sheet_hbond.range_1_label_comp_id 
_pdbx_struct_sheet_hbond.range_1_label_asym_id 
_pdbx_struct_sheet_hbond.range_1_label_seq_id 
_pdbx_struct_sheet_hbond.range_1_PDB_ins_code 
_pdbx_struct_sheet_hbond.range_1_auth_atom_id 
_pdbx_struct_sheet_hbond.range_1_auth_comp_id 
_pdbx_struct_sheet_hbond.range_1_auth_asym_id 
_pdbx_struct_sheet_hbond.range_1_auth_seq_id 
_pdbx_struct_sheet_hbond.range_2_label_atom_id 
_pdbx_struct_sheet_hbond.range_2_label_comp_id 
_pdbx_struct_sheet_hbond.range_2_label_asym_id 
_pdbx_struct_sheet_hbond.range_2_label_seq_id 
_pdbx_struct_sheet_hbond.range_2_PDB_ins_code 
_pdbx_struct_sheet_hbond.range_2_auth_atom_id 
_pdbx_struct_sheet_hbond.range_2_auth_comp_id 
_pdbx_struct_sheet_hbond.range_2_auth_asym_id 
_pdbx_struct_sheet_hbond.range_2_auth_seq_id 
A 1 2 O ILE A 190 ? O ILE A 190 N TYR A 197 ? N TYR A 197 
A 2 3 O GLU A 198 ? O GLU A 198 N ILE A 145 ? N ILE A 145 
A 3 4 O ASP A 139 ? O ASP A 139 N LEU A 7   ? N LEU A 7   
A 4 5 O THR A 8   ? O THR A 8   N ILE A 120 ? N ILE A 120 
A 5 6 O PHE A 121 ? O PHE A 121 N VAL A 54  ? N VAL A 54  
A 6 7 O VAL A 55  ? O VAL A 55  N ILE A 76  ? N ILE A 76  
A 7 8 O VAL A 79  ? O VAL A 79  N HIS A 93  ? N HIS A 93  
# 
loop_
_struct_site.id 
_struct_site.pdbx_evidence_code 
_struct_site.pdbx_auth_asym_id 
_struct_site.pdbx_auth_comp_id 
_struct_site.pdbx_auth_seq_id 
_struct_site.pdbx_auth_ins_code 
_struct_site.pdbx_num_residues 
_struct_site.details 
S1  Author   ? ?   ?   ? 11 
'THE BINDING ORIENTATION OF THE PTERIDINE RING OF FOL IN THIS STRUCTURE IS SIMILAR TO THAT OBSERVED IN HDHFR FA BINARY COMPLEXES.' 
AC1 Software A FOL 207 ? 12 'BINDING SITE FOR RESIDUE FOL A 207' 
# 
loop_
_struct_site_gen.id 
_struct_site_gen.site_id 
_struct_site_gen.pdbx_num_res 
_struct_site_gen.label_comp_id 
_struct_site_gen.label_asym_id 
_struct_site_gen.label_seq_id 
_struct_site_gen.pdbx_auth_ins_code 
_struct_site_gen.auth_comp_id 
_struct_site_gen.auth_asym_id 
_struct_site_gen.auth_seq_id 
_struct_site_gen.label_atom_id 
_struct_site_gen.label_alt_id 
_struct_site_gen.symmetry 
_struct_site_gen.details 
1  S1  11 ILE A 10  ? ILE A 10  . ? 1_555 ? 
2  S1  11 LEU A 25  ? LEU A 25  . ? 1_555 ? 
3  S1  11 TRP A 27  ? TRP A 27  . ? 1_555 ? 
4  S1  11 GLU A 32  ? GLU A 32  . ? 1_555 ? 
5  S1  11 ILE A 33  ? ILE A 33  . ? 1_555 ? 
6  S1  11 PHE A 36  ? PHE A 36  . ? 1_555 ? 
7  S1  11 ILE A 65  ? ILE A 65  . ? 1_555 ? 
8  S1  11 PRO A 66  ? PRO A 66  . ? 1_555 ? 
9  S1  11 ILE A 123 ? ILE A 123 . ? 1_555 ? 
10 S1  11 TYR A 129 ? TYR A 129 . ? 1_555 ? 
11 S1  11 THR A 144 ? THR A 144 . ? 1_555 ? 
12 AC1 12 ILE A 10  ? ILE A 10  . ? 1_555 ? 
13 AC1 12 ALA A 12  ? ALA A 12  . ? 1_555 ? 
14 AC1 12 GLU A 32  ? GLU A 32  . ? 1_555 ? 
15 AC1 12 ILE A 33  ? ILE A 33  . ? 1_555 ? 
16 AC1 12 PHE A 36  ? PHE A 36  . ? 1_555 ? 
17 AC1 12 LYS A 37  ? LYS A 37  . ? 1_555 ? 
18 AC1 12 PHE A 69  ? PHE A 69  . ? 1_555 ? 
19 AC1 12 ARG A 75  ? ARG A 75  . ? 1_555 ? 
20 AC1 12 ILE A 123 ? ILE A 123 . ? 1_555 ? 
21 AC1 12 TYR A 129 ? TYR A 129 . ? 1_555 ? 
22 AC1 12 HOH C .   ? HOH A 215 . ? 1_555 ? 
23 AC1 12 HOH C .   ? HOH A 216 . ? 1_555 ? 
# 
loop_
_pdbx_validate_rmsd_angle.id 
_pdbx_validate_rmsd_angle.PDB_model_num 
_pdbx_validate_rmsd_angle.auth_atom_id_1 
_pdbx_validate_rmsd_angle.auth_asym_id_1 
_pdbx_validate_rmsd_angle.auth_comp_id_1 
_pdbx_validate_rmsd_angle.auth_seq_id_1 
_pdbx_validate_rmsd_angle.PDB_ins_code_1 
_pdbx_validate_rmsd_angle.label_alt_id_1 
_pdbx_validate_rmsd_angle.auth_atom_id_2 
_pdbx_validate_rmsd_angle.auth_asym_id_2 
_pdbx_validate_rmsd_angle.auth_comp_id_2 
_pdbx_validate_rmsd_angle.auth_seq_id_2 
_pdbx_validate_rmsd_angle.PDB_ins_code_2 
_pdbx_validate_rmsd_angle.label_alt_id_2 
_pdbx_validate_rmsd_angle.auth_atom_id_3 
_pdbx_validate_rmsd_angle.auth_asym_id_3 
_pdbx_validate_rmsd_angle.auth_comp_id_3 
_pdbx_validate_rmsd_angle.auth_seq_id_3 
_pdbx_validate_rmsd_angle.PDB_ins_code_3 
_pdbx_validate_rmsd_angle.label_alt_id_3 
_pdbx_validate_rmsd_angle.angle_value 
_pdbx_validate_rmsd_angle.angle_target_value 
_pdbx_validate_rmsd_angle.angle_deviation 
_pdbx_validate_rmsd_angle.angle_standard_deviation 
_pdbx_validate_rmsd_angle.linker_flag 
1  1 NE  A ARG 21  ? ? CZ A ARG 21  ? ? NH2 A ARG 21  ? ? 123.66 120.30 3.36   0.50 N 
2  1 CB  A SER 34  ? ? CA A SER 34  ? ? C   A SER 34  ? ? 123.97 110.10 13.87  1.90 N 
3  1 NE  A ARG 38  ? ? CZ A ARG 38  ? ? NH1 A ARG 38  ? ? 113.72 120.30 -6.58  0.50 N 
4  1 NE  A ARG 38  ? ? CZ A ARG 38  ? ? NH2 A ARG 38  ? ? 129.35 120.30 9.05   0.50 N 
5  1 CG  A ARG 59  ? ? CD A ARG 59  ? ? NE  A ARG 59  ? ? 124.84 111.80 13.04  2.10 N 
6  1 CD  A ARG 59  ? ? NE A ARG 59  ? ? CZ  A ARG 59  ? ? 147.63 123.60 24.03  1.40 N 
7  1 NE  A ARG 59  ? ? CZ A ARG 59  ? ? NH1 A ARG 59  ? ? 127.55 120.30 7.25   0.50 N 
8  1 NE  A ARG 59  ? ? CZ A ARG 59  ? ? NH2 A ARG 59  ? ? 116.60 120.30 -3.70  0.50 N 
9  1 CG  A GLU 63  ? ? CD A GLU 63  ? ? OE1 A GLU 63  ? ? 131.50 118.30 13.20  2.00 N 
10 1 CB  A SER 64  ? ? CA A SER 64  ? ? C   A SER 64  ? ? 98.62  110.10 -11.48 1.90 N 
11 1 NE  A ARG 75  ? ? CZ A ARG 75  ? ? NH2 A ARG 75  ? ? 111.64 120.30 -8.66  0.50 N 
12 1 CD  A ARG 82  ? ? NE A ARG 82  ? ? CZ  A ARG 82  ? ? 136.12 123.60 12.52  1.40 N 
13 1 CB  A SER 85  ? ? CA A SER 85  ? ? C   A SER 85  ? ? 121.56 110.10 11.46  1.90 N 
14 1 CB  A ASP 99  ? ? CG A ASP 99  ? ? OD2 A ASP 99  ? ? 105.31 118.30 -12.99 0.90 N 
15 1 CA  A LEU 104 ? ? CB A LEU 104 ? ? CG  A LEU 104 ? ? 130.38 115.30 15.08  2.30 N 
16 1 NE  A ARG 107 ? ? CZ A ARG 107 ? ? NH2 A ARG 107 ? ? 124.46 120.30 4.16   0.50 N 
17 1 CB  A ASP 139 ? ? CG A ASP 139 ? ? OD1 A ASP 139 ? ? 132.04 118.30 13.74  0.90 N 
18 1 CA  A LEU 158 ? ? CB A LEU 158 ? ? CG  A LEU 158 ? ? 132.00 115.30 16.70  2.30 N 
19 1 NE  A ARG 161 ? ? CZ A ARG 161 ? ? NH1 A ARG 161 ? ? 124.31 120.30 4.01   0.50 N 
20 1 NE  A ARG 161 ? ? CZ A ARG 161 ? ? NH2 A ARG 161 ? ? 114.02 120.30 -6.28  0.50 N 
21 1 CB  A ASP 162 ? ? CG A ASP 162 ? ? OD1 A ASP 162 ? ? 124.05 118.30 5.75   0.90 N 
22 1 CB  A ASP 162 ? ? CG A ASP 162 ? ? OD2 A ASP 162 ? ? 110.02 118.30 -8.28  0.90 N 
23 1 CB  A ASP 176 ? ? CG A ASP 176 ? ? OD1 A ASP 176 ? ? 125.08 118.30 6.78   0.90 N 
24 1 CB  A ASP 176 ? ? CG A ASP 176 ? ? OD2 A ASP 176 ? ? 110.85 118.30 -7.45  0.90 N 
25 1 N   A VAL 181 ? ? CA A VAL 181 ? ? CB  A VAL 181 ? ? 96.45  111.50 -15.05 2.20 N 
26 1 CB  A ASP 193 ? ? CG A ASP 193 ? ? OD2 A ASP 193 ? ? 108.83 118.30 -9.47  0.90 N 
27 1 CG  A ARG 204 ? ? CD A ARG 204 ? ? NE  A ARG 204 ? ? 125.58 111.80 13.78  2.10 N 
28 1 CD  A ARG 204 ? ? NE A ARG 204 ? ? CZ  A ARG 204 ? ? 136.45 123.60 12.85  1.40 N 
29 1 NH1 A ARG 204 ? ? CZ A ARG 204 ? ? NH2 A ARG 204 ? ? 112.49 119.40 -6.91  1.10 N 
30 1 NE  A ARG 204 ? ? CZ A ARG 204 ? ? NH2 A ARG 204 ? ? 127.44 120.30 7.14   0.50 N 
31 1 CB  A ASP 205 ? ? CG A ASP 205 ? ? OD1 A ASP 205 ? ? 112.57 118.30 -5.73  0.90 N 
# 
loop_
_pdbx_validate_torsion.id 
_pdbx_validate_torsion.PDB_model_num 
_pdbx_validate_torsion.auth_comp_id 
_pdbx_validate_torsion.auth_asym_id 
_pdbx_validate_torsion.auth_seq_id 
_pdbx_validate_torsion.PDB_ins_code 
_pdbx_validate_torsion.label_alt_id 
_pdbx_validate_torsion.phi 
_pdbx_validate_torsion.psi 
1 1 GLU A 84  ? ? -67.30  86.84  
2 1 TYR A 109 ? ? -110.87 61.90  
3 1 ASN A 118 ? ? -90.47  -85.05 
# 
loop_
_pdbx_unobs_or_zero_occ_residues.id 
_pdbx_unobs_or_zero_occ_residues.PDB_model_num 
_pdbx_unobs_or_zero_occ_residues.polymer_flag 
_pdbx_unobs_or_zero_occ_residues.occupancy_flag 
_pdbx_unobs_or_zero_occ_residues.auth_asym_id 
_pdbx_unobs_or_zero_occ_residues.auth_comp_id 
_pdbx_unobs_or_zero_occ_residues.auth_seq_id 
_pdbx_unobs_or_zero_occ_residues.PDB_ins_code 
_pdbx_unobs_or_zero_occ_residues.label_asym_id 
_pdbx_unobs_or_zero_occ_residues.label_comp_id 
_pdbx_unobs_or_zero_occ_residues.label_seq_id 
1 1 Y 1 A MET 1 ? A MET 1 
2 1 Y 1 A ASN 2 ? A ASN 2 
3 1 Y 1 A GLN 3 ? A GLN 3 
4 1 Y 1 A GLN 4 ? A GLN 4 
# 
loop_
_chem_comp_atom.comp_id 
_chem_comp_atom.atom_id 
_chem_comp_atom.type_symbol 
_chem_comp_atom.pdbx_aromatic_flag 
_chem_comp_atom.pdbx_stereo_config 
_chem_comp_atom.pdbx_ordinal 
ALA N    N N N 1   
ALA CA   C N S 2   
ALA C    C N N 3   
ALA O    O N N 4   
ALA CB   C N N 5   
ALA OXT  O N N 6   
ALA H    H N N 7   
ALA H2   H N N 8   
ALA HA   H N N 9   
ALA HB1  H N N 10  
ALA HB2  H N N 11  
ALA HB3  H N N 12  
ALA HXT  H N N 13  
ARG N    N N N 14  
ARG CA   C N S 15  
ARG C    C N N 16  
ARG O    O N N 17  
ARG CB   C N N 18  
ARG CG   C N N 19  
ARG CD   C N N 20  
ARG NE   N N N 21  
ARG CZ   C N N 22  
ARG NH1  N N N 23  
ARG NH2  N N N 24  
ARG OXT  O N N 25  
ARG H    H N N 26  
ARG H2   H N N 27  
ARG HA   H N N 28  
ARG HB2  H N N 29  
ARG HB3  H N N 30  
ARG HG2  H N N 31  
ARG HG3  H N N 32  
ARG HD2  H N N 33  
ARG HD3  H N N 34  
ARG HE   H N N 35  
ARG HH11 H N N 36  
ARG HH12 H N N 37  
ARG HH21 H N N 38  
ARG HH22 H N N 39  
ARG HXT  H N N 40  
ASN N    N N N 41  
ASN CA   C N S 42  
ASN C    C N N 43  
ASN O    O N N 44  
ASN CB   C N N 45  
ASN CG   C N N 46  
ASN OD1  O N N 47  
ASN ND2  N N N 48  
ASN OXT  O N N 49  
ASN H    H N N 50  
ASN H2   H N N 51  
ASN HA   H N N 52  
ASN HB2  H N N 53  
ASN HB3  H N N 54  
ASN HD21 H N N 55  
ASN HD22 H N N 56  
ASN HXT  H N N 57  
ASP N    N N N 58  
ASP CA   C N S 59  
ASP C    C N N 60  
ASP O    O N N 61  
ASP CB   C N N 62  
ASP CG   C N N 63  
ASP OD1  O N N 64  
ASP OD2  O N N 65  
ASP OXT  O N N 66  
ASP H    H N N 67  
ASP H2   H N N 68  
ASP HA   H N N 69  
ASP HB2  H N N 70  
ASP HB3  H N N 71  
ASP HD2  H N N 72  
ASP HXT  H N N 73  
CYS N    N N N 74  
CYS CA   C N R 75  
CYS C    C N N 76  
CYS O    O N N 77  
CYS CB   C N N 78  
CYS SG   S N N 79  
CYS OXT  O N N 80  
CYS H    H N N 81  
CYS H2   H N N 82  
CYS HA   H N N 83  
CYS HB2  H N N 84  
CYS HB3  H N N 85  
CYS HG   H N N 86  
CYS HXT  H N N 87  
FOL N1   N Y N 88  
FOL C2   C Y N 89  
FOL NA2  N N N 90  
FOL N3   N Y N 91  
FOL C4   C Y N 92  
FOL O4   O N N 93  
FOL C4A  C Y N 94  
FOL N5   N Y N 95  
FOL C6   C Y N 96  
FOL C7   C Y N 97  
FOL N8   N Y N 98  
FOL C8A  C Y N 99  
FOL C9   C N N 100 
FOL N10  N N N 101 
FOL C11  C Y N 102 
FOL C12  C Y N 103 
FOL C13  C Y N 104 
FOL C14  C Y N 105 
FOL C15  C Y N 106 
FOL C16  C Y N 107 
FOL C    C N N 108 
FOL O    O N N 109 
FOL N    N N N 110 
FOL CA   C N S 111 
FOL CB   C N N 112 
FOL CG   C N N 113 
FOL CD   C N N 114 
FOL OE1  O N N 115 
FOL OE2  O N N 116 
FOL CT   C N N 117 
FOL O1   O N N 118 
FOL O2   O N N 119 
FOL HN1  H N N 120 
FOL HN21 H N N 121 
FOL HN22 H N N 122 
FOL H7   H N N 123 
FOL H91  H N N 124 
FOL H92  H N N 125 
FOL HN0  H N N 126 
FOL H12  H N N 127 
FOL H13  H N N 128 
FOL H15  H N N 129 
FOL H16  H N N 130 
FOL HN   H N N 131 
FOL HA   H N N 132 
FOL HB1  H N N 133 
FOL HB2  H N N 134 
FOL HG1  H N N 135 
FOL HG2  H N N 136 
FOL HOE2 H N N 137 
FOL HO2  H N N 138 
GLN N    N N N 139 
GLN CA   C N S 140 
GLN C    C N N 141 
GLN O    O N N 142 
GLN CB   C N N 143 
GLN CG   C N N 144 
GLN CD   C N N 145 
GLN OE1  O N N 146 
GLN NE2  N N N 147 
GLN OXT  O N N 148 
GLN H    H N N 149 
GLN H2   H N N 150 
GLN HA   H N N 151 
GLN HB2  H N N 152 
GLN HB3  H N N 153 
GLN HG2  H N N 154 
GLN HG3  H N N 155 
GLN HE21 H N N 156 
GLN HE22 H N N 157 
GLN HXT  H N N 158 
GLU N    N N N 159 
GLU CA   C N S 160 
GLU C    C N N 161 
GLU O    O N N 162 
GLU CB   C N N 163 
GLU CG   C N N 164 
GLU CD   C N N 165 
GLU OE1  O N N 166 
GLU OE2  O N N 167 
GLU OXT  O N N 168 
GLU H    H N N 169 
GLU H2   H N N 170 
GLU HA   H N N 171 
GLU HB2  H N N 172 
GLU HB3  H N N 173 
GLU HG2  H N N 174 
GLU HG3  H N N 175 
GLU HE2  H N N 176 
GLU HXT  H N N 177 
GLY N    N N N 178 
GLY CA   C N N 179 
GLY C    C N N 180 
GLY O    O N N 181 
GLY OXT  O N N 182 
GLY H    H N N 183 
GLY H2   H N N 184 
GLY HA2  H N N 185 
GLY HA3  H N N 186 
GLY HXT  H N N 187 
HIS N    N N N 188 
HIS CA   C N S 189 
HIS C    C N N 190 
HIS O    O N N 191 
HIS CB   C N N 192 
HIS CG   C Y N 193 
HIS ND1  N Y N 194 
HIS CD2  C Y N 195 
HIS CE1  C Y N 196 
HIS NE2  N Y N 197 
HIS OXT  O N N 198 
HIS H    H N N 199 
HIS H2   H N N 200 
HIS HA   H N N 201 
HIS HB2  H N N 202 
HIS HB3  H N N 203 
HIS HD1  H N N 204 
HIS HD2  H N N 205 
HIS HE1  H N N 206 
HIS HE2  H N N 207 
HIS HXT  H N N 208 
HOH O    O N N 209 
HOH H1   H N N 210 
HOH H2   H N N 211 
ILE N    N N N 212 
ILE CA   C N S 213 
ILE C    C N N 214 
ILE O    O N N 215 
ILE CB   C N S 216 
ILE CG1  C N N 217 
ILE CG2  C N N 218 
ILE CD1  C N N 219 
ILE OXT  O N N 220 
ILE H    H N N 221 
ILE H2   H N N 222 
ILE HA   H N N 223 
ILE HB   H N N 224 
ILE HG12 H N N 225 
ILE HG13 H N N 226 
ILE HG21 H N N 227 
ILE HG22 H N N 228 
ILE HG23 H N N 229 
ILE HD11 H N N 230 
ILE HD12 H N N 231 
ILE HD13 H N N 232 
ILE HXT  H N N 233 
LEU N    N N N 234 
LEU CA   C N S 235 
LEU C    C N N 236 
LEU O    O N N 237 
LEU CB   C N N 238 
LEU CG   C N N 239 
LEU CD1  C N N 240 
LEU CD2  C N N 241 
LEU OXT  O N N 242 
LEU H    H N N 243 
LEU H2   H N N 244 
LEU HA   H N N 245 
LEU HB2  H N N 246 
LEU HB3  H N N 247 
LEU HG   H N N 248 
LEU HD11 H N N 249 
LEU HD12 H N N 250 
LEU HD13 H N N 251 
LEU HD21 H N N 252 
LEU HD22 H N N 253 
LEU HD23 H N N 254 
LEU HXT  H N N 255 
LYS N    N N N 256 
LYS CA   C N S 257 
LYS C    C N N 258 
LYS O    O N N 259 
LYS CB   C N N 260 
LYS CG   C N N 261 
LYS CD   C N N 262 
LYS CE   C N N 263 
LYS NZ   N N N 264 
LYS OXT  O N N 265 
LYS H    H N N 266 
LYS H2   H N N 267 
LYS HA   H N N 268 
LYS HB2  H N N 269 
LYS HB3  H N N 270 
LYS HG2  H N N 271 
LYS HG3  H N N 272 
LYS HD2  H N N 273 
LYS HD3  H N N 274 
LYS HE2  H N N 275 
LYS HE3  H N N 276 
LYS HZ1  H N N 277 
LYS HZ2  H N N 278 
LYS HZ3  H N N 279 
LYS HXT  H N N 280 
MET N    N N N 281 
MET CA   C N S 282 
MET C    C N N 283 
MET O    O N N 284 
MET CB   C N N 285 
MET CG   C N N 286 
MET SD   S N N 287 
MET CE   C N N 288 
MET OXT  O N N 289 
MET H    H N N 290 
MET H2   H N N 291 
MET HA   H N N 292 
MET HB2  H N N 293 
MET HB3  H N N 294 
MET HG2  H N N 295 
MET HG3  H N N 296 
MET HE1  H N N 297 
MET HE2  H N N 298 
MET HE3  H N N 299 
MET HXT  H N N 300 
PHE N    N N N 301 
PHE CA   C N S 302 
PHE C    C N N 303 
PHE O    O N N 304 
PHE CB   C N N 305 
PHE CG   C Y N 306 
PHE CD1  C Y N 307 
PHE CD2  C Y N 308 
PHE CE1  C Y N 309 
PHE CE2  C Y N 310 
PHE CZ   C Y N 311 
PHE OXT  O N N 312 
PHE H    H N N 313 
PHE H2   H N N 314 
PHE HA   H N N 315 
PHE HB2  H N N 316 
PHE HB3  H N N 317 
PHE HD1  H N N 318 
PHE HD2  H N N 319 
PHE HE1  H N N 320 
PHE HE2  H N N 321 
PHE HZ   H N N 322 
PHE HXT  H N N 323 
PRO N    N N N 324 
PRO CA   C N S 325 
PRO C    C N N 326 
PRO O    O N N 327 
PRO CB   C N N 328 
PRO CG   C N N 329 
PRO CD   C N N 330 
PRO OXT  O N N 331 
PRO H    H N N 332 
PRO HA   H N N 333 
PRO HB2  H N N 334 
PRO HB3  H N N 335 
PRO HG2  H N N 336 
PRO HG3  H N N 337 
PRO HD2  H N N 338 
PRO HD3  H N N 339 
PRO HXT  H N N 340 
SER N    N N N 341 
SER CA   C N S 342 
SER C    C N N 343 
SER O    O N N 344 
SER CB   C N N 345 
SER OG   O N N 346 
SER OXT  O N N 347 
SER H    H N N 348 
SER H2   H N N 349 
SER HA   H N N 350 
SER HB2  H N N 351 
SER HB3  H N N 352 
SER HG   H N N 353 
SER HXT  H N N 354 
THR N    N N N 355 
THR CA   C N S 356 
THR C    C N N 357 
THR O    O N N 358 
THR CB   C N R 359 
THR OG1  O N N 360 
THR CG2  C N N 361 
THR OXT  O N N 362 
THR H    H N N 363 
THR H2   H N N 364 
THR HA   H N N 365 
THR HB   H N N 366 
THR HG1  H N N 367 
THR HG21 H N N 368 
THR HG22 H N N 369 
THR HG23 H N N 370 
THR HXT  H N N 371 
TRP N    N N N 372 
TRP CA   C N S 373 
TRP C    C N N 374 
TRP O    O N N 375 
TRP CB   C N N 376 
TRP CG   C Y N 377 
TRP CD1  C Y N 378 
TRP CD2  C Y N 379 
TRP NE1  N Y N 380 
TRP CE2  C Y N 381 
TRP CE3  C Y N 382 
TRP CZ2  C Y N 383 
TRP CZ3  C Y N 384 
TRP CH2  C Y N 385 
TRP OXT  O N N 386 
TRP H    H N N 387 
TRP H2   H N N 388 
TRP HA   H N N 389 
TRP HB2  H N N 390 
TRP HB3  H N N 391 
TRP HD1  H N N 392 
TRP HE1  H N N 393 
TRP HE3  H N N 394 
TRP HZ2  H N N 395 
TRP HZ3  H N N 396 
TRP HH2  H N N 397 
TRP HXT  H N N 398 
TYR N    N N N 399 
TYR CA   C N S 400 
TYR C    C N N 401 
TYR O    O N N 402 
TYR CB   C N N 403 
TYR CG   C Y N 404 
TYR CD1  C Y N 405 
TYR CD2  C Y N 406 
TYR CE1  C Y N 407 
TYR CE2  C Y N 408 
TYR CZ   C Y N 409 
TYR OH   O N N 410 
TYR OXT  O N N 411 
TYR H    H N N 412 
TYR H2   H N N 413 
TYR HA   H N N 414 
TYR HB2  H N N 415 
TYR HB3  H N N 416 
TYR HD1  H N N 417 
TYR HD2  H N N 418 
TYR HE1  H N N 419 
TYR HE2  H N N 420 
TYR HH   H N N 421 
TYR HXT  H N N 422 
VAL N    N N N 423 
VAL CA   C N S 424 
VAL C    C N N 425 
VAL O    O N N 426 
VAL CB   C N N 427 
VAL CG1  C N N 428 
VAL CG2  C N N 429 
VAL OXT  O N N 430 
VAL H    H N N 431 
VAL H2   H N N 432 
VAL HA   H N N 433 
VAL HB   H N N 434 
VAL HG11 H N N 435 
VAL HG12 H N N 436 
VAL HG13 H N N 437 
VAL HG21 H N N 438 
VAL HG22 H N N 439 
VAL HG23 H N N 440 
VAL HXT  H N N 441 
# 
loop_
_chem_comp_bond.comp_id 
_chem_comp_bond.atom_id_1 
_chem_comp_bond.atom_id_2 
_chem_comp_bond.value_order 
_chem_comp_bond.pdbx_aromatic_flag 
_chem_comp_bond.pdbx_stereo_config 
_chem_comp_bond.pdbx_ordinal 
ALA N   CA   sing N N 1   
ALA N   H    sing N N 2   
ALA N   H2   sing N N 3   
ALA CA  C    sing N N 4   
ALA CA  CB   sing N N 5   
ALA CA  HA   sing N N 6   
ALA C   O    doub N N 7   
ALA C   OXT  sing N N 8   
ALA CB  HB1  sing N N 9   
ALA CB  HB2  sing N N 10  
ALA CB  HB3  sing N N 11  
ALA OXT HXT  sing N N 12  
ARG N   CA   sing N N 13  
ARG N   H    sing N N 14  
ARG N   H2   sing N N 15  
ARG CA  C    sing N N 16  
ARG CA  CB   sing N N 17  
ARG CA  HA   sing N N 18  
ARG C   O    doub N N 19  
ARG C   OXT  sing N N 20  
ARG CB  CG   sing N N 21  
ARG CB  HB2  sing N N 22  
ARG CB  HB3  sing N N 23  
ARG CG  CD   sing N N 24  
ARG CG  HG2  sing N N 25  
ARG CG  HG3  sing N N 26  
ARG CD  NE   sing N N 27  
ARG CD  HD2  sing N N 28  
ARG CD  HD3  sing N N 29  
ARG NE  CZ   sing N N 30  
ARG NE  HE   sing N N 31  
ARG CZ  NH1  sing N N 32  
ARG CZ  NH2  doub N N 33  
ARG NH1 HH11 sing N N 34  
ARG NH1 HH12 sing N N 35  
ARG NH2 HH21 sing N N 36  
ARG NH2 HH22 sing N N 37  
ARG OXT HXT  sing N N 38  
ASN N   CA   sing N N 39  
ASN N   H    sing N N 40  
ASN N   H2   sing N N 41  
ASN CA  C    sing N N 42  
ASN CA  CB   sing N N 43  
ASN CA  HA   sing N N 44  
ASN C   O    doub N N 45  
ASN C   OXT  sing N N 46  
ASN CB  CG   sing N N 47  
ASN CB  HB2  sing N N 48  
ASN CB  HB3  sing N N 49  
ASN CG  OD1  doub N N 50  
ASN CG  ND2  sing N N 51  
ASN ND2 HD21 sing N N 52  
ASN ND2 HD22 sing N N 53  
ASN OXT HXT  sing N N 54  
ASP N   CA   sing N N 55  
ASP N   H    sing N N 56  
ASP N   H2   sing N N 57  
ASP CA  C    sing N N 58  
ASP CA  CB   sing N N 59  
ASP CA  HA   sing N N 60  
ASP C   O    doub N N 61  
ASP C   OXT  sing N N 62  
ASP CB  CG   sing N N 63  
ASP CB  HB2  sing N N 64  
ASP CB  HB3  sing N N 65  
ASP CG  OD1  doub N N 66  
ASP CG  OD2  sing N N 67  
ASP OD2 HD2  sing N N 68  
ASP OXT HXT  sing N N 69  
CYS N   CA   sing N N 70  
CYS N   H    sing N N 71  
CYS N   H2   sing N N 72  
CYS CA  C    sing N N 73  
CYS CA  CB   sing N N 74  
CYS CA  HA   sing N N 75  
CYS C   O    doub N N 76  
CYS C   OXT  sing N N 77  
CYS CB  SG   sing N N 78  
CYS CB  HB2  sing N N 79  
CYS CB  HB3  sing N N 80  
CYS SG  HG   sing N N 81  
CYS OXT HXT  sing N N 82  
FOL N1  C2   sing Y N 83  
FOL N1  C8A  sing Y N 84  
FOL N1  HN1  sing N N 85  
FOL C2  NA2  sing N N 86  
FOL C2  N3   doub Y N 87  
FOL NA2 HN21 sing N N 88  
FOL NA2 HN22 sing N N 89  
FOL N3  C4   sing Y N 90  
FOL C4  O4   doub N N 91  
FOL C4  C4A  sing Y N 92  
FOL C4A N5   sing Y N 93  
FOL C4A C8A  doub Y N 94  
FOL N5  C6   doub Y N 95  
FOL C6  C7   sing Y N 96  
FOL C6  C9   sing N N 97  
FOL C7  N8   doub Y N 98  
FOL C7  H7   sing N N 99  
FOL N8  C8A  sing Y N 100 
FOL C9  N10  sing N N 101 
FOL C9  H91  sing N N 102 
FOL C9  H92  sing N N 103 
FOL N10 C14  sing N N 104 
FOL N10 HN0  sing N N 105 
FOL C11 C12  doub Y N 106 
FOL C11 C16  sing Y N 107 
FOL C11 C    sing N N 108 
FOL C12 C13  sing Y N 109 
FOL C12 H12  sing N N 110 
FOL C13 C14  doub Y N 111 
FOL C13 H13  sing N N 112 
FOL C14 C15  sing Y N 113 
FOL C15 C16  doub Y N 114 
FOL C15 H15  sing N N 115 
FOL C16 H16  sing N N 116 
FOL C   O    doub N N 117 
FOL C   N    sing N N 118 
FOL N   CA   sing N N 119 
FOL N   HN   sing N N 120 
FOL CA  CB   sing N N 121 
FOL CA  CT   sing N N 122 
FOL CA  HA   sing N N 123 
FOL CB  CG   sing N N 124 
FOL CB  HB1  sing N N 125 
FOL CB  HB2  sing N N 126 
FOL CG  CD   sing N N 127 
FOL CG  HG1  sing N N 128 
FOL CG  HG2  sing N N 129 
FOL CD  OE1  doub N N 130 
FOL CD  OE2  sing N N 131 
FOL OE2 HOE2 sing N N 132 
FOL CT  O1   doub N N 133 
FOL CT  O2   sing N N 134 
FOL O2  HO2  sing N N 135 
GLN N   CA   sing N N 136 
GLN N   H    sing N N 137 
GLN N   H2   sing N N 138 
GLN CA  C    sing N N 139 
GLN CA  CB   sing N N 140 
GLN CA  HA   sing N N 141 
GLN C   O    doub N N 142 
GLN C   OXT  sing N N 143 
GLN CB  CG   sing N N 144 
GLN CB  HB2  sing N N 145 
GLN CB  HB3  sing N N 146 
GLN CG  CD   sing N N 147 
GLN CG  HG2  sing N N 148 
GLN CG  HG3  sing N N 149 
GLN CD  OE1  doub N N 150 
GLN CD  NE2  sing N N 151 
GLN NE2 HE21 sing N N 152 
GLN NE2 HE22 sing N N 153 
GLN OXT HXT  sing N N 154 
GLU N   CA   sing N N 155 
GLU N   H    sing N N 156 
GLU N   H2   sing N N 157 
GLU CA  C    sing N N 158 
GLU CA  CB   sing N N 159 
GLU CA  HA   sing N N 160 
GLU C   O    doub N N 161 
GLU C   OXT  sing N N 162 
GLU CB  CG   sing N N 163 
GLU CB  HB2  sing N N 164 
GLU CB  HB3  sing N N 165 
GLU CG  CD   sing N N 166 
GLU CG  HG2  sing N N 167 
GLU CG  HG3  sing N N 168 
GLU CD  OE1  doub N N 169 
GLU CD  OE2  sing N N 170 
GLU OE2 HE2  sing N N 171 
GLU OXT HXT  sing N N 172 
GLY N   CA   sing N N 173 
GLY N   H    sing N N 174 
GLY N   H2   sing N N 175 
GLY CA  C    sing N N 176 
GLY CA  HA2  sing N N 177 
GLY CA  HA3  sing N N 178 
GLY C   O    doub N N 179 
GLY C   OXT  sing N N 180 
GLY OXT HXT  sing N N 181 
HIS N   CA   sing N N 182 
HIS N   H    sing N N 183 
HIS N   H2   sing N N 184 
HIS CA  C    sing N N 185 
HIS CA  CB   sing N N 186 
HIS CA  HA   sing N N 187 
HIS C   O    doub N N 188 
HIS C   OXT  sing N N 189 
HIS CB  CG   sing N N 190 
HIS CB  HB2  sing N N 191 
HIS CB  HB3  sing N N 192 
HIS CG  ND1  sing Y N 193 
HIS CG  CD2  doub Y N 194 
HIS ND1 CE1  doub Y N 195 
HIS ND1 HD1  sing N N 196 
HIS CD2 NE2  sing Y N 197 
HIS CD2 HD2  sing N N 198 
HIS CE1 NE2  sing Y N 199 
HIS CE1 HE1  sing N N 200 
HIS NE2 HE2  sing N N 201 
HIS OXT HXT  sing N N 202 
HOH O   H1   sing N N 203 
HOH O   H2   sing N N 204 
ILE N   CA   sing N N 205 
ILE N   H    sing N N 206 
ILE N   H2   sing N N 207 
ILE CA  C    sing N N 208 
ILE CA  CB   sing N N 209 
ILE CA  HA   sing N N 210 
ILE C   O    doub N N 211 
ILE C   OXT  sing N N 212 
ILE CB  CG1  sing N N 213 
ILE CB  CG2  sing N N 214 
ILE CB  HB   sing N N 215 
ILE CG1 CD1  sing N N 216 
ILE CG1 HG12 sing N N 217 
ILE CG1 HG13 sing N N 218 
ILE CG2 HG21 sing N N 219 
ILE CG2 HG22 sing N N 220 
ILE CG2 HG23 sing N N 221 
ILE CD1 HD11 sing N N 222 
ILE CD1 HD12 sing N N 223 
ILE CD1 HD13 sing N N 224 
ILE OXT HXT  sing N N 225 
LEU N   CA   sing N N 226 
LEU N   H    sing N N 227 
LEU N   H2   sing N N 228 
LEU CA  C    sing N N 229 
LEU CA  CB   sing N N 230 
LEU CA  HA   sing N N 231 
LEU C   O    doub N N 232 
LEU C   OXT  sing N N 233 
LEU CB  CG   sing N N 234 
LEU CB  HB2  sing N N 235 
LEU CB  HB3  sing N N 236 
LEU CG  CD1  sing N N 237 
LEU CG  CD2  sing N N 238 
LEU CG  HG   sing N N 239 
LEU CD1 HD11 sing N N 240 
LEU CD1 HD12 sing N N 241 
LEU CD1 HD13 sing N N 242 
LEU CD2 HD21 sing N N 243 
LEU CD2 HD22 sing N N 244 
LEU CD2 HD23 sing N N 245 
LEU OXT HXT  sing N N 246 
LYS N   CA   sing N N 247 
LYS N   H    sing N N 248 
LYS N   H2   sing N N 249 
LYS CA  C    sing N N 250 
LYS CA  CB   sing N N 251 
LYS CA  HA   sing N N 252 
LYS C   O    doub N N 253 
LYS C   OXT  sing N N 254 
LYS CB  CG   sing N N 255 
LYS CB  HB2  sing N N 256 
LYS CB  HB3  sing N N 257 
LYS CG  CD   sing N N 258 
LYS CG  HG2  sing N N 259 
LYS CG  HG3  sing N N 260 
LYS CD  CE   sing N N 261 
LYS CD  HD2  sing N N 262 
LYS CD  HD3  sing N N 263 
LYS CE  NZ   sing N N 264 
LYS CE  HE2  sing N N 265 
LYS CE  HE3  sing N N 266 
LYS NZ  HZ1  sing N N 267 
LYS NZ  HZ2  sing N N 268 
LYS NZ  HZ3  sing N N 269 
LYS OXT HXT  sing N N 270 
MET N   CA   sing N N 271 
MET N   H    sing N N 272 
MET N   H2   sing N N 273 
MET CA  C    sing N N 274 
MET CA  CB   sing N N 275 
MET CA  HA   sing N N 276 
MET C   O    doub N N 277 
MET C   OXT  sing N N 278 
MET CB  CG   sing N N 279 
MET CB  HB2  sing N N 280 
MET CB  HB3  sing N N 281 
MET CG  SD   sing N N 282 
MET CG  HG2  sing N N 283 
MET CG  HG3  sing N N 284 
MET SD  CE   sing N N 285 
MET CE  HE1  sing N N 286 
MET CE  HE2  sing N N 287 
MET CE  HE3  sing N N 288 
MET OXT HXT  sing N N 289 
PHE N   CA   sing N N 290 
PHE N   H    sing N N 291 
PHE N   H2   sing N N 292 
PHE CA  C    sing N N 293 
PHE CA  CB   sing N N 294 
PHE CA  HA   sing N N 295 
PHE C   O    doub N N 296 
PHE C   OXT  sing N N 297 
PHE CB  CG   sing N N 298 
PHE CB  HB2  sing N N 299 
PHE CB  HB3  sing N N 300 
PHE CG  CD1  doub Y N 301 
PHE CG  CD2  sing Y N 302 
PHE CD1 CE1  sing Y N 303 
PHE CD1 HD1  sing N N 304 
PHE CD2 CE2  doub Y N 305 
PHE CD2 HD2  sing N N 306 
PHE CE1 CZ   doub Y N 307 
PHE CE1 HE1  sing N N 308 
PHE CE2 CZ   sing Y N 309 
PHE CE2 HE2  sing N N 310 
PHE CZ  HZ   sing N N 311 
PHE OXT HXT  sing N N 312 
PRO N   CA   sing N N 313 
PRO N   CD   sing N N 314 
PRO N   H    sing N N 315 
PRO CA  C    sing N N 316 
PRO CA  CB   sing N N 317 
PRO CA  HA   sing N N 318 
PRO C   O    doub N N 319 
PRO C   OXT  sing N N 320 
PRO CB  CG   sing N N 321 
PRO CB  HB2  sing N N 322 
PRO CB  HB3  sing N N 323 
PRO CG  CD   sing N N 324 
PRO CG  HG2  sing N N 325 
PRO CG  HG3  sing N N 326 
PRO CD  HD2  sing N N 327 
PRO CD  HD3  sing N N 328 
PRO OXT HXT  sing N N 329 
SER N   CA   sing N N 330 
SER N   H    sing N N 331 
SER N   H2   sing N N 332 
SER CA  C    sing N N 333 
SER CA  CB   sing N N 334 
SER CA  HA   sing N N 335 
SER C   O    doub N N 336 
SER C   OXT  sing N N 337 
SER CB  OG   sing N N 338 
SER CB  HB2  sing N N 339 
SER CB  HB3  sing N N 340 
SER OG  HG   sing N N 341 
SER OXT HXT  sing N N 342 
THR N   CA   sing N N 343 
THR N   H    sing N N 344 
THR N   H2   sing N N 345 
THR CA  C    sing N N 346 
THR CA  CB   sing N N 347 
THR CA  HA   sing N N 348 
THR C   O    doub N N 349 
THR C   OXT  sing N N 350 
THR CB  OG1  sing N N 351 
THR CB  CG2  sing N N 352 
THR CB  HB   sing N N 353 
THR OG1 HG1  sing N N 354 
THR CG2 HG21 sing N N 355 
THR CG2 HG22 sing N N 356 
THR CG2 HG23 sing N N 357 
THR OXT HXT  sing N N 358 
TRP N   CA   sing N N 359 
TRP N   H    sing N N 360 
TRP N   H2   sing N N 361 
TRP CA  C    sing N N 362 
TRP CA  CB   sing N N 363 
TRP CA  HA   sing N N 364 
TRP C   O    doub N N 365 
TRP C   OXT  sing N N 366 
TRP CB  CG   sing N N 367 
TRP CB  HB2  sing N N 368 
TRP CB  HB3  sing N N 369 
TRP CG  CD1  doub Y N 370 
TRP CG  CD2  sing Y N 371 
TRP CD1 NE1  sing Y N 372 
TRP CD1 HD1  sing N N 373 
TRP CD2 CE2  doub Y N 374 
TRP CD2 CE3  sing Y N 375 
TRP NE1 CE2  sing Y N 376 
TRP NE1 HE1  sing N N 377 
TRP CE2 CZ2  sing Y N 378 
TRP CE3 CZ3  doub Y N 379 
TRP CE3 HE3  sing N N 380 
TRP CZ2 CH2  doub Y N 381 
TRP CZ2 HZ2  sing N N 382 
TRP CZ3 CH2  sing Y N 383 
TRP CZ3 HZ3  sing N N 384 
TRP CH2 HH2  sing N N 385 
TRP OXT HXT  sing N N 386 
TYR N   CA   sing N N 387 
TYR N   H    sing N N 388 
TYR N   H2   sing N N 389 
TYR CA  C    sing N N 390 
TYR CA  CB   sing N N 391 
TYR CA  HA   sing N N 392 
TYR C   O    doub N N 393 
TYR C   OXT  sing N N 394 
TYR CB  CG   sing N N 395 
TYR CB  HB2  sing N N 396 
TYR CB  HB3  sing N N 397 
TYR CG  CD1  doub Y N 398 
TYR CG  CD2  sing Y N 399 
TYR CD1 CE1  sing Y N 400 
TYR CD1 HD1  sing N N 401 
TYR CD2 CE2  doub Y N 402 
TYR CD2 HD2  sing N N 403 
TYR CE1 CZ   doub Y N 404 
TYR CE1 HE1  sing N N 405 
TYR CE2 CZ   sing Y N 406 
TYR CE2 HE2  sing N N 407 
TYR CZ  OH   sing N N 408 
TYR OH  HH   sing N N 409 
TYR OXT HXT  sing N N 410 
VAL N   CA   sing N N 411 
VAL N   H    sing N N 412 
VAL N   H2   sing N N 413 
VAL CA  C    sing N N 414 
VAL CA  CB   sing N N 415 
VAL CA  HA   sing N N 416 
VAL C   O    doub N N 417 
VAL C   OXT  sing N N 418 
VAL CB  CG1  sing N N 419 
VAL CB  CG2  sing N N 420 
VAL CB  HB   sing N N 421 
VAL CG1 HG11 sing N N 422 
VAL CG1 HG12 sing N N 423 
VAL CG1 HG13 sing N N 424 
VAL CG2 HG21 sing N N 425 
VAL CG2 HG22 sing N N 426 
VAL CG2 HG23 sing N N 427 
VAL OXT HXT  sing N N 428 
# 
_atom_sites.entry_id                    4CD2 
_atom_sites.fract_transf_matrix[1][1]   0.00244124 
_atom_sites.fract_transf_matrix[1][2]   -0.02487362 
_atom_sites.fract_transf_matrix[1][3]   0.00812937 
_atom_sites.fract_transf_matrix[2][1]   -0.01049169 
_atom_sites.fract_transf_matrix[2][2]   -0.00477617 
_atom_sites.fract_transf_matrix[2][3]   -0.01146310 
_atom_sites.fract_transf_matrix[3][1]   0.00885054 
_atom_sites.fract_transf_matrix[3][2]   -0.00156563 
_atom_sites.fract_transf_matrix[3][3]   -0.00744820 
_atom_sites.fract_transf_vector[1]      0.347146 
_atom_sites.fract_transf_vector[2]      0.990937 
_atom_sites.fract_transf_vector[3]      0.394954 
# 
loop_
_atom_type.symbol 
C 
N 
O 
S 
# 
loop_
_atom_site.group_PDB 
_atom_site.id 
_atom_site.type_symbol 
_atom_site.label_atom_id 
_atom_site.label_alt_id 
_atom_site.label_comp_id 
_atom_site.label_asym_id 
_atom_site.label_entity_id 
_atom_site.label_seq_id 
_atom_site.pdbx_PDB_ins_code 
_atom_site.Cartn_x 
_atom_site.Cartn_y 
_atom_site.Cartn_z 
_atom_site.occupancy 
_atom_site.B_iso_or_equiv 
_atom_site.pdbx_formal_charge 
_atom_site.auth_seq_id 
_atom_site.auth_comp_id 
_atom_site.auth_asym_id 
_atom_site.auth_atom_id 
_atom_site.pdbx_PDB_model_num 
ATOM   1    N N   . LYS A 1 5   ? 1.217   -15.046 -6.000  1.00 31.50 ? 5   LYS A N   1 
ATOM   2    C CA  . LYS A 1 5   ? 0.551   -14.540 -4.790  1.00 29.19 ? 5   LYS A CA  1 
ATOM   3    C C   . LYS A 1 5   ? -0.452  -13.389 -4.959  1.00 25.29 ? 5   LYS A C   1 
ATOM   4    O O   . LYS A 1 5   ? -0.588  -12.761 -5.983  1.00 24.49 ? 5   LYS A O   1 
ATOM   5    C CB  . LYS A 1 5   ? 1.627   -14.190 -3.799  1.00 29.57 ? 5   LYS A CB  1 
ATOM   6    C CG  . LYS A 1 5   ? 2.734   -13.212 -4.022  1.00 30.30 ? 5   LYS A CG  1 
ATOM   7    C CD  . LYS A 1 5   ? 3.711   -13.270 -2.809  1.00 30.75 ? 5   LYS A CD  1 
ATOM   8    C CE  . LYS A 1 5   ? 4.016   -14.695 -2.447  1.00 30.40 ? 5   LYS A CE  1 
ATOM   9    N NZ  . LYS A 1 5   ? 4.231   -14.943 -0.998  1.00 31.41 ? 5   LYS A NZ  1 
ATOM   10   N N   . SER A 1 6   ? -1.210  -13.104 -3.904  1.00 23.65 ? 6   SER A N   1 
ATOM   11   C CA  . SER A 1 6   ? -2.195  -12.033 -3.861  1.00 21.61 ? 6   SER A CA  1 
ATOM   12   C C   . SER A 1 6   ? -1.454  -10.694 -3.701  1.00 18.82 ? 6   SER A C   1 
ATOM   13   O O   . SER A 1 6   ? -0.339  -10.636 -3.189  1.00 15.94 ? 6   SER A O   1 
ATOM   14   C CB  . SER A 1 6   ? -3.141  -12.084 -2.667  1.00 22.28 ? 6   SER A CB  1 
ATOM   15   O OG  . SER A 1 6   ? -3.471  -13.407 -2.436  1.00 25.78 ? 6   SER A OG  1 
ATOM   16   N N   . LEU A 1 7   ? -2.181  -9.688  -4.144  1.00 16.05 ? 7   LEU A N   1 
ATOM   17   C CA  . LEU A 1 7   ? -1.735  -8.303  -4.041  1.00 15.32 ? 7   LEU A CA  1 
ATOM   18   C C   . LEU A 1 7   ? -2.569  -7.650  -2.914  1.00 15.64 ? 7   LEU A C   1 
ATOM   19   O O   . LEU A 1 7   ? -3.779  -7.995  -2.818  1.00 16.14 ? 7   LEU A O   1 
ATOM   20   C CB  . LEU A 1 7   ? -2.048  -7.557  -5.321  1.00 17.00 ? 7   LEU A CB  1 
ATOM   21   C CG  . LEU A 1 7   ? -1.323  -8.034  -6.611  1.00 17.86 ? 7   LEU A CG  1 
ATOM   22   C CD1 . LEU A 1 7   ? -1.634  -7.032  -7.691  1.00 16.15 ? 7   LEU A CD1 1 
ATOM   23   C CD2 . LEU A 1 7   ? 0.156   -8.213  -6.306  1.00 17.98 ? 7   LEU A CD2 1 
ATOM   24   N N   . THR A 1 8   ? -1.954  -6.806  -2.099  1.00 13.78 ? 8   THR A N   1 
ATOM   25   C CA  . THR A 1 8   ? -2.683  -6.054  -1.071  1.00 11.07 ? 8   THR A CA  1 
ATOM   26   C C   . THR A 1 8   ? -2.548  -4.595  -1.411  1.00 12.41 ? 8   THR A C   1 
ATOM   27   O O   . THR A 1 8   ? -1.386  -4.222  -1.735  1.00 13.56 ? 8   THR A O   1 
ATOM   28   C CB  . THR A 1 8   ? -2.122  -6.220  0.394   1.00 11.11 ? 8   THR A CB  1 
ATOM   29   O OG1 . THR A 1 8   ? -2.236  -7.643  0.607   1.00 11.20 ? 8   THR A OG1 1 
ATOM   30   C CG2 . THR A 1 8   ? -2.884  -5.458  1.484   1.00 9.85  ? 8   THR A CG2 1 
ATOM   31   N N   . LEU A 1 9   ? -3.518  -3.736  -1.270  1.00 11.14 ? 9   LEU A N   1 
ATOM   32   C CA  . LEU A 1 9   ? -3.390  -2.287  -1.546  1.00 12.58 ? 9   LEU A CA  1 
ATOM   33   C C   . LEU A 1 9   ? -3.445  -1.576  -0.191  1.00 12.10 ? 9   LEU A C   1 
ATOM   34   O O   . LEU A 1 9   ? -4.185  -2.039  0.674   1.00 12.00 ? 9   LEU A O   1 
ATOM   35   C CB  . LEU A 1 9   ? -4.514  -2.012  -2.517  1.00 14.54 ? 9   LEU A CB  1 
ATOM   36   C CG  . LEU A 1 9   ? -4.985  -0.706  -3.044  1.00 14.93 ? 9   LEU A CG  1 
ATOM   37   C CD1 . LEU A 1 9   ? -6.144  -1.092  -3.921  1.00 17.45 ? 9   LEU A CD1 1 
ATOM   38   C CD2 . LEU A 1 9   ? -5.370  0.235   -1.888  1.00 14.08 ? 9   LEU A CD2 1 
ATOM   39   N N   . ILE A 1 10  ? -2.654  -0.528  -0.025  1.00 11.81 ? 10  ILE A N   1 
ATOM   40   C CA  . ILE A 1 10  ? -2.645  0.183   1.291   1.00 10.19 ? 10  ILE A CA  1 
ATOM   41   C C   . ILE A 1 10  ? -2.852  1.635   0.893   1.00 8.22  ? 10  ILE A C   1 
ATOM   42   O O   . ILE A 1 10  ? -2.241  2.114   -0.077  1.00 9.58  ? 10  ILE A O   1 
ATOM   43   C CB  . ILE A 1 10  ? -1.406  -0.105  2.191   1.00 10.03 ? 10  ILE A CB  1 
ATOM   44   C CG1 . ILE A 1 10  ? -1.443  0.705   3.491   1.00 9.43  ? 10  ILE A CG1 1 
ATOM   45   C CG2 . ILE A 1 10  ? -0.080  0.226   1.502   1.00 4.89  ? 10  ILE A CG2 1 
ATOM   46   C CD1 . ILE A 1 10  ? -0.639  0.068   4.623   1.00 11.10 ? 10  ILE A CD1 1 
ATOM   47   N N   . VAL A 1 11  ? -3.744  2.270   1.614   1.00 7.42  ? 11  VAL A N   1 
ATOM   48   C CA  . VAL A 1 11  ? -4.149  3.642   1.314   1.00 8.54  ? 11  VAL A CA  1 
ATOM   49   C C   . VAL A 1 11  ? -4.768  4.306   2.558   1.00 8.63  ? 11  VAL A C   1 
ATOM   50   O O   . VAL A 1 11  ? -5.360  3.638   3.413   1.00 11.99 ? 11  VAL A O   1 
ATOM   51   C CB  . VAL A 1 11  ? -5.182  3.585   0.168   1.00 7.74  ? 11  VAL A CB  1 
ATOM   52   C CG1 . VAL A 1 11  ? -6.462  2.824   0.543   1.00 8.65  ? 11  VAL A CG1 1 
ATOM   53   C CG2 . VAL A 1 11  ? -5.642  4.960   -0.310  1.00 7.48  ? 11  VAL A CG2 1 
ATOM   54   N N   . ALA A 1 12  ? -4.574  5.609   2.626   1.00 10.22 ? 12  ALA A N   1 
ATOM   55   C CA  . ALA A 1 12  ? -5.179  6.491   3.651   1.00 12.22 ? 12  ALA A CA  1 
ATOM   56   C C   . ALA A 1 12  ? -6.082  7.398   2.839   1.00 13.18 ? 12  ALA A C   1 
ATOM   57   O O   . ALA A 1 12  ? -5.618  8.120   1.979   1.00 14.37 ? 12  ALA A O   1 
ATOM   58   C CB  . ALA A 1 12  ? -4.082  7.254   4.394   1.00 13.80 ? 12  ALA A CB  1 
ATOM   59   N N   . LEU A 1 13  ? -7.430  7.348   3.022   1.00 14.68 ? 13  LEU A N   1 
ATOM   60   C CA  . LEU A 1 13  ? -8.351  8.158   2.219   1.00 14.78 ? 13  LEU A CA  1 
ATOM   61   C C   . LEU A 1 13  ? -9.448  8.823   3.089   1.00 13.87 ? 13  LEU A C   1 
ATOM   62   O O   . LEU A 1 13  ? -9.700  8.333   4.157   1.00 11.59 ? 13  LEU A O   1 
ATOM   63   C CB  . LEU A 1 13  ? -8.983  7.290   1.109   1.00 15.13 ? 13  LEU A CB  1 
ATOM   64   C CG  . LEU A 1 13  ? -10.000 6.242   1.497   1.00 18.04 ? 13  LEU A CG  1 
ATOM   65   C CD1 . LEU A 1 13  ? -10.630 5.576   0.270   1.00 19.93 ? 13  LEU A CD1 1 
ATOM   66   C CD2 . LEU A 1 13  ? -9.378  5.086   2.276   1.00 18.63 ? 13  LEU A CD2 1 
ATOM   67   N N   . THR A 1 14  ? -10.006 9.906   2.526   1.00 14.35 ? 14  THR A N   1 
ATOM   68   C CA  . THR A 1 14  ? -11.077 10.501  3.396   1.00 15.61 ? 14  THR A CA  1 
ATOM   69   C C   . THR A 1 14  ? -12.383 9.773   3.113   1.00 14.48 ? 14  THR A C   1 
ATOM   70   O O   . THR A 1 14  ? -12.524 8.832   2.309   1.00 12.85 ? 14  THR A O   1 
ATOM   71   C CB  . THR A 1 14  ? -11.328 12.020  3.185   1.00 16.09 ? 14  THR A CB  1 
ATOM   72   O OG1 . THR A 1 14  ? -11.920 12.025  1.837   1.00 18.01 ? 14  THR A OG1 1 
ATOM   73   C CG2 . THR A 1 14  ? -10.129 12.915  3.373   1.00 18.44 ? 14  THR A CG2 1 
ATOM   74   N N   . THR A 1 15  ? -13.387 10.211  3.906   1.00 15.98 ? 15  THR A N   1 
ATOM   75   C CA  . THR A 1 15  ? -14.746 9.646   3.801   1.00 16.72 ? 15  THR A CA  1 
ATOM   76   C C   . THR A 1 15  ? -15.244 9.808   2.387   1.00 16.64 ? 15  THR A C   1 
ATOM   77   O O   . THR A 1 15  ? -15.959 8.902   1.877   1.00 21.26 ? 15  THR A O   1 
ATOM   78   C CB  . THR A 1 15  ? -15.752 10.159  4.939   1.00 17.64 ? 15  THR A CB  1 
ATOM   79   O OG1 . THR A 1 15  ? -15.552 11.547  5.162   1.00 20.64 ? 15  THR A OG1 1 
ATOM   80   C CG2 . THR A 1 15  ? -15.553 9.430   6.269   1.00 18.57 ? 15  THR A CG2 1 
ATOM   81   N N   . SER A 1 16  ? -14.902 10.887  1.716   1.00 15.82 ? 16  SER A N   1 
ATOM   82   C CA  . SER A 1 16  ? -15.325 11.116  0.347   1.00 16.83 ? 16  SER A CA  1 
ATOM   83   C C   . SER A 1 16  ? -14.347 10.510  -0.650  1.00 15.56 ? 16  SER A C   1 
ATOM   84   O O   . SER A 1 16  ? -14.407 10.901  -1.809  1.00 16.22 ? 16  SER A O   1 
ATOM   85   C CB  . SER A 1 16  ? -15.563 12.616  0.072   1.00 19.88 ? 16  SER A CB  1 
ATOM   86   O OG  . SER A 1 16  ? -14.598 13.301  0.894   1.00 25.38 ? 16  SER A OG  1 
ATOM   87   N N   . TYR A 1 17  ? -13.490 9.629   -0.179  1.00 16.09 ? 17  TYR A N   1 
ATOM   88   C CA  . TYR A 1 17  ? -12.519 8.912   -1.036  1.00 16.22 ? 17  TYR A CA  1 
ATOM   89   C C   . TYR A 1 17  ? -11.367 9.711   -1.591  1.00 17.38 ? 17  TYR A C   1 
ATOM   90   O O   . TYR A 1 17  ? -10.645 9.367   -2.545  1.00 18.30 ? 17  TYR A O   1 
ATOM   91   C CB  . TYR A 1 17  ? -13.285 8.245   -2.206  1.00 13.14 ? 17  TYR A CB  1 
ATOM   92   C CG  . TYR A 1 17  ? -14.134 7.096   -1.743  1.00 11.30 ? 17  TYR A CG  1 
ATOM   93   C CD1 . TYR A 1 17  ? -13.620 5.847   -1.501  1.00 10.47 ? 17  TYR A CD1 1 
ATOM   94   C CD2 . TYR A 1 17  ? -15.528 7.276   -1.546  1.00 12.14 ? 17  TYR A CD2 1 
ATOM   95   C CE1 . TYR A 1 17  ? -14.387 4.791   -1.054  1.00 10.56 ? 17  TYR A CE1 1 
ATOM   96   C CE2 . TYR A 1 17  ? -16.332 6.224   -1.128  1.00 11.90 ? 17  TYR A CE2 1 
ATOM   97   C CZ  . TYR A 1 17  ? -15.776 5.008   -0.860  1.00 10.09 ? 17  TYR A CZ  1 
ATOM   98   O OH  . TYR A 1 17  ? -16.547 3.980   -0.506  1.00 14.17 ? 17  TYR A OH  1 
ATOM   99   N N   . GLY A 1 18  ? -11.150 10.875  -0.989  1.00 19.33 ? 18  GLY A N   1 
ATOM   100  C CA  . GLY A 1 18  ? -10.101 11.791  -1.326  1.00 17.97 ? 18  GLY A CA  1 
ATOM   101  C C   . GLY A 1 18  ? -8.803  11.126  -0.829  1.00 21.53 ? 18  GLY A C   1 
ATOM   102  O O   . GLY A 1 18  ? -8.698  10.719  0.357   1.00 20.18 ? 18  GLY A O   1 
ATOM   103  N N   . ILE A 1 19  ? -7.879  11.091  -1.789  1.00 22.96 ? 19  ILE A N   1 
ATOM   104  C CA  . ILE A 1 19  ? -6.540  10.544  -1.486  1.00 26.64 ? 19  ILE A CA  1 
ATOM   105  C C   . ILE A 1 19  ? -5.520  11.652  -1.231  1.00 31.27 ? 19  ILE A C   1 
ATOM   106  O O   . ILE A 1 19  ? -4.744  11.514  -0.261  1.00 32.14 ? 19  ILE A O   1 
ATOM   107  C CB  . ILE A 1 19  ? -6.064  9.475   -2.517  1.00 26.10 ? 19  ILE A CB  1 
ATOM   108  C CG1 . ILE A 1 19  ? -5.989  10.059  -3.938  1.00 26.76 ? 19  ILE A CG1 1 
ATOM   109  C CG2 . ILE A 1 19  ? -6.973  8.220   -2.472  1.00 25.20 ? 19  ILE A CG2 1 
ATOM   110  C CD1 . ILE A 1 19  ? -5.270  9.223   -5.026  1.00 28.15 ? 19  ILE A CD1 1 
ATOM   111  N N   . GLY A 1 20  ? -5.470  12.688  -2.030  1.00 34.68 ? 20  GLY A N   1 
ATOM   112  C CA  . GLY A 1 20  ? -4.517  13.805  -1.905  1.00 41.92 ? 20  GLY A CA  1 
ATOM   113  C C   . GLY A 1 20  ? -5.188  15.175  -2.067  1.00 45.36 ? 20  GLY A C   1 
ATOM   114  O O   . GLY A 1 20  ? -6.185  15.343  -2.789  1.00 45.36 ? 20  GLY A O   1 
ATOM   115  N N   . ARG A 1 21  ? -4.608  16.135  -1.368  1.00 50.94 ? 21  ARG A N   1 
ATOM   116  C CA  . ARG A 1 21  ? -5.119  17.531  -1.385  1.00 56.41 ? 21  ARG A CA  1 
ATOM   117  C C   . ARG A 1 21  ? -4.164  18.441  -2.251  1.00 58.86 ? 21  ARG A C   1 
ATOM   118  O O   . ARG A 1 21  ? -3.270  17.938  -2.952  1.00 58.98 ? 21  ARG A O   1 
ATOM   119  C CB  . ARG A 1 21  ? -5.419  18.120  -0.017  1.00 58.09 ? 21  ARG A CB  1 
ATOM   120  C CG  . ARG A 1 21  ? -4.279  19.070  0.453   1.00 41.18 ? 21  ARG A CG  1 
ATOM   121  C CD  . ARG A 1 21  ? -4.723  20.333  1.238   1.00 44.11 ? 21  ARG A CD  1 
ATOM   122  N NE  . ARG A 1 21  ? -3.875  20.566  2.437   1.00 46.61 ? 21  ARG A NE  1 
ATOM   123  C CZ  . ARG A 1 21  ? -3.615  21.759  3.033   1.00 48.28 ? 21  ARG A CZ  1 
ATOM   124  N NH1 . ARG A 1 21  ? -4.099  22.915  2.562   1.00 48.93 ? 21  ARG A NH1 1 
ATOM   125  N NH2 . ARG A 1 21  ? -2.884  21.888  4.159   1.00 49.97 ? 21  ARG A NH2 1 
ATOM   126  N N   . SER A 1 22  ? -4.411  19.760  -2.172  1.00 41.74 ? 22  SER A N   1 
ATOM   127  C CA  . SER A 1 22  ? -3.752  20.853  -2.990  1.00 43.53 ? 22  SER A CA  1 
ATOM   128  C C   . SER A 1 22  ? -2.233  21.031  -2.814  1.00 45.21 ? 22  SER A C   1 
ATOM   129  O O   . SER A 1 22  ? -1.490  21.393  -3.764  1.00 44.27 ? 22  SER A O   1 
ATOM   130  C CB  . SER A 1 22  ? -4.336  22.213  -2.605  1.00 43.20 ? 22  SER A CB  1 
ATOM   131  O OG  . SER A 1 22  ? -3.586  22.773  -1.532  1.00 43.11 ? 22  SER A OG  1 
ATOM   132  N N   . ASN A 1 23  ? -1.827  20.859  -1.545  1.00 47.36 ? 23  ASN A N   1 
ATOM   133  C CA  . ASN A 1 23  ? -0.399  20.962  -1.108  1.00 49.63 ? 23  ASN A CA  1 
ATOM   134  C C   . ASN A 1 23  ? 0.281   19.564  -0.975  1.00 49.63 ? 23  ASN A C   1 
ATOM   135  O O   . ASN A 1 23  ? -0.250  18.539  -1.421  1.00 48.30 ? 23  ASN A O   1 
ATOM   136  C CB  . ASN A 1 23  ? -0.488  21.828  0.145   1.00 70.22 ? 23  ASN A CB  1 
ATOM   137  C CG  . ASN A 1 23  ? 0.813   22.250  0.811   1.00 70.36 ? 23  ASN A CG  1 
ATOM   138  O OD1 . ASN A 1 23  ? 0.832   22.559  1.992   1.00 49.47 ? 23  ASN A OD1 1 
ATOM   139  N ND2 . ASN A 1 23  ? 1.921   22.268  0.084   1.00 70.24 ? 23  ASN A ND2 1 
ATOM   140  N N   . SER A 1 24  ? 1.477   19.565  -0.386  1.00 70.72 ? 24  SER A N   1 
ATOM   141  C CA  . SER A 1 24  ? 2.295   18.338  -0.133  1.00 72.12 ? 24  SER A CA  1 
ATOM   142  C C   . SER A 1 24  ? 2.065   17.860  1.269   1.00 72.74 ? 24  SER A C   1 
ATOM   143  O O   . SER A 1 24  ? 2.174   18.632  2.232   1.00 73.79 ? 24  SER A O   1 
ATOM   144  C CB  . SER A 1 24  ? 3.774   18.717  -0.302  1.00 71.41 ? 24  SER A CB  1 
ATOM   145  O OG  . SER A 1 24  ? 4.601   17.613  0.033   1.00 70.04 ? 24  SER A OG  1 
ATOM   146  N N   . LEU A 1 25  ? 1.777   16.602  1.327   1.00 72.97 ? 25  LEU A N   1 
ATOM   147  C CA  . LEU A 1 25  ? 1.462   15.957  2.572   1.00 73.67 ? 25  LEU A CA  1 
ATOM   148  C C   . LEU A 1 25  ? 0.348   16.762  3.285   1.00 73.51 ? 25  LEU A C   1 
ATOM   149  O O   . LEU A 1 25  ? 0.488   17.235  4.426   1.00 73.13 ? 25  LEU A O   1 
ATOM   150  C CB  . LEU A 1 25  ? 2.688   15.846  3.480   1.00 74.66 ? 25  LEU A CB  1 
ATOM   151  C CG  . LEU A 1 25  ? 2.439   14.934  4.693   1.00 75.28 ? 25  LEU A CG  1 
ATOM   152  C CD1 . LEU A 1 25  ? 2.275   13.457  4.316   1.00 75.76 ? 25  LEU A CD1 1 
ATOM   153  C CD2 . LEU A 1 25  ? 3.573   14.976  5.719   1.00 75.17 ? 25  LEU A CD2 1 
ATOM   154  N N   . PRO A 1 26  ? -0.781  16.897  2.597   1.00 74.32 ? 26  PRO A N   1 
ATOM   155  C CA  . PRO A 1 26  ? -1.994  17.563  3.088   1.00 73.77 ? 26  PRO A CA  1 
ATOM   156  C C   . PRO A 1 26  ? -2.453  17.161  4.492   1.00 73.06 ? 26  PRO A C   1 
ATOM   157  O O   . PRO A 1 26  ? -3.223  17.883  5.150   1.00 73.71 ? 26  PRO A O   1 
ATOM   158  C CB  . PRO A 1 26  ? -3.129  17.053  2.179   1.00 73.74 ? 26  PRO A CB  1 
ATOM   159  C CG  . PRO A 1 26  ? -2.465  16.497  0.954   1.00 74.63 ? 26  PRO A CG  1 
ATOM   160  C CD  . PRO A 1 26  ? -0.982  16.352  1.227   1.00 74.36 ? 26  PRO A CD  1 
ATOM   161  N N   . TRP A 1 27  ? -2.038  15.970  4.900   1.00 71.53 ? 27  TRP A N   1 
ATOM   162  C CA  . TRP A 1 27  ? -2.330  15.365  6.205   1.00 49.19 ? 27  TRP A CA  1 
ATOM   163  C C   . TRP A 1 27  ? -0.996  14.754  6.701   1.00 47.04 ? 27  TRP A C   1 
ATOM   164  O O   . TRP A 1 27  ? -0.395  13.842  6.105   1.00 47.12 ? 27  TRP A O   1 
ATOM   165  C CB  . TRP A 1 27  ? -3.494  14.404  6.301   1.00 49.38 ? 27  TRP A CB  1 
ATOM   166  C CG  . TRP A 1 27  ? -3.559  13.128  5.544   1.00 49.65 ? 27  TRP A CG  1 
ATOM   167  C CD1 . TRP A 1 27  ? -2.750  12.017  5.626   1.00 49.41 ? 27  TRP A CD1 1 
ATOM   168  C CD2 . TRP A 1 27  ? -4.566  12.802  4.562   1.00 49.89 ? 27  TRP A CD2 1 
ATOM   169  N NE1 . TRP A 1 27  ? -3.159  11.034  4.762   1.00 49.37 ? 27  TRP A NE1 1 
ATOM   170  C CE2 . TRP A 1 27  ? -4.275  11.493  4.095   1.00 70.07 ? 27  TRP A CE2 1 
ATOM   171  C CE3 . TRP A 1 27  ? -5.657  13.496  4.047   1.00 49.68 ? 27  TRP A CE3 1 
ATOM   172  C CZ2 . TRP A 1 27  ? -5.070  10.881  3.128   1.00 49.86 ? 27  TRP A CZ2 1 
ATOM   173  C CZ3 . TRP A 1 27  ? -6.442  12.891  3.082   1.00 49.32 ? 27  TRP A CZ3 1 
ATOM   174  C CH2 . TRP A 1 27  ? -6.146  11.607  2.638   1.00 49.36 ? 27  TRP A CH2 1 
ATOM   175  N N   . LYS A 1 28  ? -0.602  15.318  7.821   1.00 43.66 ? 28  LYS A N   1 
ATOM   176  C CA  . LYS A 1 28  ? 0.602   15.030  8.614   1.00 59.50 ? 28  LYS A CA  1 
ATOM   177  C C   . LYS A 1 28  ? 0.398   14.047  9.762   1.00 54.01 ? 28  LYS A C   1 
ATOM   178  O O   . LYS A 1 28  ? -0.031  14.560  10.846  1.00 53.55 ? 28  LYS A O   1 
ATOM   179  C CB  . LYS A 1 28  ? 0.969   16.381  9.271   1.00 42.28 ? 28  LYS A CB  1 
ATOM   180  C CG  . LYS A 1 28  ? 1.686   16.293  10.615  1.00 44.99 ? 28  LYS A CG  1 
ATOM   181  C CD  . LYS A 1 28  ? 1.853   17.653  11.315  1.00 46.71 ? 28  LYS A CD  1 
ATOM   182  C CE  . LYS A 1 28  ? 3.178   17.667  12.074  1.00 47.80 ? 28  LYS A CE  1 
ATOM   183  N NZ  . LYS A 1 28  ? 3.437   18.911  12.851  1.00 49.04 ? 28  LYS A NZ  1 
ATOM   184  N N   . LEU A 1 29  ? 0.682   12.748  9.587   1.00 45.63 ? 29  LEU A N   1 
ATOM   185  C CA  . LEU A 1 29  ? 0.432   11.862  10.734  1.00 38.90 ? 29  LEU A CA  1 
ATOM   186  C C   . LEU A 1 29  ? 1.506   10.853  11.082  1.00 35.89 ? 29  LEU A C   1 
ATOM   187  O O   . LEU A 1 29  ? 1.569   9.766   10.504  1.00 32.10 ? 29  LEU A O   1 
ATOM   188  C CB  . LEU A 1 29  ? -0.978  11.259  10.579  1.00 38.38 ? 29  LEU A CB  1 
ATOM   189  C CG  . LEU A 1 29  ? -2.082  12.254  10.216  1.00 38.52 ? 29  LEU A CG  1 
ATOM   190  C CD1 . LEU A 1 29  ? -3.341  11.532  9.753   1.00 37.74 ? 29  LEU A CD1 1 
ATOM   191  C CD2 . LEU A 1 29  ? -2.408  13.088  11.448  1.00 38.62 ? 29  LEU A CD2 1 
ATOM   192  N N   . LYS A 1 30  ? 2.295   11.218  12.096  1.00 33.25 ? 30  LYS A N   1 
ATOM   193  C CA  . LYS A 1 30  ? 3.383   10.404  12.611  1.00 30.39 ? 30  LYS A CA  1 
ATOM   194  C C   . LYS A 1 30  ? 2.871   9.063   13.117  1.00 26.89 ? 30  LYS A C   1 
ATOM   195  O O   . LYS A 1 30  ? 3.622   8.147   12.671  1.00 24.53 ? 30  LYS A O   1 
ATOM   196  C CB  . LYS A 1 30  ? 4.353   11.077  13.602  1.00 34.12 ? 30  LYS A CB  1 
ATOM   197  C CG  . LYS A 1 30  ? 5.706   11.372  12.937  1.00 37.32 ? 30  LYS A CG  1 
ATOM   198  C CD  . LYS A 1 30  ? 6.402   12.623  13.476  1.00 40.64 ? 30  LYS A CD  1 
ATOM   199  C CE  . LYS A 1 30  ? 6.098   13.898  12.680  1.00 40.73 ? 30  LYS A CE  1 
ATOM   200  N NZ  . LYS A 1 30  ? 6.024   15.095  13.536  1.00 39.43 ? 30  LYS A NZ  1 
ATOM   201  N N   . LYS A 1 31  ? 1.813   8.914   13.871  1.00 21.87 ? 31  LYS A N   1 
ATOM   202  C CA  . LYS A 1 31  ? 1.399   7.556   14.263  1.00 22.90 ? 31  LYS A CA  1 
ATOM   203  C C   . LYS A 1 31  ? 0.757   6.791   13.090  1.00 20.53 ? 31  LYS A C   1 
ATOM   204  O O   . LYS A 1 31  ? 0.810   5.560   13.084  1.00 19.85 ? 31  LYS A O   1 
ATOM   205  C CB  . LYS A 1 31  ? 0.418   7.437   15.408  1.00 26.07 ? 31  LYS A CB  1 
ATOM   206  C CG  . LYS A 1 31  ? 0.862   8.466   16.461  1.00 32.80 ? 31  LYS A CG  1 
ATOM   207  C CD  . LYS A 1 31  ? -0.123  8.731   17.591  1.00 35.96 ? 31  LYS A CD  1 
ATOM   208  C CE  . LYS A 1 31  ? 0.580   9.400   18.768  1.00 37.82 ? 31  LYS A CE  1 
ATOM   209  N NZ  . LYS A 1 31  ? -0.388  9.582   19.895  1.00 41.46 ? 31  LYS A NZ  1 
ATOM   210  N N   . GLU A 1 32  ? 0.182   7.543   12.158  1.00 18.21 ? 32  GLU A N   1 
ATOM   211  C CA  . GLU A 1 32  ? -0.435  6.795   11.029  1.00 15.54 ? 32  GLU A CA  1 
ATOM   212  C C   . GLU A 1 32  ? 0.684   6.333   10.088  1.00 14.61 ? 32  GLU A C   1 
ATOM   213  O O   . GLU A 1 32  ? 0.639   5.150   9.729   1.00 15.60 ? 32  GLU A O   1 
ATOM   214  C CB  . GLU A 1 32  ? -1.481  7.670   10.355  1.00 15.69 ? 32  GLU A CB  1 
ATOM   215  C CG  . GLU A 1 32  ? -2.591  6.937   9.595   1.00 14.22 ? 32  GLU A CG  1 
ATOM   216  C CD  . GLU A 1 32  ? -2.088  6.279   8.335   1.00 13.91 ? 32  GLU A CD  1 
ATOM   217  O OE1 . GLU A 1 32  ? -1.321  6.850   7.574   1.00 14.03 ? 32  GLU A OE1 1 
ATOM   218  O OE2 . GLU A 1 32  ? -2.425  5.091   8.175   1.00 14.64 ? 32  GLU A OE2 1 
ATOM   219  N N   . ILE A 1 33  ? 1.711   7.101   9.751   1.00 13.02 ? 33  ILE A N   1 
ATOM   220  C CA  . ILE A 1 33  ? 2.770   6.650   8.850   1.00 11.78 ? 33  ILE A CA  1 
ATOM   221  C C   . ILE A 1 33  ? 3.540   5.482   9.469   1.00 13.38 ? 33  ILE A C   1 
ATOM   222  O O   . ILE A 1 33  ? 4.110   4.577   8.756   1.00 10.66 ? 33  ILE A O   1 
ATOM   223  C CB  . ILE A 1 33  ? 3.599   7.829   8.286   1.00 13.29 ? 33  ILE A CB  1 
ATOM   224  C CG1 . ILE A 1 33  ? 4.260   7.474   6.912   1.00 14.29 ? 33  ILE A CG1 1 
ATOM   225  C CG2 . ILE A 1 33  ? 4.682   8.309   9.297   1.00 11.46 ? 33  ILE A CG2 1 
ATOM   226  C CD1 . ILE A 1 33  ? 3.532   6.652   5.810   1.00 15.63 ? 33  ILE A CD1 1 
ATOM   227  N N   . SER A 1 34  ? 3.558   5.512   10.792  1.00 10.62 ? 34  SER A N   1 
ATOM   228  C CA  . SER A 1 34  ? 4.273   4.417   11.505  1.00 10.84 ? 34  SER A CA  1 
ATOM   229  C C   . SER A 1 34  ? 3.558   3.099   11.325  1.00 11.63 ? 34  SER A C   1 
ATOM   230  O O   . SER A 1 34  ? 4.076   1.919   11.313  1.00 7.97  ? 34  SER A O   1 
ATOM   231  C CB  . SER A 1 34  ? 4.610   5.031   12.874  1.00 14.24 ? 34  SER A CB  1 
ATOM   232  O OG  . SER A 1 34  ? 3.974   4.289   13.902  1.00 21.27 ? 34  SER A OG  1 
ATOM   233  N N   . TYR A 1 35  ? 2.241   3.201   11.146  1.00 9.48  ? 35  TYR A N   1 
ATOM   234  C CA  . TYR A 1 35  ? 1.405   2.012   10.932  1.00 11.15 ? 35  TYR A CA  1 
ATOM   235  C C   . TYR A 1 35  ? 1.716   1.530   9.493   1.00 9.28  ? 35  TYR A C   1 
ATOM   236  O O   . TYR A 1 35  ? 1.870   0.305   9.342   1.00 10.07 ? 35  TYR A O   1 
ATOM   237  C CB  . TYR A 1 35  ? -0.103  2.358   11.203  1.00 11.14 ? 35  TYR A CB  1 
ATOM   238  C CG  . TYR A 1 35  ? -1.068  1.272   10.784  1.00 11.64 ? 35  TYR A CG  1 
ATOM   239  C CD1 . TYR A 1 35  ? -1.432  0.249   11.669  1.00 12.40 ? 35  TYR A CD1 1 
ATOM   240  C CD2 . TYR A 1 35  ? -1.641  1.284   9.491   1.00 12.32 ? 35  TYR A CD2 1 
ATOM   241  C CE1 . TYR A 1 35  ? -2.345  -0.745  11.276  1.00 12.59 ? 35  TYR A CE1 1 
ATOM   242  C CE2 . TYR A 1 35  ? -2.522  0.315   9.069   1.00 12.22 ? 35  TYR A CE2 1 
ATOM   243  C CZ  . TYR A 1 35  ? -2.888  -0.700  9.987   1.00 13.27 ? 35  TYR A CZ  1 
ATOM   244  O OH  . TYR A 1 35  ? -3.761  -1.680  9.552   1.00 12.33 ? 35  TYR A OH  1 
ATOM   245  N N   . PHE A 1 36  ? 1.776   2.477   8.593   1.00 9.04  ? 36  PHE A N   1 
ATOM   246  C CA  . PHE A 1 36  ? 2.101   2.169   7.167   1.00 10.70 ? 36  PHE A CA  1 
ATOM   247  C C   . PHE A 1 36  ? 3.451   1.439   7.156   1.00 10.57 ? 36  PHE A C   1 
ATOM   248  O O   . PHE A 1 36  ? 3.611   0.340   6.579   1.00 9.69  ? 36  PHE A O   1 
ATOM   249  C CB  . PHE A 1 36  ? 2.128   3.430   6.298   1.00 10.96 ? 36  PHE A CB  1 
ATOM   250  C CG  . PHE A 1 36  ? 2.746   3.175   4.949   1.00 12.54 ? 36  PHE A CG  1 
ATOM   251  C CD1 . PHE A 1 36  ? 4.164   3.242   4.848   1.00 12.28 ? 36  PHE A CD1 1 
ATOM   252  C CD2 . PHE A 1 36  ? 1.998   2.809   3.857   1.00 10.48 ? 36  PHE A CD2 1 
ATOM   253  C CE1 . PHE A 1 36  ? 4.818   3.000   3.646   1.00 11.30 ? 36  PHE A CE1 1 
ATOM   254  C CE2 . PHE A 1 36  ? 2.667   2.611   2.640   1.00 13.78 ? 36  PHE A CE2 1 
ATOM   255  C CZ  . PHE A 1 36  ? 4.051   2.673   2.537   1.00 10.20 ? 36  PHE A CZ  1 
ATOM   256  N N   . LYS A 1 37  ? 4.401   2.001   7.890   1.00 10.22 ? 37  LYS A N   1 
ATOM   257  C CA  . LYS A 1 37  ? 5.723   1.426   7.988   1.00 11.68 ? 37  LYS A CA  1 
ATOM   258  C C   . LYS A 1 37  ? 5.747   0.010   8.521   1.00 13.77 ? 37  LYS A C   1 
ATOM   259  O O   . LYS A 1 37  ? 6.356   -0.914  7.912   1.00 12.94 ? 37  LYS A O   1 
ATOM   260  C CB  . LYS A 1 37  ? 6.690   2.350   8.753   1.00 13.61 ? 37  LYS A CB  1 
ATOM   261  C CG  . LYS A 1 37  ? 8.088   1.699   8.665   1.00 15.80 ? 37  LYS A CG  1 
ATOM   262  C CD  . LYS A 1 37  ? 8.979   2.643   9.500   1.00 21.17 ? 37  LYS A CD  1 
ATOM   263  C CE  . LYS A 1 37  ? 10.435  2.269   9.331   1.00 22.36 ? 37  LYS A CE  1 
ATOM   264  N NZ  . LYS A 1 37  ? 11.167  3.171   8.419   1.00 27.86 ? 37  LYS A NZ  1 
ATOM   265  N N   . ARG A 1 38  ? 5.101   -0.223  9.655   1.00 14.32 ? 38  ARG A N   1 
ATOM   266  C CA  . ARG A 1 38  ? 5.032   -1.573  10.255  1.00 15.02 ? 38  ARG A CA  1 
ATOM   267  C C   . ARG A 1 38  ? 4.290   -2.592  9.446   1.00 13.74 ? 38  ARG A C   1 
ATOM   268  O O   . ARG A 1 38  ? 4.671   -3.809  9.365   1.00 11.77 ? 38  ARG A O   1 
ATOM   269  C CB  . ARG A 1 38  ? 4.503   -1.253  11.651  1.00 19.69 ? 38  ARG A CB  1 
ATOM   270  C CG  . ARG A 1 38  ? 3.495   -2.127  12.342  1.00 25.76 ? 38  ARG A CG  1 
ATOM   271  C CD  . ARG A 1 38  ? 3.204   -1.518  13.688  1.00 29.69 ? 38  ARG A CD  1 
ATOM   272  N NE  . ARG A 1 38  ? 2.285   -0.362  13.693  1.00 33.59 ? 38  ARG A NE  1 
ATOM   273  C CZ  . ARG A 1 38  ? 2.556   0.780   14.349  1.00 34.21 ? 38  ARG A CZ  1 
ATOM   274  N NH1 . ARG A 1 38  ? 3.818   0.870   14.771  1.00 36.65 ? 38  ARG A NH1 1 
ATOM   275  N NH2 . ARG A 1 38  ? 1.785   1.836   14.547  1.00 35.36 ? 38  ARG A NH2 1 
ATOM   276  N N   . VAL A 1 39  ? 3.154   -2.266  8.830   1.00 12.93 ? 39  VAL A N   1 
ATOM   277  C CA  . VAL A 1 39  ? 2.385   -3.222  8.010   1.00 12.03 ? 39  VAL A CA  1 
ATOM   278  C C   . VAL A 1 39  ? 3.217   -3.611  6.777   1.00 10.88 ? 39  VAL A C   1 
ATOM   279  O O   . VAL A 1 39  ? 3.332   -4.822  6.477   1.00 10.83 ? 39  VAL A O   1 
ATOM   280  C CB  . VAL A 1 39  ? 0.981   -2.641  7.632   1.00 11.47 ? 39  VAL A CB  1 
ATOM   281  C CG1 . VAL A 1 39  ? 0.223   -3.445  6.618   1.00 8.78  ? 39  VAL A CG1 1 
ATOM   282  C CG2 . VAL A 1 39  ? 0.186   -2.584  8.941   1.00 11.10 ? 39  VAL A CG2 1 
ATOM   283  N N   . THR A 1 40  ? 3.687   -2.601  6.060   1.00 10.29 ? 40  THR A N   1 
ATOM   284  C CA  . THR A 1 40  ? 4.520   -2.868  4.836   1.00 9.86  ? 40  THR A CA  1 
ATOM   285  C C   . THR A 1 40  ? 5.841   -3.579  5.132   1.00 9.54  ? 40  THR A C   1 
ATOM   286  O O   . THR A 1 40  ? 6.398   -4.262  4.260   1.00 11.06 ? 40  THR A O   1 
ATOM   287  C CB  . THR A 1 40  ? 4.718   -1.620  3.949   1.00 9.05  ? 40  THR A CB  1 
ATOM   288  O OG1 . THR A 1 40  ? 5.567   -0.648  4.612   1.00 6.94  ? 40  THR A OG1 1 
ATOM   289  C CG2 . THR A 1 40  ? 3.365   -0.961  3.559   1.00 9.48  ? 40  THR A CG2 1 
ATOM   290  N N   . SER A 1 41  ? 6.428   -3.469  6.323   1.00 9.75  ? 41  SER A N   1 
ATOM   291  C CA  . SER A 1 41  ? 7.685   -4.122  6.684   1.00 10.39 ? 41  SER A CA  1 
ATOM   292  C C   . SER A 1 41  ? 7.548   -5.427  7.413   1.00 10.42 ? 41  SER A C   1 
ATOM   293  O O   . SER A 1 41  ? 8.524   -6.225  7.436   1.00 12.73 ? 41  SER A O   1 
ATOM   294  C CB  . SER A 1 41  ? 8.486   -3.220  7.674   1.00 11.12 ? 41  SER A CB  1 
ATOM   295  O OG  . SER A 1 41  ? 8.616   -1.947  7.076   1.00 15.70 ? 41  SER A OG  1 
ATOM   296  N N   . PHE A 1 42  ? 6.441   -5.763  8.023   1.00 8.82  ? 42  PHE A N   1 
ATOM   297  C CA  . PHE A 1 42  ? 6.290   -7.014  8.815   1.00 9.52  ? 42  PHE A CA  1 
ATOM   298  C C   . PHE A 1 42  ? 6.413   -8.296  8.010   1.00 10.84 ? 42  PHE A C   1 
ATOM   299  O O   . PHE A 1 42  ? 5.638   -8.587  7.056   1.00 10.59 ? 42  PHE A O   1 
ATOM   300  C CB  . PHE A 1 42  ? 4.878   -6.912  9.500   1.00 9.81  ? 42  PHE A CB  1 
ATOM   301  C CG  . PHE A 1 42  ? 4.364   -8.243  10.002  1.00 11.15 ? 42  PHE A CG  1 
ATOM   302  C CD1 . PHE A 1 42  ? 5.027   -8.897  11.021  1.00 12.50 ? 42  PHE A CD1 1 
ATOM   303  C CD2 . PHE A 1 42  ? 3.193   -8.781  9.547   1.00 14.65 ? 42  PHE A CD2 1 
ATOM   304  C CE1 . PHE A 1 42  ? 4.587   -10.084 11.546  1.00 14.03 ? 42  PHE A CE1 1 
ATOM   305  C CE2 . PHE A 1 42  ? 2.671   -9.961  10.078  1.00 16.64 ? 42  PHE A CE2 1 
ATOM   306  C CZ  . PHE A 1 42  ? 3.396   -10.636 11.089  1.00 16.82 ? 42  PHE A CZ  1 
ATOM   307  N N   . VAL A 1 43  ? 7.375   -9.131  8.418   1.00 10.14 ? 43  VAL A N   1 
ATOM   308  C CA  . VAL A 1 43  ? 7.659   -10.411 7.762   1.00 12.60 ? 43  VAL A CA  1 
ATOM   309  C C   . VAL A 1 43  ? 7.946   -11.491 8.799   1.00 12.38 ? 43  VAL A C   1 
ATOM   310  O O   . VAL A 1 43  ? 8.342   -11.135 9.898   1.00 13.33 ? 43  VAL A O   1 
ATOM   311  C CB  . VAL A 1 43  ? 8.904   -10.262 6.807   1.00 11.41 ? 43  VAL A CB  1 
ATOM   312  C CG1 . VAL A 1 43  ? 8.741   -9.255  5.685   1.00 8.73  ? 43  VAL A CG1 1 
ATOM   313  C CG2 . VAL A 1 43  ? 10.199  -9.870  7.576   1.00 11.62 ? 43  VAL A CG2 1 
ATOM   314  N N   . PRO A 1 44  ? 7.838   -12.744 8.465   1.00 13.30 ? 44  PRO A N   1 
ATOM   315  C CA  . PRO A 1 44  ? 8.221   -13.814 9.370   1.00 14.39 ? 44  PRO A CA  1 
ATOM   316  C C   . PRO A 1 44  ? 9.752   -13.911 9.280   1.00 16.65 ? 44  PRO A C   1 
ATOM   317  O O   . PRO A 1 44  ? 10.367  -13.380 8.331   1.00 18.15 ? 44  PRO A O   1 
ATOM   318  C CB  . PRO A 1 44  ? 7.507   -15.006 8.793   1.00 15.10 ? 44  PRO A CB  1 
ATOM   319  C CG  . PRO A 1 44  ? 7.323   -14.732 7.341   1.00 15.35 ? 44  PRO A CG  1 
ATOM   320  C CD  . PRO A 1 44  ? 7.403   -13.248 7.163   1.00 14.93 ? 44  PRO A CD  1 
ATOM   321  N N   . THR A 1 45  ? 10.479  -14.528 10.168  1.00 16.92 ? 45  THR A N   1 
ATOM   322  C CA  . THR A 1 45  ? 11.922  -14.693 10.099  1.00 19.03 ? 45  THR A CA  1 
ATOM   323  C C   . THR A 1 45  ? 12.279  -16.181 10.078  1.00 19.70 ? 45  THR A C   1 
ATOM   324  O O   . THR A 1 45  ? 12.021  -16.853 11.123  1.00 20.57 ? 45  THR A O   1 
ATOM   325  C CB  . THR A 1 45  ? 12.741  -14.055 11.285  1.00 20.55 ? 45  THR A CB  1 
ATOM   326  O OG1 . THR A 1 45  ? 12.406  -12.647 11.307  1.00 20.41 ? 45  THR A OG1 1 
ATOM   327  C CG2 . THR A 1 45  ? 14.287  -14.265 11.193  1.00 19.34 ? 45  THR A CG2 1 
ATOM   328  N N   . PHE A 1 46  ? 12.867  -16.611 8.983   1.00 17.48 ? 46  PHE A N   1 
ATOM   329  C CA  . PHE A 1 46  ? 13.330  -18.005 8.772   1.00 18.12 ? 46  PHE A CA  1 
ATOM   330  C C   . PHE A 1 46  ? 14.851  -18.060 8.827   1.00 16.89 ? 46  PHE A C   1 
ATOM   331  O O   . PHE A 1 46  ? 15.526  -17.102 8.433   1.00 15.50 ? 46  PHE A O   1 
ATOM   332  C CB  . PHE A 1 46  ? 12.789  -18.640 7.474   1.00 21.06 ? 46  PHE A CB  1 
ATOM   333  C CG  . PHE A 1 46  ? 11.278  -18.692 7.582   1.00 22.66 ? 46  PHE A CG  1 
ATOM   334  C CD1 . PHE A 1 46  ? 10.737  -19.236 8.749   1.00 24.32 ? 46  PHE A CD1 1 
ATOM   335  C CD2 . PHE A 1 46  ? 10.490  -18.155 6.584   1.00 23.34 ? 46  PHE A CD2 1 
ATOM   336  C CE1 . PHE A 1 46  ? 9.324   -19.278 8.944   1.00 26.37 ? 46  PHE A CE1 1 
ATOM   337  C CE2 . PHE A 1 46  ? 9.083   -18.193 6.732   1.00 25.35 ? 46  PHE A CE2 1 
ATOM   338  C CZ  . PHE A 1 46  ? 8.547   -18.748 7.898   1.00 25.15 ? 46  PHE A CZ  1 
ATOM   339  N N   . ASP A 1 47  ? 15.391  -19.174 9.314   1.00 16.85 ? 47  ASP A N   1 
ATOM   340  C CA  . ASP A 1 47  ? 16.852  -19.250 9.466   1.00 16.83 ? 47  ASP A CA  1 
ATOM   341  C C   . ASP A 1 47  ? 17.627  -19.362 8.158   1.00 16.62 ? 47  ASP A C   1 
ATOM   342  O O   . ASP A 1 47  ? 18.726  -18.830 8.050   1.00 15.32 ? 47  ASP A O   1 
ATOM   343  C CB  . ASP A 1 47  ? 17.242  -20.414 10.386  1.00 16.51 ? 47  ASP A CB  1 
ATOM   344  C CG  . ASP A 1 47  ? 17.304  -20.056 11.844  1.00 18.45 ? 47  ASP A CG  1 
ATOM   345  O OD1 . ASP A 1 47  ? 16.998  -18.866 12.173  1.00 20.70 ? 47  ASP A OD1 1 
ATOM   346  O OD2 . ASP A 1 47  ? 17.618  -20.912 12.694  1.00 18.19 ? 47  ASP A OD2 1 
ATOM   347  N N   . SER A 1 48  ? 17.044  -20.082 7.240   1.00 16.45 ? 48  SER A N   1 
ATOM   348  C CA  . SER A 1 48  ? 17.756  -20.355 5.972   1.00 19.01 ? 48  SER A CA  1 
ATOM   349  C C   . SER A 1 48  ? 17.555  -19.398 4.856   1.00 18.90 ? 48  SER A C   1 
ATOM   350  O O   . SER A 1 48  ? 18.339  -19.570 3.890   1.00 22.21 ? 48  SER A O   1 
ATOM   351  C CB  . SER A 1 48  ? 17.447  -21.805 5.595   1.00 20.88 ? 48  SER A CB  1 
ATOM   352  O OG  . SER A 1 48  ? 18.163  -22.610 6.550   1.00 26.69 ? 48  SER A OG  1 
ATOM   353  N N   . PHE A 1 49  ? 16.678  -18.430 4.948   1.00 16.63 ? 49  PHE A N   1 
ATOM   354  C CA  . PHE A 1 49  ? 16.548  -17.495 3.796   1.00 13.08 ? 49  PHE A CA  1 
ATOM   355  C C   . PHE A 1 49  ? 15.985  -16.203 4.414   1.00 12.18 ? 49  PHE A C   1 
ATOM   356  O O   . PHE A 1 49  ? 15.515  -16.209 5.561   1.00 8.23  ? 49  PHE A O   1 
ATOM   357  C CB  . PHE A 1 49  ? 15.742  -18.147 2.697   1.00 14.35 ? 49  PHE A CB  1 
ATOM   358  C CG  . PHE A 1 49  ? 14.318  -18.384 3.140   1.00 16.89 ? 49  PHE A CG  1 
ATOM   359  C CD1 . PHE A 1 49  ? 13.922  -19.536 3.797   1.00 16.59 ? 49  PHE A CD1 1 
ATOM   360  C CD2 . PHE A 1 49  ? 13.369  -17.381 2.937   1.00 16.69 ? 49  PHE A CD2 1 
ATOM   361  C CE1 . PHE A 1 49  ? 12.631  -19.683 4.253   1.00 17.33 ? 49  PHE A CE1 1 
ATOM   362  C CE2 . PHE A 1 49  ? 12.062  -17.532 3.338   1.00 18.10 ? 49  PHE A CE2 1 
ATOM   363  C CZ  . PHE A 1 49  ? 11.680  -18.675 4.016   1.00 18.51 ? 49  PHE A CZ  1 
ATOM   364  N N   . GLU A 1 50  ? 16.123  -15.179 3.627   1.00 10.58 ? 50  GLU A N   1 
ATOM   365  C CA  . GLU A 1 50  ? 15.672  -13.829 3.925   1.00 13.66 ? 50  GLU A CA  1 
ATOM   366  C C   . GLU A 1 50  ? 14.305  -13.511 3.331   1.00 14.08 ? 50  GLU A C   1 
ATOM   367  O O   . GLU A 1 50  ? 14.014  -13.773 2.173   1.00 12.72 ? 50  GLU A O   1 
ATOM   368  C CB  . GLU A 1 50  ? 16.742  -12.856 3.368   1.00 13.35 ? 50  GLU A CB  1 
ATOM   369  C CG  . GLU A 1 50  ? 17.981  -12.876 4.326   1.00 15.75 ? 50  GLU A CG  1 
ATOM   370  C CD  . GLU A 1 50  ? 18.766  -14.154 4.364   1.00 15.07 ? 50  GLU A CD  1 
ATOM   371  O OE1 . GLU A 1 50  ? 19.309  -14.519 3.324   1.00 16.24 ? 50  GLU A OE1 1 
ATOM   372  O OE2 . GLU A 1 50  ? 18.796  -14.792 5.468   1.00 15.37 ? 50  GLU A OE2 1 
ATOM   373  N N   . SER A 1 51  ? 13.435  -12.922 4.160   1.00 16.14 ? 51  SER A N   1 
ATOM   374  C CA  . SER A 1 51  ? 12.066  -12.600 3.773   1.00 14.75 ? 51  SER A CA  1 
ATOM   375  C C   . SER A 1 51  ? 11.897  -11.104 3.593   1.00 15.98 ? 51  SER A C   1 
ATOM   376  O O   . SER A 1 51  ? 12.300  -10.456 4.586   1.00 17.09 ? 51  SER A O   1 
ATOM   377  C CB  . SER A 1 51  ? 11.149  -13.082 4.913   1.00 16.12 ? 51  SER A CB  1 
ATOM   378  O OG  . SER A 1 51  ? 11.063  -14.505 4.828   1.00 18.34 ? 51  SER A OG  1 
ATOM   379  N N   . MET A 1 52  ? 11.380  -10.658 2.476   1.00 15.16 ? 52  MET A N   1 
ATOM   380  C CA  . MET A 1 52  ? 11.124  -9.220  2.338   1.00 16.26 ? 52  MET A CA  1 
ATOM   381  C C   . MET A 1 52  ? 9.778   -8.997  1.640   1.00 12.86 ? 52  MET A C   1 
ATOM   382  O O   . MET A 1 52  ? 9.300   -9.750  0.802   1.00 12.63 ? 52  MET A O   1 
ATOM   383  C CB  . MET A 1 52  ? 12.234  -8.393  1.715   1.00 19.45 ? 52  MET A CB  1 
ATOM   384  C CG  . MET A 1 52  ? 13.533  -8.446  2.523   1.00 24.53 ? 52  MET A CG  1 
ATOM   385  S SD  . MET A 1 52  ? 14.863  -7.745  1.456   1.00 30.76 ? 52  MET A SD  1 
ATOM   386  C CE  . MET A 1 52  ? 14.370  -6.051  1.542   1.00 22.94 ? 52  MET A CE  1 
ATOM   387  N N   . ASN A 1 53  ? 9.150   -7.871  2.003   1.00 11.41 ? 53  ASN A N   1 
ATOM   388  C CA  . ASN A 1 53  ? 7.885   -7.447  1.368   1.00 11.86 ? 53  ASN A CA  1 
ATOM   389  C C   . ASN A 1 53  ? 8.311   -6.480  0.235   1.00 9.71  ? 53  ASN A C   1 
ATOM   390  O O   . ASN A 1 53  ? 9.402   -5.895  0.295   1.00 9.16  ? 53  ASN A O   1 
ATOM   391  C CB  . ASN A 1 53  ? 6.876   -6.756  2.307   1.00 10.70 ? 53  ASN A CB  1 
ATOM   392  C CG  . ASN A 1 53  ? 6.373   -7.727  3.356   1.00 8.31  ? 53  ASN A CG  1 
ATOM   393  O OD1 . ASN A 1 53  ? 6.125   -8.912  3.286   1.00 9.87  ? 53  ASN A OD1 1 
ATOM   394  N ND2 . ASN A 1 53  ? 6.265   -7.106  4.514   1.00 12.09 ? 53  ASN A ND2 1 
ATOM   395  N N   . VAL A 1 54  ? 7.472   -6.415  -0.728  1.00 9.26  ? 54  VAL A N   1 
ATOM   396  C CA  . VAL A 1 54  ? 7.617   -5.527  -1.900  1.00 9.33  ? 54  VAL A CA  1 
ATOM   397  C C   . VAL A 1 54  ? 6.596   -4.390  -1.840  1.00 9.69  ? 54  VAL A C   1 
ATOM   398  O O   . VAL A 1 54  ? 5.413   -4.651  -1.447  1.00 9.30  ? 54  VAL A O   1 
ATOM   399  C CB  . VAL A 1 54  ? 7.366   -6.348  -3.191  1.00 10.01 ? 54  VAL A CB  1 
ATOM   400  C CG1 . VAL A 1 54  ? 7.422   -5.491  -4.458  1.00 10.81 ? 54  VAL A CG1 1 
ATOM   401  C CG2 . VAL A 1 54  ? 8.389   -7.466  -3.390  1.00 12.34 ? 54  VAL A CG2 1 
ATOM   402  N N   . VAL A 1 55  ? 7.041   -3.206  -2.131  1.00 8.16  ? 55  VAL A N   1 
ATOM   403  C CA  . VAL A 1 55  ? 6.169   -2.056  -2.241  1.00 11.57 ? 55  VAL A CA  1 
ATOM   404  C C   . VAL A 1 55  ? 6.221   -1.672  -3.718  1.00 11.32 ? 55  VAL A C   1 
ATOM   405  O O   . VAL A 1 55  ? 7.327   -1.423  -4.215  1.00 12.71 ? 55  VAL A O   1 
ATOM   406  C CB  . VAL A 1 55  ? 6.541   -0.885  -1.291  1.00 13.35 ? 55  VAL A CB  1 
ATOM   407  C CG1 . VAL A 1 55  ? 6.192   -1.316  0.159   1.00 11.01 ? 55  VAL A CG1 1 
ATOM   408  C CG2 . VAL A 1 55  ? 8.021   -0.525  -1.428  1.00 13.33 ? 55  VAL A CG2 1 
ATOM   409  N N   . LEU A 1 56  ? 5.060   -1.590  -4.362  1.00 12.84 ? 56  LEU A N   1 
ATOM   410  C CA  . LEU A 1 56  ? 4.905   -1.156  -5.744  1.00 11.68 ? 56  LEU A CA  1 
ATOM   411  C C   . LEU A 1 56  ? 4.350   0.284   -5.696  1.00 12.44 ? 56  LEU A C   1 
ATOM   412  O O   . LEU A 1 56  ? 3.313   0.504   -5.029  1.00 12.71 ? 56  LEU A O   1 
ATOM   413  C CB  . LEU A 1 56  ? 3.922   -2.002  -6.577  1.00 9.83  ? 56  LEU A CB  1 
ATOM   414  C CG  . LEU A 1 56  ? 4.150   -3.497  -6.572  1.00 12.02 ? 56  LEU A CG  1 
ATOM   415  C CD1 . LEU A 1 56  ? 3.026   -4.158  -7.343  1.00 10.78 ? 56  LEU A CD1 1 
ATOM   416  C CD2 . LEU A 1 56  ? 5.438   -3.799  -7.254  1.00 13.35 ? 56  LEU A CD2 1 
ATOM   417  N N   . MET A 1 57  ? 4.927   1.216   -6.403  1.00 11.17 ? 57  MET A N   1 
ATOM   418  C CA  . MET A 1 57  ? 4.469   2.632   -6.376  1.00 11.80 ? 57  MET A CA  1 
ATOM   419  C C   . MET A 1 57  ? 4.667   3.219   -7.792  1.00 12.32 ? 57  MET A C   1 
ATOM   420  O O   . MET A 1 57  ? 5.460   2.689   -8.606  1.00 12.80 ? 57  MET A O   1 
ATOM   421  C CB  . MET A 1 57  ? 5.243   3.493   -5.354  1.00 10.93 ? 57  MET A CB  1 
ATOM   422  C CG  . MET A 1 57  ? 6.702   3.726   -5.730  1.00 9.76  ? 57  MET A CG  1 
ATOM   423  S SD  . MET A 1 57  ? 7.637   4.365   -4.354  1.00 11.83 ? 57  MET A SD  1 
ATOM   424  C CE  . MET A 1 57  ? 8.260   2.843   -3.614  1.00 12.11 ? 57  MET A CE  1 
ATOM   425  N N   . GLY A 1 58  ? 3.960   4.300   -8.056  1.00 10.94 ? 58  GLY A N   1 
ATOM   426  C CA  . GLY A 1 58  ? 4.016   5.049   -9.324  1.00 12.00 ? 58  GLY A CA  1 
ATOM   427  C C   . GLY A 1 58  ? 5.176   6.056   -9.165  1.00 13.18 ? 58  GLY A C   1 
ATOM   428  O O   . GLY A 1 58  ? 5.693   6.215   -8.067  1.00 9.90  ? 58  GLY A O   1 
ATOM   429  N N   . ARG A 1 59  ? 5.536   6.755   -10.243 1.00 14.89 ? 59  ARG A N   1 
ATOM   430  C CA  . ARG A 1 59  ? 6.659   7.717   -10.143 1.00 18.75 ? 59  ARG A CA  1 
ATOM   431  C C   . ARG A 1 59  ? 6.394   8.941   -9.277  1.00 18.23 ? 59  ARG A C   1 
ATOM   432  O O   . ARG A 1 59  ? 7.375   9.395   -8.619  1.00 14.63 ? 59  ARG A O   1 
ATOM   433  C CB  . ARG A 1 59  ? 7.224   8.126   -11.506 1.00 21.04 ? 59  ARG A CB  1 
ATOM   434  C CG  . ARG A 1 59  ? 8.265   9.227   -11.433 1.00 26.23 ? 59  ARG A CG  1 
ATOM   435  C CD  . ARG A 1 59  ? 8.104   10.246  -12.471 1.00 31.65 ? 59  ARG A CD  1 
ATOM   436  N NE  . ARG A 1 59  ? 6.856   10.654  -13.022 1.00 36.65 ? 59  ARG A NE  1 
ATOM   437  C CZ  . ARG A 1 59  ? 5.967   11.622  -13.180 1.00 38.20 ? 59  ARG A CZ  1 
ATOM   438  N NH1 . ARG A 1 59  ? 6.031   12.880  -12.707 1.00 38.68 ? 59  ARG A NH1 1 
ATOM   439  N NH2 . ARG A 1 59  ? 4.864   11.319  -13.902 1.00 39.21 ? 59  ARG A NH2 1 
ATOM   440  N N   . LYS A 1 60  ? 5.180   9.456   -9.226  1.00 17.24 ? 60  LYS A N   1 
ATOM   441  C CA  . LYS A 1 60  ? 4.917   10.629  -8.378  1.00 19.68 ? 60  LYS A CA  1 
ATOM   442  C C   . LYS A 1 60  ? 5.066   10.304  -6.904  1.00 17.51 ? 60  LYS A C   1 
ATOM   443  O O   . LYS A 1 60  ? 5.521   11.128  -6.087  1.00 16.38 ? 60  LYS A O   1 
ATOM   444  C CB  . LYS A 1 60  ? 3.544   11.288  -8.507  1.00 22.90 ? 60  LYS A CB  1 
ATOM   445  C CG  . LYS A 1 60  ? 3.118   11.832  -9.839  1.00 29.65 ? 60  LYS A CG  1 
ATOM   446  C CD  . LYS A 1 60  ? 3.945   12.965  -10.428 1.00 32.43 ? 60  LYS A CD  1 
ATOM   447  C CE  . LYS A 1 60  ? 2.979   13.853  -11.213 1.00 34.27 ? 60  LYS A CE  1 
ATOM   448  N NZ  . LYS A 1 60  ? 3.592   15.161  -11.591 1.00 35.59 ? 60  LYS A NZ  1 
ATOM   449  N N   . THR A 1 61  ? 4.623   9.130   -6.497  1.00 18.07 ? 61  THR A N   1 
ATOM   450  C CA  . THR A 1 61  ? 4.753   8.652   -5.093  1.00 18.06 ? 61  THR A CA  1 
ATOM   451  C C   . THR A 1 61  ? 6.252   8.520   -4.719  1.00 17.55 ? 61  THR A C   1 
ATOM   452  O O   . THR A 1 61  ? 6.671   8.860   -3.599  1.00 19.84 ? 61  THR A O   1 
ATOM   453  C CB  . THR A 1 61  ? 4.070   7.257   -4.847  1.00 15.38 ? 61  THR A CB  1 
ATOM   454  O OG1 . THR A 1 61  ? 2.689   7.459   -5.168  1.00 17.74 ? 61  THR A OG1 1 
ATOM   455  C CG2 . THR A 1 61  ? 4.208   6.666   -3.436  1.00 14.64 ? 61  THR A CG2 1 
ATOM   456  N N   . TRP A 1 62  ? 7.026   7.932   -5.621  1.00 16.46 ? 62  TRP A N   1 
ATOM   457  C CA  . TRP A 1 62  ? 8.451   7.755   -5.430  1.00 16.81 ? 62  TRP A CA  1 
ATOM   458  C C   . TRP A 1 62  ? 9.059   9.132   -5.131  1.00 16.76 ? 62  TRP A C   1 
ATOM   459  O O   . TRP A 1 62  ? 9.842   9.331   -4.180  1.00 13.35 ? 62  TRP A O   1 
ATOM   460  C CB  . TRP A 1 62  ? 9.097   7.073   -6.671  1.00 16.31 ? 62  TRP A CB  1 
ATOM   461  C CG  . TRP A 1 62  ? 10.598  7.123   -6.692  1.00 18.11 ? 62  TRP A CG  1 
ATOM   462  C CD1 . TRP A 1 62  ? 11.414  7.959   -7.413  1.00 18.36 ? 62  TRP A CD1 1 
ATOM   463  C CD2 . TRP A 1 62  ? 11.499  6.276   -5.934  1.00 17.40 ? 62  TRP A CD2 1 
ATOM   464  N NE1 . TRP A 1 62  ? 12.750  7.706   -7.171  1.00 18.29 ? 62  TRP A NE1 1 
ATOM   465  C CE2 . TRP A 1 62  ? 12.812  6.682   -6.266  1.00 19.63 ? 62  TRP A CE2 1 
ATOM   466  C CE3 . TRP A 1 62  ? 11.291  5.249   -5.052  1.00 17.30 ? 62  TRP A CE3 1 
ATOM   467  C CZ2 . TRP A 1 62  ? 13.938  6.072   -5.709  1.00 19.65 ? 62  TRP A CZ2 1 
ATOM   468  C CZ3 . TRP A 1 62  ? 12.381  4.618   -4.517  1.00 19.20 ? 62  TRP A CZ3 1 
ATOM   469  C CH2 . TRP A 1 62  ? 13.692  5.022   -4.837  1.00 20.29 ? 62  TRP A CH2 1 
ATOM   470  N N   . GLU A 1 63  ? 8.667   10.096  -5.962  1.00 17.03 ? 63  GLU A N   1 
ATOM   471  C CA  . GLU A 1 63  ? 9.183   11.460  -5.850  1.00 21.45 ? 63  GLU A CA  1 
ATOM   472  C C   . GLU A 1 63  ? 8.786   12.313  -4.664  1.00 22.66 ? 63  GLU A C   1 
ATOM   473  O O   . GLU A 1 63  ? 9.369   13.388  -4.523  1.00 25.01 ? 63  GLU A O   1 
ATOM   474  C CB  . GLU A 1 63  ? 8.787   12.349  -7.028  1.00 25.05 ? 63  GLU A CB  1 
ATOM   475  C CG  . GLU A 1 63  ? 9.233   12.044  -8.427  1.00 28.66 ? 63  GLU A CG  1 
ATOM   476  C CD  . GLU A 1 63  ? 8.452   12.597  -9.609  1.00 33.23 ? 63  GLU A CD  1 
ATOM   477  O OE1 . GLU A 1 63  ? 7.318   13.121  -9.681  1.00 34.27 ? 63  GLU A OE1 1 
ATOM   478  O OE2 . GLU A 1 63  ? 9.192   12.463  -10.659 1.00 34.72 ? 63  GLU A OE2 1 
ATOM   479  N N   . SER A 1 64  ? 7.825   11.907  -3.883  1.00 21.43 ? 64  SER A N   1 
ATOM   480  C CA  . SER A 1 64  ? 7.185   12.399  -2.731  1.00 21.55 ? 64  SER A CA  1 
ATOM   481  C C   . SER A 1 64  ? 7.800   11.898  -1.429  1.00 20.61 ? 64  SER A C   1 
ATOM   482  O O   . SER A 1 64  ? 7.527   12.447  -0.358  1.00 21.76 ? 64  SER A O   1 
ATOM   483  C CB  . SER A 1 64  ? 5.728   11.844  -2.532  1.00 23.19 ? 64  SER A CB  1 
ATOM   484  O OG  . SER A 1 64  ? 4.944   12.163  -3.673  1.00 28.66 ? 64  SER A OG  1 
ATOM   485  N N   . ILE A 1 65  ? 8.580   10.836  -1.523  1.00 17.50 ? 65  ILE A N   1 
ATOM   486  C CA  . ILE A 1 65  ? 9.203   10.242  -0.323  1.00 16.29 ? 65  ILE A CA  1 
ATOM   487  C C   . ILE A 1 65  ? 10.474  11.030  0.013   1.00 16.11 ? 65  ILE A C   1 
ATOM   488  O O   . ILE A 1 65  ? 11.334  11.176  -0.872  1.00 11.66 ? 65  ILE A O   1 
ATOM   489  C CB  . ILE A 1 65  ? 9.440   8.741   -0.550  1.00 18.66 ? 65  ILE A CB  1 
ATOM   490  C CG1 . ILE A 1 65  ? 8.127   7.942   -0.699  1.00 17.63 ? 65  ILE A CG1 1 
ATOM   491  C CG2 . ILE A 1 65  ? 10.191  8.069   0.604   1.00 18.68 ? 65  ILE A CG2 1 
ATOM   492  C CD1 . ILE A 1 65  ? 8.351   6.503   -1.183  1.00 16.97 ? 65  ILE A CD1 1 
ATOM   493  N N   . PRO A 1 66  ? 10.573  11.565  1.236   1.00 14.80 ? 66  PRO A N   1 
ATOM   494  C CA  . PRO A 1 66  ? 11.782  12.360  1.603   1.00 15.33 ? 66  PRO A CA  1 
ATOM   495  C C   . PRO A 1 66  ? 13.035  11.533  1.313   1.00 14.53 ? 66  PRO A C   1 
ATOM   496  O O   . PRO A 1 66  ? 12.999  10.296  1.421   1.00 14.58 ? 66  PRO A O   1 
ATOM   497  C CB  . PRO A 1 66  ? 11.541  12.698  3.088   1.00 14.34 ? 66  PRO A CB  1 
ATOM   498  C CG  . PRO A 1 66  ? 10.033  12.704  3.152   1.00 13.49 ? 66  PRO A CG  1 
ATOM   499  C CD  . PRO A 1 66  ? 9.687   11.436  2.390   1.00 14.39 ? 66  PRO A CD  1 
ATOM   500  N N   . LEU A 1 67  ? 14.107  12.224  0.912   1.00 14.59 ? 67  LEU A N   1 
ATOM   501  C CA  . LEU A 1 67  ? 15.339  11.540  0.607   1.00 15.64 ? 67  LEU A CA  1 
ATOM   502  C C   . LEU A 1 67  ? 15.906  10.644  1.685   1.00 15.01 ? 67  LEU A C   1 
ATOM   503  O O   . LEU A 1 67  ? 16.548  9.619   1.344   1.00 13.59 ? 67  LEU A O   1 
ATOM   504  C CB  . LEU A 1 67  ? 16.397  12.594  0.161   1.00 18.81 ? 67  LEU A CB  1 
ATOM   505  C CG  . LEU A 1 67  ? 16.312  13.064  -1.297  1.00 20.99 ? 67  LEU A CG  1 
ATOM   506  C CD1 . LEU A 1 67  ? 17.547  13.925  -1.544  1.00 22.50 ? 67  LEU A CD1 1 
ATOM   507  C CD2 . LEU A 1 67  ? 16.296  11.835  -2.179  1.00 21.19 ? 67  LEU A CD2 1 
ATOM   508  N N   . GLN A 1 68  ? 15.795  10.978  2.933   1.00 14.46 ? 68  GLN A N   1 
ATOM   509  C CA  . GLN A 1 68  ? 16.340  10.174  4.034   1.00 14.30 ? 68  GLN A CA  1 
ATOM   510  C C   . GLN A 1 68  ? 15.564  8.860   4.182   1.00 13.82 ? 68  GLN A C   1 
ATOM   511  O O   . GLN A 1 68  ? 16.100  7.944   4.836   1.00 13.00 ? 68  GLN A O   1 
ATOM   512  C CB  . GLN A 1 68  ? 16.391  10.931  5.372   1.00 16.51 ? 68  GLN A CB  1 
ATOM   513  C CG  . GLN A 1 68  ? 15.029  11.198  6.051   1.00 18.24 ? 68  GLN A CG  1 
ATOM   514  C CD  . GLN A 1 68  ? 14.505  12.531  5.549   1.00 20.98 ? 68  GLN A CD  1 
ATOM   515  O OE1 . GLN A 1 68  ? 14.802  12.933  4.420   1.00 21.26 ? 68  GLN A OE1 1 
ATOM   516  N NE2 . GLN A 1 68  ? 13.803  13.260  6.413   1.00 19.98 ? 68  GLN A NE2 1 
ATOM   517  N N   . PHE A 1 69  ? 14.372  8.721   3.639   1.00 13.84 ? 69  PHE A N   1 
ATOM   518  C CA  . PHE A 1 69  ? 13.561  7.501   3.746   1.00 14.99 ? 69  PHE A CA  1 
ATOM   519  C C   . PHE A 1 69  ? 13.435  6.769   2.391   1.00 14.11 ? 69  PHE A C   1 
ATOM   520  O O   . PHE A 1 69  ? 12.591  5.873   2.344   1.00 13.71 ? 69  PHE A O   1 
ATOM   521  C CB  . PHE A 1 69  ? 12.080  7.843   4.130   1.00 14.74 ? 69  PHE A CB  1 
ATOM   522  C CG  . PHE A 1 69  ? 12.016  8.462   5.514   1.00 16.32 ? 69  PHE A CG  1 
ATOM   523  C CD1 . PHE A 1 69  ? 12.354  7.668   6.616   1.00 15.21 ? 69  PHE A CD1 1 
ATOM   524  C CD2 . PHE A 1 69  ? 11.642  9.804   5.640   1.00 15.61 ? 69  PHE A CD2 1 
ATOM   525  C CE1 . PHE A 1 69  ? 12.268  8.258   7.853   1.00 15.84 ? 69  PHE A CE1 1 
ATOM   526  C CE2 . PHE A 1 69  ? 11.581  10.391  6.900   1.00 16.30 ? 69  PHE A CE2 1 
ATOM   527  C CZ  . PHE A 1 69  ? 11.899  9.586   8.002   1.00 12.95 ? 69  PHE A CZ  1 
ATOM   528  N N   . ARG A 1 70  ? 14.161  7.192   1.390   1.00 13.18 ? 70  ARG A N   1 
ATOM   529  C CA  . ARG A 1 70  ? 14.035  6.593   0.047   1.00 14.21 ? 70  ARG A CA  1 
ATOM   530  C C   . ARG A 1 70  ? 15.300  5.922   -0.492  1.00 14.79 ? 70  ARG A C   1 
ATOM   531  O O   . ARG A 1 70  ? 16.335  6.578   -0.453  1.00 14.55 ? 70  ARG A O   1 
ATOM   532  C CB  . ARG A 1 70  ? 13.649  7.754   -0.899  1.00 14.83 ? 70  ARG A CB  1 
ATOM   533  C CG  . ARG A 1 70  ? 13.132  7.255   -2.243  1.00 19.46 ? 70  ARG A CG  1 
ATOM   534  C CD  . ARG A 1 70  ? 13.182  8.301   -3.288  1.00 23.62 ? 70  ARG A CD  1 
ATOM   535  N NE  . ARG A 1 70  ? 12.733  9.605   -2.825  1.00 26.56 ? 70  ARG A NE  1 
ATOM   536  C CZ  . ARG A 1 70  ? 12.891  10.683  -3.645  1.00 29.48 ? 70  ARG A CZ  1 
ATOM   537  N NH1 . ARG A 1 70  ? 13.374  10.510  -4.884  1.00 27.97 ? 70  ARG A NH1 1 
ATOM   538  N NH2 . ARG A 1 70  ? 12.545  11.907  -3.233  1.00 27.96 ? 70  ARG A NH2 1 
ATOM   539  N N   . PRO A 1 71  ? 15.230  4.701   -0.989  1.00 12.85 ? 71  PRO A N   1 
ATOM   540  C CA  . PRO A 1 71  ? 14.086  3.821   -1.127  1.00 10.81 ? 71  PRO A CA  1 
ATOM   541  C C   . PRO A 1 71  ? 13.624  3.424   0.254   1.00 10.72 ? 71  PRO A C   1 
ATOM   542  O O   . PRO A 1 71  ? 14.357  3.590   1.233   1.00 8.33  ? 71  PRO A O   1 
ATOM   543  C CB  . PRO A 1 71  ? 14.715  2.530   -1.761  1.00 11.45 ? 71  PRO A CB  1 
ATOM   544  C CG  . PRO A 1 71  ? 16.131  2.590   -1.268  1.00 8.44  ? 71  PRO A CG  1 
ATOM   545  C CD  . PRO A 1 71  ? 16.482  4.050   -1.470  1.00 11.46 ? 71  PRO A CD  1 
ATOM   546  N N   . LEU A 1 72  ? 12.315  2.980   0.258   1.00 10.60 ? 72  LEU A N   1 
ATOM   547  C CA  . LEU A 1 72  ? 11.713  2.537   1.524   1.00 9.64  ? 72  LEU A CA  1 
ATOM   548  C C   . LEU A 1 72  ? 12.581  1.462   2.151   1.00 10.57 ? 72  LEU A C   1 
ATOM   549  O O   . LEU A 1 72  ? 12.788  0.378   1.520   1.00 11.11 ? 72  LEU A O   1 
ATOM   550  C CB  . LEU A 1 72  ? 10.278  2.087   1.161   1.00 10.36 ? 72  LEU A CB  1 
ATOM   551  C CG  . LEU A 1 72  ? 9.350   3.231   0.762   1.00 9.75  ? 72  LEU A CG  1 
ATOM   552  C CD1 . LEU A 1 72  ? 7.879   2.805   0.713   1.00 10.80 ? 72  LEU A CD1 1 
ATOM   553  C CD2 . LEU A 1 72  ? 9.414   4.409   1.729   1.00 11.22 ? 72  LEU A CD2 1 
ATOM   554  N N   . LYS A 1 73  ? 13.124  1.650   3.357   1.00 11.06 ? 73  LYS A N   1 
ATOM   555  C CA  . LYS A 1 73  ? 14.047  0.732   4.004   1.00 9.18  ? 73  LYS A CA  1 
ATOM   556  C C   . LYS A 1 73  ? 13.516  -0.610  4.386   1.00 9.77  ? 73  LYS A C   1 
ATOM   557  O O   . LYS A 1 73  ? 12.381  -0.754  4.787   1.00 10.96 ? 73  LYS A O   1 
ATOM   558  C CB  . LYS A 1 73  ? 14.781  1.377   5.224   1.00 8.52  ? 73  LYS A CB  1 
ATOM   559  C CG  . LYS A 1 73  ? 15.477  2.678   4.812   1.00 9.51  ? 73  LYS A CG  1 
ATOM   560  C CD  . LYS A 1 73  ? 15.975  3.313   6.180   1.00 8.67  ? 73  LYS A CD  1 
ATOM   561  C CE  . LYS A 1 73  ? 16.610  4.649   5.941   1.00 8.48  ? 73  LYS A CE  1 
ATOM   562  N NZ  . LYS A 1 73  ? 17.529  5.042   7.099   1.00 10.88 ? 73  LYS A NZ  1 
ATOM   563  N N   . GLY A 1 74  ? 14.325  -1.617  4.159   1.00 8.72  ? 74  GLY A N   1 
ATOM   564  C CA  . GLY A 1 74  ? 13.967  -3.026  4.452   1.00 9.62  ? 74  GLY A CA  1 
ATOM   565  C C   . GLY A 1 74  ? 12.866  -3.647  3.593   1.00 9.52  ? 74  GLY A C   1 
ATOM   566  O O   . GLY A 1 74  ? 12.369  -4.754  3.918   1.00 11.45 ? 74  GLY A O   1 
ATOM   567  N N   . ARG A 1 75  ? 12.453  -3.003  2.563   1.00 10.10 ? 75  ARG A N   1 
ATOM   568  C CA  . ARG A 1 75  ? 11.408  -3.457  1.659   1.00 9.46  ? 75  ARG A CA  1 
ATOM   569  C C   . ARG A 1 75  ? 11.992  -3.426  0.260   1.00 9.64  ? 75  ARG A C   1 
ATOM   570  O O   . ARG A 1 75  ? 12.887  -2.593  0.048   1.00 9.08  ? 75  ARG A O   1 
ATOM   571  C CB  . ARG A 1 75  ? 10.146  -2.531  1.707   1.00 6.97  ? 75  ARG A CB  1 
ATOM   572  C CG  . ARG A 1 75  ? 9.395   -2.851  3.066   1.00 5.55  ? 75  ARG A CG  1 
ATOM   573  C CD  . ARG A 1 75  ? 8.610   -1.620  3.400   1.00 8.24  ? 75  ARG A CD  1 
ATOM   574  N NE  . ARG A 1 75  ? 9.495   -0.657  4.006   1.00 9.29  ? 75  ARG A NE  1 
ATOM   575  C CZ  . ARG A 1 75  ? 9.092   0.512   4.506   1.00 11.08 ? 75  ARG A CZ  1 
ATOM   576  N NH1 . ARG A 1 75  ? 7.826   0.927   4.460   1.00 9.11  ? 75  ARG A NH1 1 
ATOM   577  N NH2 . ARG A 1 75  ? 10.085  1.186   5.009   1.00 10.22 ? 75  ARG A NH2 1 
ATOM   578  N N   . ILE A 1 76  ? 11.464  -4.264  -0.605  1.00 10.93 ? 76  ILE A N   1 
ATOM   579  C CA  . ILE A 1 76  ? 11.953  -4.233  -2.043  1.00 9.22  ? 76  ILE A CA  1 
ATOM   580  C C   . ILE A 1 76  ? 11.154  -3.169  -2.778  1.00 10.17 ? 76  ILE A C   1 
ATOM   581  O O   . ILE A 1 76  ? 9.935   -3.326  -2.740  1.00 7.50  ? 76  ILE A O   1 
ATOM   582  C CB  . ILE A 1 76  ? 11.792  -5.631  -2.730  1.00 11.37 ? 76  ILE A CB  1 
ATOM   583  C CG1 . ILE A 1 76  ? 12.715  -6.697  -2.141  1.00 10.09 ? 76  ILE A CG1 1 
ATOM   584  C CG2 . ILE A 1 76  ? 12.073  -5.579  -4.235  1.00 10.97 ? 76  ILE A CG2 1 
ATOM   585  C CD1 . ILE A 1 76  ? 12.073  -8.086  -2.129  1.00 12.34 ? 76  ILE A CD1 1 
ATOM   586  N N   . ASN A 1 77  ? 11.727  -2.110  -3.319  1.00 6.84  ? 77  ASN A N   1 
ATOM   587  C CA  . ASN A 1 77  ? 11.009  -1.057  -3.986  1.00 10.23 ? 77  ASN A CA  1 
ATOM   588  C C   . ASN A 1 77  ? 10.940  -1.250  -5.525  1.00 11.49 ? 77  ASN A C   1 
ATOM   589  O O   . ASN A 1 77  ? 12.006  -1.452  -6.107  1.00 9.12  ? 77  ASN A O   1 
ATOM   590  C CB  . ASN A 1 77  ? 11.621  0.335   -3.753  1.00 9.08  ? 77  ASN A CB  1 
ATOM   591  C CG  . ASN A 1 77  ? 11.614  0.759   -2.311  1.00 7.99  ? 77  ASN A CG  1 
ATOM   592  O OD1 . ASN A 1 77  ? 11.230  1.909   -2.104  1.00 12.03 ? 77  ASN A OD1 1 
ATOM   593  N ND2 . ASN A 1 77  ? 12.079  -0.016  -1.380  1.00 8.28  ? 77  ASN A ND2 1 
ATOM   594  N N   . VAL A 1 78  ? 9.724   -1.131  -6.036  1.00 10.83 ? 78  VAL A N   1 
ATOM   595  C CA  . VAL A 1 78  ? 9.500   -1.212  -7.486  1.00 12.46 ? 78  VAL A CA  1 
ATOM   596  C C   . VAL A 1 78  ? 8.675   0.036   -7.898  1.00 13.58 ? 78  VAL A C   1 
ATOM   597  O O   . VAL A 1 78  ? 7.597   0.219   -7.303  1.00 12.11 ? 78  VAL A O   1 
ATOM   598  C CB  . VAL A 1 78  ? 8.838   -2.498  -7.946  1.00 10.88 ? 78  VAL A CB  1 
ATOM   599  C CG1 . VAL A 1 78  ? 8.771   -2.600  -9.488  1.00 11.06 ? 78  VAL A CG1 1 
ATOM   600  C CG2 . VAL A 1 78  ? 9.352   -3.773  -7.299  1.00 13.85 ? 78  VAL A CG2 1 
ATOM   601  N N   . VAL A 1 79  ? 9.218   0.829   -8.819  1.00 12.84 ? 79  VAL A N   1 
ATOM   602  C CA  . VAL A 1 79  ? 8.602   2.022   -9.354  1.00 13.23 ? 79  VAL A CA  1 
ATOM   603  C C   . VAL A 1 79  ? 8.103   1.746   -10.785 1.00 17.48 ? 79  VAL A C   1 
ATOM   604  O O   . VAL A 1 79  ? 8.779   1.232   -11.646 1.00 17.09 ? 79  VAL A O   1 
ATOM   605  C CB  . VAL A 1 79  ? 9.475   3.262   -9.285  1.00 12.40 ? 79  VAL A CB  1 
ATOM   606  C CG1 . VAL A 1 79  ? 8.893   4.534   -9.901  1.00 9.86  ? 79  VAL A CG1 1 
ATOM   607  C CG2 . VAL A 1 79  ? 9.928   3.473   -7.837  1.00 15.23 ? 79  VAL A CG2 1 
ATOM   608  N N   . ILE A 1 80  ? 6.849   2.021   -11.023 1.00 20.40 ? 80  ILE A N   1 
ATOM   609  C CA  . ILE A 1 80  ? 6.169   1.795   -12.288 1.00 25.13 ? 80  ILE A CA  1 
ATOM   610  C C   . ILE A 1 80  ? 6.187   3.107   -13.059 1.00 30.46 ? 80  ILE A C   1 
ATOM   611  O O   . ILE A 1 80  ? 5.618   4.115   -12.675 1.00 30.96 ? 80  ILE A O   1 
ATOM   612  C CB  . ILE A 1 80  ? 4.775   1.137   -12.048 1.00 25.19 ? 80  ILE A CB  1 
ATOM   613  C CG1 . ILE A 1 80  ? 5.003   -0.325  -11.633 1.00 24.61 ? 80  ILE A CG1 1 
ATOM   614  C CG2 . ILE A 1 80  ? 3.947   1.274   -13.367 1.00 25.98 ? 80  ILE A CG2 1 
ATOM   615  C CD1 . ILE A 1 80  ? 4.466   -0.892  -10.319 1.00 24.55 ? 80  ILE A CD1 1 
ATOM   616  N N   . THR A 1 81  ? 6.887   3.085   -14.155 1.00 35.43 ? 81  THR A N   1 
ATOM   617  C CA  . THR A 1 81  ? 7.144   4.163   -15.122 1.00 42.09 ? 81  THR A CA  1 
ATOM   618  C C   . THR A 1 81  ? 7.085   3.545   -16.527 1.00 45.90 ? 81  THR A C   1 
ATOM   619  O O   . THR A 1 81  ? 7.711   2.471   -16.735 1.00 45.50 ? 81  THR A O   1 
ATOM   620  C CB  . THR A 1 81  ? 8.498   4.796   -14.583 1.00 42.90 ? 81  THR A CB  1 
ATOM   621  O OG1 . THR A 1 81  ? 8.989   5.764   -15.501 1.00 44.17 ? 81  THR A OG1 1 
ATOM   622  C CG2 . THR A 1 81  ? 9.612   3.768   -14.371 1.00 42.45 ? 81  THR A CG2 1 
ATOM   623  N N   . ARG A 1 82  ? 6.346   4.088   -17.489 1.00 49.73 ? 82  ARG A N   1 
ATOM   624  C CA  . ARG A 1 82  ? 6.251   3.572   -18.868 1.00 53.97 ? 82  ARG A CA  1 
ATOM   625  C C   . ARG A 1 82  ? 7.382   4.190   -19.716 1.00 56.21 ? 82  ARG A C   1 
ATOM   626  O O   . ARG A 1 82  ? 8.213   3.441   -20.282 1.00 57.73 ? 82  ARG A O   1 
ATOM   627  C CB  . ARG A 1 82  ? 4.955   3.818   -19.594 1.00 56.35 ? 82  ARG A CB  1 
ATOM   628  C CG  . ARG A 1 82  ? 3.875   2.772   -19.450 1.00 58.77 ? 82  ARG A CG  1 
ATOM   629  C CD  . ARG A 1 82  ? 3.949   1.713   -20.519 1.00 41.20 ? 82  ARG A CD  1 
ATOM   630  N NE  . ARG A 1 82  ? 2.932   0.734   -20.184 1.00 43.75 ? 82  ARG A NE  1 
ATOM   631  C CZ  . ARG A 1 82  ? 2.550   -0.442  -20.652 1.00 45.36 ? 82  ARG A CZ  1 
ATOM   632  N NH1 . ARG A 1 82  ? 3.136   -1.035  -21.701 1.00 46.06 ? 82  ARG A NH1 1 
ATOM   633  N NH2 . ARG A 1 82  ? 1.522   -1.083  -20.054 1.00 45.97 ? 82  ARG A NH2 1 
ATOM   634  N N   . ASN A 1 83  ? 7.393   5.512   -19.813 1.00 56.93 ? 83  ASN A N   1 
ATOM   635  C CA  . ASN A 1 83  ? 8.463   6.247   -20.521 1.00 56.85 ? 83  ASN A CA  1 
ATOM   636  C C   . ASN A 1 83  ? 9.596   6.274   -19.453 1.00 56.86 ? 83  ASN A C   1 
ATOM   637  O O   . ASN A 1 83  ? 9.781   7.377   -18.896 1.00 57.97 ? 83  ASN A O   1 
ATOM   638  C CB  . ASN A 1 83  ? 8.256   7.721   -20.827 1.00 57.44 ? 83  ASN A CB  1 
ATOM   639  C CG  . ASN A 1 83  ? 7.256   8.045   -21.904 1.00 59.44 ? 83  ASN A CG  1 
ATOM   640  O OD1 . ASN A 1 83  ? 6.974   7.153   -22.737 1.00 40.85 ? 83  ASN A OD1 1 
ATOM   641  N ND2 . ASN A 1 83  ? 6.728   9.275   -21.916 1.00 59.82 ? 83  ASN A ND2 1 
ATOM   642  N N   . GLU A 1 84  ? 10.233  5.156   -19.190 1.00 55.43 ? 84  GLU A N   1 
ATOM   643  C CA  . GLU A 1 84  ? 11.254  5.167   -18.154 1.00 53.66 ? 84  GLU A CA  1 
ATOM   644  C C   . GLU A 1 84  ? 12.479  5.984   -18.490 1.00 53.87 ? 84  GLU A C   1 
ATOM   645  O O   . GLU A 1 84  ? 13.460  5.371   -18.994 1.00 50.97 ? 84  GLU A O   1 
ATOM   646  C CB  . GLU A 1 84  ? 11.819  3.811   -17.697 1.00 53.35 ? 84  GLU A CB  1 
ATOM   647  C CG  . GLU A 1 84  ? 10.975  2.784   -16.996 1.00 52.78 ? 84  GLU A CG  1 
ATOM   648  C CD  . GLU A 1 84  ? 10.248  1.709   -17.753 1.00 51.63 ? 84  GLU A CD  1 
ATOM   649  O OE1 . GLU A 1 84  ? 9.943   1.762   -18.934 1.00 48.55 ? 84  GLU A OE1 1 
ATOM   650  O OE2 . GLU A 1 84  ? 9.990   0.759   -16.937 1.00 51.01 ? 84  GLU A OE2 1 
ATOM   651  N N   . SER A 1 85  ? 12.414  7.268   -18.187 1.00 54.11 ? 85  SER A N   1 
ATOM   652  C CA  . SER A 1 85  ? 13.677  8.036   -18.486 1.00 55.51 ? 85  SER A CA  1 
ATOM   653  C C   . SER A 1 85  ? 13.954  8.531   -17.070 1.00 57.03 ? 85  SER A C   1 
ATOM   654  O O   . SER A 1 85  ? 14.267  9.701   -16.880 1.00 58.98 ? 85  SER A O   1 
ATOM   655  C CB  . SER A 1 85  ? 13.618  8.980   -19.652 1.00 54.63 ? 85  SER A CB  1 
ATOM   656  O OG  . SER A 1 85  ? 13.698  8.260   -20.874 1.00 52.03 ? 85  SER A OG  1 
ATOM   657  N N   . LEU A 1 86  ? 13.795  7.578   -16.142 1.00 57.73 ? 86  LEU A N   1 
ATOM   658  C CA  . LEU A 1 86  ? 14.048  7.921   -14.726 1.00 58.78 ? 86  LEU A CA  1 
ATOM   659  C C   . LEU A 1 86  ? 15.394  7.351   -14.281 1.00 58.79 ? 86  LEU A C   1 
ATOM   660  O O   . LEU A 1 86  ? 15.647  6.179   -14.586 1.00 59.40 ? 86  LEU A O   1 
ATOM   661  C CB  . LEU A 1 86  ? 12.879  7.433   -13.860 1.00 58.94 ? 86  LEU A CB  1 
ATOM   662  C CG  . LEU A 1 86  ? 12.644  8.108   -12.515 1.00 58.71 ? 86  LEU A CG  1 
ATOM   663  C CD1 . LEU A 1 86  ? 12.062  9.512   -12.670 1.00 58.67 ? 86  LEU A CD1 1 
ATOM   664  C CD2 . LEU A 1 86  ? 11.658  7.251   -11.726 1.00 58.79 ? 86  LEU A CD2 1 
ATOM   665  N N   . ASP A 1 87  ? 16.167  8.164   -13.600 1.00 59.54 ? 87  ASP A N   1 
ATOM   666  C CA  . ASP A 1 87  ? 17.473  7.770   -13.066 1.00 40.68 ? 87  ASP A CA  1 
ATOM   667  C C   . ASP A 1 87  ? 17.189  7.157   -11.675 1.00 59.76 ? 87  ASP A C   1 
ATOM   668  O O   . ASP A 1 87  ? 17.214  7.901   -10.681 1.00 59.58 ? 87  ASP A O   1 
ATOM   669  C CB  . ASP A 1 87  ? 18.500  8.882   -12.890 1.00 43.39 ? 87  ASP A CB  1 
ATOM   670  C CG  . ASP A 1 87  ? 19.028  9.589   -14.119 1.00 45.08 ? 87  ASP A CG  1 
ATOM   671  O OD1 . ASP A 1 87  ? 18.256  10.379  -14.718 1.00 46.43 ? 87  ASP A OD1 1 
ATOM   672  O OD2 . ASP A 1 87  ? 20.190  9.409   -14.519 1.00 45.63 ? 87  ASP A OD2 1 
ATOM   673  N N   . LEU A 1 88  ? 16.894  5.872   -11.684 1.00 58.44 ? 88  LEU A N   1 
ATOM   674  C CA  . LEU A 1 88  ? 16.631  5.140   -10.434 1.00 57.75 ? 88  LEU A CA  1 
ATOM   675  C C   . LEU A 1 88  ? 18.035  4.576   -10.089 1.00 57.93 ? 88  LEU A C   1 
ATOM   676  O O   . LEU A 1 88  ? 18.916  4.558   -10.965 1.00 58.76 ? 88  LEU A O   1 
ATOM   677  C CB  . LEU A 1 88  ? 15.569  4.062   -10.443 1.00 55.59 ? 88  LEU A CB  1 
ATOM   678  C CG  . LEU A 1 88  ? 14.089  4.304   -10.623 1.00 53.24 ? 88  LEU A CG  1 
ATOM   679  C CD1 . LEU A 1 88  ? 13.363  2.956   -10.587 1.00 52.17 ? 88  LEU A CD1 1 
ATOM   680  C CD2 . LEU A 1 88  ? 13.622  5.257   -9.543  1.00 52.26 ? 88  LEU A CD2 1 
ATOM   681  N N   . GLY A 1 89  ? 18.190  4.173   -8.839  1.00 57.81 ? 89  GLY A N   1 
ATOM   682  C CA  . GLY A 1 89  ? 19.482  3.627   -8.400  1.00 55.56 ? 89  GLY A CA  1 
ATOM   683  C C   . GLY A 1 89  ? 19.525  2.103   -8.565  1.00 53.83 ? 89  GLY A C   1 
ATOM   684  O O   . GLY A 1 89  ? 18.717  1.339   -9.103  1.00 52.58 ? 89  GLY A O   1 
ATOM   685  N N   . ASN A 1 90  ? 20.628  1.702   -7.970  1.00 52.85 ? 90  ASN A N   1 
ATOM   686  C CA  . ASN A 1 90  ? 21.081  0.293   -7.882  1.00 51.43 ? 90  ASN A CA  1 
ATOM   687  C C   . ASN A 1 90  ? 20.206  -0.325  -6.813  1.00 48.35 ? 90  ASN A C   1 
ATOM   688  O O   . ASN A 1 90  ? 20.080  0.262   -5.706  1.00 49.25 ? 90  ASN A O   1 
ATOM   689  C CB  . ASN A 1 90  ? 22.579  0.479   -7.675  1.00 54.60 ? 90  ASN A CB  1 
ATOM   690  C CG  . ASN A 1 90  ? 23.450  -0.743  -7.407  1.00 56.88 ? 90  ASN A CG  1 
ATOM   691  O OD1 . ASN A 1 90  ? 22.955  -1.790  -7.028  1.00 58.49 ? 90  ASN A OD1 1 
ATOM   692  N ND2 . ASN A 1 90  ? 24.766  -0.642  -7.579  1.00 57.76 ? 90  ASN A ND2 1 
ATOM   693  N N   . GLY A 1 91  ? 19.582  -1.434  -7.138  1.00 44.63 ? 91  GLY A N   1 
ATOM   694  C CA  . GLY A 1 91  ? 18.692  -2.123  -6.166  1.00 40.21 ? 91  GLY A CA  1 
ATOM   695  C C   . GLY A 1 91  ? 17.216  -1.711  -6.233  1.00 36.26 ? 91  GLY A C   1 
ATOM   696  O O   . GLY A 1 91  ? 16.311  -2.347  -5.668  1.00 36.08 ? 91  GLY A O   1 
ATOM   697  N N   . ILE A 1 92  ? 16.924  -0.636  -6.930  1.00 31.84 ? 92  ILE A N   1 
ATOM   698  C CA  . ILE A 1 92  ? 15.569  -0.146  -7.098  1.00 28.82 ? 92  ILE A CA  1 
ATOM   699  C C   . ILE A 1 92  ? 15.091  -0.776  -8.439  1.00 27.02 ? 92  ILE A C   1 
ATOM   700  O O   . ILE A 1 92  ? 15.771  -0.596  -9.457  1.00 25.75 ? 92  ILE A O   1 
ATOM   701  C CB  . ILE A 1 92  ? 15.392  1.402   -7.145  1.00 26.27 ? 92  ILE A CB  1 
ATOM   702  C CG1 . ILE A 1 92  ? 16.105  2.235   -6.046  1.00 25.66 ? 92  ILE A CG1 1 
ATOM   703  C CG2 . ILE A 1 92  ? 13.882  1.729   -7.062  1.00 26.86 ? 92  ILE A CG2 1 
ATOM   704  C CD1 . ILE A 1 92  ? 15.974  1.430   -4.739  1.00 24.81 ? 92  ILE A CD1 1 
ATOM   705  N N   . HIS A 1 93  ? 13.930  -1.426  -8.412  1.00 21.22 ? 93  HIS A N   1 
ATOM   706  C CA  . HIS A 1 93  ? 13.446  -1.940  -9.717  1.00 18.29 ? 93  HIS A CA  1 
ATOM   707  C C   . HIS A 1 93  ? 12.496  -0.974  -10.417 1.00 17.92 ? 93  HIS A C   1 
ATOM   708  O O   . HIS A 1 93  ? 11.839  -0.144  -9.777  1.00 17.45 ? 93  HIS A O   1 
ATOM   709  C CB  . HIS A 1 93  ? 12.738  -3.256  -9.448  1.00 18.02 ? 93  HIS A CB  1 
ATOM   710  C CG  . HIS A 1 93  ? 13.505  -4.283  -8.712  1.00 19.35 ? 93  HIS A CG  1 
ATOM   711  N ND1 . HIS A 1 93  ? 14.531  -4.998  -9.308  1.00 19.59 ? 93  HIS A ND1 1 
ATOM   712  C CD2 . HIS A 1 93  ? 13.399  -4.745  -7.464  1.00 18.71 ? 93  HIS A CD2 1 
ATOM   713  C CE1 . HIS A 1 93  ? 15.008  -5.830  -8.429  1.00 20.74 ? 93  HIS A CE1 1 
ATOM   714  N NE2 . HIS A 1 93  ? 14.310  -5.730  -7.312  1.00 18.96 ? 93  HIS A NE2 1 
ATOM   715  N N   . SER A 1 94  ? 12.300  -1.005  -11.732 1.00 16.71 ? 94  SER A N   1 
ATOM   716  C CA  . SER A 1 94  ? 11.346  -0.109  -12.432 1.00 18.53 ? 94  SER A CA  1 
ATOM   717  C C   . SER A 1 94  ? 10.611  -0.990  -13.384 1.00 16.88 ? 94  SER A C   1 
ATOM   718  O O   . SER A 1 94  ? 11.147  -2.010  -13.885 1.00 17.94 ? 94  SER A O   1 
ATOM   719  C CB  . SER A 1 94  ? 12.035  1.086   -13.085 1.00 20.27 ? 94  SER A CB  1 
ATOM   720  O OG  . SER A 1 94  ? 12.597  0.507   -14.269 1.00 25.28 ? 94  SER A OG  1 
ATOM   721  N N   . ALA A 1 95  ? 9.351   -0.711  -13.668 1.00 16.42 ? 95  ALA A N   1 
ATOM   722  C CA  . ALA A 1 95  ? 8.615   -1.626  -14.591 1.00 15.43 ? 95  ALA A CA  1 
ATOM   723  C C   . ALA A 1 95  ? 7.670   -0.691  -15.295 1.00 17.55 ? 95  ALA A C   1 
ATOM   724  O O   . ALA A 1 95  ? 7.444   0.446   -14.780 1.00 16.03 ? 95  ALA A O   1 
ATOM   725  C CB  . ALA A 1 95  ? 8.045   -2.772  -13.805 1.00 17.25 ? 95  ALA A CB  1 
ATOM   726  N N   . LYS A 1 96  ? 7.156   -1.181  -16.404 1.00 18.21 ? 96  LYS A N   1 
ATOM   727  C CA  . LYS A 1 96  ? 6.282   -0.321  -17.225 1.00 21.17 ? 96  LYS A CA  1 
ATOM   728  C C   . LYS A 1 96  ? 4.820   -0.258  -16.829 1.00 20.02 ? 96  LYS A C   1 
ATOM   729  O O   . LYS A 1 96  ? 4.100   0.666   -17.228 1.00 22.79 ? 96  LYS A O   1 
ATOM   730  C CB  . LYS A 1 96  ? 6.283   -0.995  -18.615 1.00 22.59 ? 96  LYS A CB  1 
ATOM   731  C CG  . LYS A 1 96  ? 7.496   -0.673  -19.465 1.00 25.38 ? 96  LYS A CG  1 
ATOM   732  C CD  . LYS A 1 96  ? 7.302   -1.437  -20.777 1.00 29.19 ? 96  LYS A CD  1 
ATOM   733  C CE  . LYS A 1 96  ? 8.593   -1.974  -21.391 1.00 29.20 ? 96  LYS A CE  1 
ATOM   734  N NZ  . LYS A 1 96  ? 9.181   -3.046  -20.516 1.00 29.57 ? 96  LYS A NZ  1 
ATOM   735  N N   . SER A 1 97  ? 4.420   -1.313  -16.185 1.00 18.28 ? 97  SER A N   1 
ATOM   736  C CA  . SER A 1 97  ? 3.046   -1.548  -15.751 1.00 18.50 ? 97  SER A CA  1 
ATOM   737  C C   . SER A 1 97  ? 3.107   -2.504  -14.576 1.00 18.40 ? 97  SER A C   1 
ATOM   738  O O   . SER A 1 97  ? 4.222   -2.988  -14.272 1.00 19.35 ? 97  SER A O   1 
ATOM   739  C CB  . SER A 1 97  ? 2.309   -2.235  -16.927 1.00 14.96 ? 97  SER A CB  1 
ATOM   740  O OG  . SER A 1 97  ? 2.616   -3.627  -16.884 1.00 15.20 ? 97  SER A OG  1 
ATOM   741  N N   . LEU A 1 98  ? 1.977   -2.835  -13.979 1.00 18.62 ? 98  LEU A N   1 
ATOM   742  C CA  . LEU A 1 98  ? 1.889   -3.751  -12.847 1.00 17.75 ? 98  LEU A CA  1 
ATOM   743  C C   . LEU A 1 98  ? 2.162   -5.177  -13.226 1.00 17.21 ? 98  LEU A C   1 
ATOM   744  O O   . LEU A 1 98  ? 2.815   -5.941  -12.487 1.00 14.96 ? 98  LEU A O   1 
ATOM   745  C CB  . LEU A 1 98  ? 0.565   -3.422  -12.131 1.00 18.83 ? 98  LEU A CB  1 
ATOM   746  C CG  . LEU A 1 98  ? 0.015   -4.484  -11.188 1.00 19.93 ? 98  LEU A CG  1 
ATOM   747  C CD1 . LEU A 1 98  ? 0.782   -4.432  -9.854  1.00 20.35 ? 98  LEU A CD1 1 
ATOM   748  C CD2 . LEU A 1 98  ? -1.460  -4.126  -10.987 1.00 19.11 ? 98  LEU A CD2 1 
ATOM   749  N N   . ASP A 1 99  ? 1.664   -5.622  -14.370 1.00 19.95 ? 99  ASP A N   1 
ATOM   750  C CA  . ASP A 1 99  ? 1.933   -7.010  -14.779 1.00 21.18 ? 99  ASP A CA  1 
ATOM   751  C C   . ASP A 1 99  ? 3.431   -7.242  -15.121 1.00 18.07 ? 99  ASP A C   1 
ATOM   752  O O   . ASP A 1 99  ? 3.885   -8.376  -14.903 1.00 17.45 ? 99  ASP A O   1 
ATOM   753  C CB  . ASP A 1 99  ? 1.121   -7.376  -15.978 1.00 25.31 ? 99  ASP A CB  1 
ATOM   754  C CG  . ASP A 1 99  ? -0.358  -7.333  -15.672 1.00 27.76 ? 99  ASP A CG  1 
ATOM   755  O OD1 . ASP A 1 99  ? -0.869  -8.031  -14.795 1.00 29.23 ? 99  ASP A OD1 1 
ATOM   756  O OD2 . ASP A 1 99  ? -0.834  -6.477  -16.457 1.00 31.88 ? 99  ASP A OD2 1 
ATOM   757  N N   . HIS A 1 100 ? 3.994   -6.195  -15.658 1.00 18.50 ? 100 HIS A N   1 
ATOM   758  C CA  . HIS A 1 100 ? 5.452   -6.263  -16.009 1.00 20.03 ? 100 HIS A CA  1 
ATOM   759  C C   . HIS A 1 100 ? 6.247   -6.331  -14.714 1.00 17.06 ? 100 HIS A C   1 
ATOM   760  O O   . HIS A 1 100 ? 7.244   -7.004  -14.555 1.00 14.36 ? 100 HIS A O   1 
ATOM   761  C CB  . HIS A 1 100 ? 5.887   -5.044  -16.881 1.00 25.82 ? 100 HIS A CB  1 
ATOM   762  C CG  . HIS A 1 100 ? 5.144   -5.174  -18.207 1.00 32.88 ? 100 HIS A CG  1 
ATOM   763  N ND1 . HIS A 1 100 ? 5.656   -5.008  -19.484 1.00 34.11 ? 100 HIS A ND1 1 
ATOM   764  C CD2 . HIS A 1 100 ? 3.845   -5.557  -18.367 1.00 34.53 ? 100 HIS A CD2 1 
ATOM   765  C CE1 . HIS A 1 100 ? 4.678   -5.247  -20.345 1.00 35.48 ? 100 HIS A CE1 1 
ATOM   766  N NE2 . HIS A 1 100 ? 3.570   -5.589  -19.708 1.00 35.75 ? 100 HIS A NE2 1 
ATOM   767  N N   . ALA A 1 101 ? 5.803   -5.603  -13.688 1.00 14.01 ? 101 ALA A N   1 
ATOM   768  C CA  . ALA A 1 101 ? 6.481   -5.618  -12.383 1.00 14.68 ? 101 ALA A CA  1 
ATOM   769  C C   . ALA A 1 101 ? 6.432   -7.003  -11.770 1.00 15.23 ? 101 ALA A C   1 
ATOM   770  O O   . ALA A 1 101 ? 7.478   -7.515  -11.275 1.00 15.63 ? 101 ALA A O   1 
ATOM   771  C CB  . ALA A 1 101 ? 5.909   -4.486  -11.492 1.00 15.21 ? 101 ALA A CB  1 
ATOM   772  N N   . LEU A 1 102 ? 5.291   -7.698  -11.759 1.00 14.46 ? 102 LEU A N   1 
ATOM   773  C CA  . LEU A 1 102 ? 5.072   -9.009  -11.206 1.00 15.90 ? 102 LEU A CA  1 
ATOM   774  C C   . LEU A 1 102 ? 5.973   -10.041 -11.909 1.00 18.12 ? 102 LEU A C   1 
ATOM   775  O O   . LEU A 1 102 ? 6.509   -11.015 -11.343 1.00 17.81 ? 102 LEU A O   1 
ATOM   776  C CB  . LEU A 1 102 ? 3.558   -9.312  -11.269 1.00 16.18 ? 102 LEU A CB  1 
ATOM   777  C CG  . LEU A 1 102 ? 2.600   -8.498  -10.386 1.00 17.55 ? 102 LEU A CG  1 
ATOM   778  C CD1 . LEU A 1 102 ? 1.137   -8.778  -10.690 1.00 16.53 ? 102 LEU A CD1 1 
ATOM   779  C CD2 . LEU A 1 102 ? 2.911   -8.816  -8.916  1.00 16.53 ? 102 LEU A CD2 1 
ATOM   780  N N   . GLU A 1 103 ? 6.050   -9.784  -13.214 1.00 20.48 ? 103 GLU A N   1 
ATOM   781  C CA  . GLU A 1 103 ? 6.889   -10.644 -14.095 1.00 23.14 ? 103 GLU A CA  1 
ATOM   782  C C   . GLU A 1 103 ? 8.342   -10.581 -13.614 1.00 18.60 ? 103 GLU A C   1 
ATOM   783  O O   . GLU A 1 103 ? 8.888   -11.641 -13.307 1.00 20.08 ? 103 GLU A O   1 
ATOM   784  C CB  . GLU A 1 103 ? 6.867   -10.193 -15.560 1.00 25.09 ? 103 GLU A CB  1 
ATOM   785  C CG  . GLU A 1 103 ? 7.304   -11.249 -16.569 1.00 33.31 ? 103 GLU A CG  1 
ATOM   786  C CD  . GLU A 1 103 ? 8.214   -10.932 -17.739 1.00 37.16 ? 103 GLU A CD  1 
ATOM   787  O OE1 . GLU A 1 103 ? 7.962   -10.115 -18.655 1.00 38.02 ? 103 GLU A OE1 1 
ATOM   788  O OE2 . GLU A 1 103 ? 9.278   -11.653 -17.636 1.00 39.32 ? 103 GLU A OE2 1 
ATOM   789  N N   . LEU A 1 104 ? 8.826   -9.349  -13.529 1.00 16.47 ? 104 LEU A N   1 
ATOM   790  C CA  . LEU A 1 104 ? 10.227  -9.123  -13.068 1.00 17.67 ? 104 LEU A CA  1 
ATOM   791  C C   . LEU A 1 104 ? 10.462  -9.714  -11.691 1.00 17.15 ? 104 LEU A C   1 
ATOM   792  O O   . LEU A 1 104 ? 11.495  -10.384 -11.482 1.00 15.81 ? 104 LEU A O   1 
ATOM   793  C CB  . LEU A 1 104 ? 10.610  -7.707  -13.324 1.00 18.52 ? 104 LEU A CB  1 
ATOM   794  C CG  . LEU A 1 104 ? 10.874  -6.601  -12.381 1.00 22.30 ? 104 LEU A CG  1 
ATOM   795  C CD1 . LEU A 1 104 ? 11.797  -6.855  -11.199 1.00 20.24 ? 104 LEU A CD1 1 
ATOM   796  C CD2 . LEU A 1 104 ? 11.488  -5.499  -13.270 1.00 22.64 ? 104 LEU A CD2 1 
ATOM   797  N N   . LEU A 1 105 ? 9.494   -9.496  -10.771 1.00 15.85 ? 105 LEU A N   1 
ATOM   798  C CA  . LEU A 1 105 ? 9.589   -10.077 -9.425  1.00 15.77 ? 105 LEU A CA  1 
ATOM   799  C C   . LEU A 1 105 ? 9.663   -11.610 -9.377  1.00 15.31 ? 105 LEU A C   1 
ATOM   800  O O   . LEU A 1 105 ? 10.536  -12.150 -8.647  1.00 14.65 ? 105 LEU A O   1 
ATOM   801  C CB  . LEU A 1 105 ? 8.456   -9.591  -8.537  1.00 14.04 ? 105 LEU A CB  1 
ATOM   802  C CG  . LEU A 1 105 ? 8.388   -8.081  -8.317  1.00 15.16 ? 105 LEU A CG  1 
ATOM   803  C CD1 . LEU A 1 105 ? 7.016   -7.743  -7.682  1.00 16.82 ? 105 LEU A CD1 1 
ATOM   804  C CD2 . LEU A 1 105 ? 9.567   -7.664  -7.466  1.00 16.07 ? 105 LEU A CD2 1 
ATOM   805  N N   . TYR A 1 106 ? 8.795   -12.274 -10.089 1.00 14.81 ? 106 TYR A N   1 
ATOM   806  C CA  . TYR A 1 106 ? 8.829   -13.761 -10.022 1.00 18.84 ? 106 TYR A CA  1 
ATOM   807  C C   . TYR A 1 106 ? 10.086  -14.270 -10.736 1.00 21.48 ? 106 TYR A C   1 
ATOM   808  O O   . TYR A 1 106 ? 10.558  -15.314 -10.322 1.00 21.18 ? 106 TYR A O   1 
ATOM   809  C CB  . TYR A 1 106 ? 7.550   -14.325 -10.599 1.00 23.13 ? 106 TYR A CB  1 
ATOM   810  C CG  . TYR A 1 106 ? 6.358   -13.872 -9.766  1.00 25.86 ? 106 TYR A CG  1 
ATOM   811  C CD1 . TYR A 1 106 ? 6.374   -14.082 -8.382  1.00 28.39 ? 106 TYR A CD1 1 
ATOM   812  C CD2 . TYR A 1 106 ? 5.268   -13.231 -10.319 1.00 27.27 ? 106 TYR A CD2 1 
ATOM   813  C CE1 . TYR A 1 106 ? 5.303   -13.674 -7.554  1.00 30.09 ? 106 TYR A CE1 1 
ATOM   814  C CE2 . TYR A 1 106 ? 4.170   -12.852 -9.536  1.00 28.12 ? 106 TYR A CE2 1 
ATOM   815  C CZ  . TYR A 1 106 ? 4.193   -13.072 -8.173  1.00 30.09 ? 106 TYR A CZ  1 
ATOM   816  O OH  . TYR A 1 106 ? 3.114   -12.642 -7.415  1.00 32.91 ? 106 TYR A OH  1 
ATOM   817  N N   . ARG A 1 107 ? 10.547  -13.531 -11.728 1.00 22.72 ? 107 ARG A N   1 
ATOM   818  C CA  . ARG A 1 107 ? 11.796  -13.960 -12.463 1.00 23.86 ? 107 ARG A CA  1 
ATOM   819  C C   . ARG A 1 107 ? 13.005  -13.694 -11.614 1.00 20.87 ? 107 ARG A C   1 
ATOM   820  O O   . ARG A 1 107 ? 13.971  -14.453 -11.628 1.00 19.06 ? 107 ARG A O   1 
ATOM   821  C CB  . ARG A 1 107 ? 11.847  -13.159 -13.760 1.00 25.06 ? 107 ARG A CB  1 
ATOM   822  C CG  . ARG A 1 107 ? 12.798  -13.666 -14.826 1.00 29.69 ? 107 ARG A CG  1 
ATOM   823  C CD  . ARG A 1 107 ? 13.355  -12.519 -15.679 1.00 29.88 ? 107 ARG A CD  1 
ATOM   824  N NE  . ARG A 1 107 ? 12.331  -11.591 -16.204 1.00 30.62 ? 107 ARG A NE  1 
ATOM   825  C CZ  . ARG A 1 107 ? 12.505  -10.265 -16.265 1.00 30.17 ? 107 ARG A CZ  1 
ATOM   826  N NH1 . ARG A 1 107 ? 13.640  -9.709  -15.816 1.00 32.39 ? 107 ARG A NH1 1 
ATOM   827  N NH2 . ARG A 1 107 ? 11.608  -9.406  -16.762 1.00 32.65 ? 107 ARG A NH2 1 
ATOM   828  N N   . THR A 1 108 ? 13.013  -12.628 -10.849 1.00 22.37 ? 108 THR A N   1 
ATOM   829  C CA  . THR A 1 108 ? 14.145  -12.225 -9.984  1.00 20.36 ? 108 THR A CA  1 
ATOM   830  C C   . THR A 1 108 ? 14.266  -12.873 -8.619  1.00 21.68 ? 108 THR A C   1 
ATOM   831  O O   . THR A 1 108 ? 15.390  -13.185 -8.139  1.00 19.59 ? 108 THR A O   1 
ATOM   832  C CB  . THR A 1 108 ? 14.159  -10.659 -9.839  1.00 20.65 ? 108 THR A CB  1 
ATOM   833  O OG1 . THR A 1 108 ? 13.955  -10.163 -11.175 1.00 21.99 ? 108 THR A OG1 1 
ATOM   834  C CG2 . THR A 1 108 ? 15.431  -9.992  -9.314  1.00 22.08 ? 108 THR A CG2 1 
ATOM   835  N N   . TYR A 1 109 ? 13.113  -13.029 -7.918  1.00 19.95 ? 109 TYR A N   1 
ATOM   836  C CA  . TYR A 1 109 ? 13.041  -13.639 -6.576  1.00 18.54 ? 109 TYR A CA  1 
ATOM   837  C C   . TYR A 1 109 ? 12.328  -15.001 -6.656  1.00 19.74 ? 109 TYR A C   1 
ATOM   838  O O   . TYR A 1 109 ? 11.283  -15.294 -6.082  1.00 20.48 ? 109 TYR A O   1 
ATOM   839  C CB  . TYR A 1 109 ? 12.383  -12.734 -5.521  1.00 15.31 ? 109 TYR A CB  1 
ATOM   840  C CG  . TYR A 1 109 ? 13.006  -11.363 -5.484  1.00 14.02 ? 109 TYR A CG  1 
ATOM   841  C CD1 . TYR A 1 109 ? 14.170  -11.091 -4.799  1.00 13.89 ? 109 TYR A CD1 1 
ATOM   842  C CD2 . TYR A 1 109 ? 12.477  -10.313 -6.203  1.00 14.15 ? 109 TYR A CD2 1 
ATOM   843  C CE1 . TYR A 1 109 ? 14.776  -9.848  -4.780  1.00 14.06 ? 109 TYR A CE1 1 
ATOM   844  C CE2 . TYR A 1 109 ? 13.029  -9.044  -6.206  1.00 14.11 ? 109 TYR A CE2 1 
ATOM   845  C CZ  . TYR A 1 109 ? 14.226  -8.805  -5.515  1.00 14.43 ? 109 TYR A CZ  1 
ATOM   846  O OH  . TYR A 1 109 ? 14.741  -7.519  -5.521  1.00 15.79 ? 109 TYR A OH  1 
ATOM   847  N N   . GLY A 1 110 ? 12.967  -15.864 -7.415  1.00 19.62 ? 110 GLY A N   1 
ATOM   848  C CA  . GLY A 1 110 ? 12.660  -17.231 -7.733  1.00 20.68 ? 110 GLY A CA  1 
ATOM   849  C C   . GLY A 1 110 ? 13.260  -18.169 -6.654  1.00 21.69 ? 110 GLY A C   1 
ATOM   850  O O   . GLY A 1 110 ? 13.747  -17.856 -5.539  1.00 21.60 ? 110 GLY A O   1 
ATOM   851  N N   . SER A 1 111 ? 13.109  -19.391 -7.015  1.00 21.44 ? 111 SER A N   1 
ATOM   852  C CA  . SER A 1 111 ? 13.473  -20.613 -6.349  1.00 24.54 ? 111 SER A CA  1 
ATOM   853  C C   . SER A 1 111 ? 14.912  -20.595 -5.854  1.00 24.75 ? 111 SER A C   1 
ATOM   854  O O   . SER A 1 111 ? 15.193  -21.108 -4.760  1.00 24.77 ? 111 SER A O   1 
ATOM   855  C CB  . SER A 1 111 ? 13.304  -21.719 -7.414  1.00 26.94 ? 111 SER A CB  1 
ATOM   856  O OG  . SER A 1 111 ? 14.030  -22.868 -7.025  1.00 31.90 ? 111 SER A OG  1 
ATOM   857  N N   . GLU A 1 112 ? 15.768  -20.007 -6.699  1.00 24.05 ? 112 GLU A N   1 
ATOM   858  C CA  . GLU A 1 112 ? 17.193  -19.912 -6.380  1.00 23.67 ? 112 GLU A CA  1 
ATOM   859  C C   . GLU A 1 112 ? 17.602  -18.655 -5.625  1.00 24.25 ? 112 GLU A C   1 
ATOM   860  O O   . GLU A 1 112 ? 18.795  -18.624 -5.306  1.00 26.54 ? 112 GLU A O   1 
ATOM   861  C CB  . GLU A 1 112 ? 18.016  -19.801 -7.695  1.00 25.45 ? 112 GLU A CB  1 
ATOM   862  C CG  . GLU A 1 112 ? 17.572  -20.876 -8.697  1.00 27.46 ? 112 GLU A CG  1 
ATOM   863  C CD  . GLU A 1 112 ? 18.314  -20.844 -10.021 1.00 27.00 ? 112 GLU A CD  1 
ATOM   864  O OE1 . GLU A 1 112 ? 18.689  -19.714 -10.370 1.00 27.23 ? 112 GLU A OE1 1 
ATOM   865  O OE2 . GLU A 1 112 ? 18.495  -21.883 -10.593 1.00 26.20 ? 112 GLU A OE2 1 
ATOM   866  N N   . SER A 1 113 ? 16.702  -17.697 -5.379  1.00 19.18 ? 113 SER A N   1 
ATOM   867  C CA  . SER A 1 113 ? 17.117  -16.496 -4.678  1.00 16.56 ? 113 SER A CA  1 
ATOM   868  C C   . SER A 1 113 ? 17.160  -16.749 -3.200  1.00 15.22 ? 113 SER A C   1 
ATOM   869  O O   . SER A 1 113 ? 16.302  -17.431 -2.591  1.00 13.47 ? 113 SER A O   1 
ATOM   870  C CB  . SER A 1 113 ? 15.983  -15.519 -5.045  1.00 16.52 ? 113 SER A CB  1 
ATOM   871  O OG  . SER A 1 113 ? 16.179  -14.302 -4.438  1.00 15.54 ? 113 SER A OG  1 
ATOM   872  N N   . SER A 1 114 ? 18.140  -16.199 -2.534  1.00 14.68 ? 114 SER A N   1 
ATOM   873  C CA  . SER A 1 114 ? 18.186  -16.335 -1.049  1.00 13.56 ? 114 SER A CA  1 
ATOM   874  C C   . SER A 1 114 ? 17.164  -15.338 -0.461  1.00 15.25 ? 114 SER A C   1 
ATOM   875  O O   . SER A 1 114 ? 16.671  -15.511 0.693   1.00 14.10 ? 114 SER A O   1 
ATOM   876  C CB  . SER A 1 114 ? 19.647  -16.159 -0.599  1.00 15.61 ? 114 SER A CB  1 
ATOM   877  O OG  . SER A 1 114 ? 20.061  -14.836 -1.033  1.00 16.43 ? 114 SER A OG  1 
ATOM   878  N N   . VAL A 1 115 ? 16.752  -14.347 -1.250  1.00 12.95 ? 115 VAL A N   1 
ATOM   879  C CA  . VAL A 1 115 ? 15.759  -13.364 -0.831  1.00 13.94 ? 115 VAL A CA  1 
ATOM   880  C C   . VAL A 1 115 ? 14.407  -13.867 -1.362  1.00 14.43 ? 115 VAL A C   1 
ATOM   881  O O   . VAL A 1 115 ? 14.277  -14.041 -2.576  1.00 15.21 ? 115 VAL A O   1 
ATOM   882  C CB  . VAL A 1 115 ? 16.023  -11.921 -1.281  1.00 13.25 ? 115 VAL A CB  1 
ATOM   883  C CG1 . VAL A 1 115 ? 14.801  -11.023 -0.959  1.00 15.37 ? 115 VAL A CG1 1 
ATOM   884  C CG2 . VAL A 1 115 ? 17.272  -11.342 -0.663  1.00 13.64 ? 115 VAL A CG2 1 
ATOM   885  N N   . GLN A 1 116 ? 13.448  -14.129 -0.509  1.00 14.15 ? 116 GLN A N   1 
ATOM   886  C CA  . GLN A 1 116 ? 12.118  -14.656 -0.973  1.00 13.72 ? 116 GLN A CA  1 
ATOM   887  C C   . GLN A 1 116 ? 11.055  -13.613 -0.667  1.00 15.03 ? 116 GLN A C   1 
ATOM   888  O O   . GLN A 1 116 ? 11.119  -12.974 0.434   1.00 14.84 ? 116 GLN A O   1 
ATOM   889  C CB  . GLN A 1 116 ? 11.935  -15.988 -0.281  1.00 15.90 ? 116 GLN A CB  1 
ATOM   890  C CG  . GLN A 1 116 ? 12.757  -17.183 -0.787  1.00 16.60 ? 116 GLN A CG  1 
ATOM   891  C CD  . GLN A 1 116 ? 12.418  -17.436 -2.240  1.00 18.19 ? 116 GLN A CD  1 
ATOM   892  O OE1 . GLN A 1 116 ? 11.286  -17.764 -2.642  1.00 18.47 ? 116 GLN A OE1 1 
ATOM   893  N NE2 . GLN A 1 116 ? 13.361  -17.366 -3.173  1.00 17.97 ? 116 GLN A NE2 1 
ATOM   894  N N   . ILE A 1 117 ? 10.081  -13.371 -1.532  1.00 13.89 ? 117 ILE A N   1 
ATOM   895  C CA  . ILE A 1 117 ? 9.039   -12.360 -1.316  1.00 12.88 ? 117 ILE A CA  1 
ATOM   896  C C   . ILE A 1 117 ? 8.026   -12.881 -0.304  1.00 10.20 ? 117 ILE A C   1 
ATOM   897  O O   . ILE A 1 117 ? 7.526   -14.011 -0.399  1.00 9.99  ? 117 ILE A O   1 
ATOM   898  C CB  . ILE A 1 117 ? 8.401   -11.953 -2.655  1.00 15.92 ? 117 ILE A CB  1 
ATOM   899  C CG1 . ILE A 1 117 ? 9.414   -11.140 -3.509  1.00 17.55 ? 117 ILE A CG1 1 
ATOM   900  C CG2 . ILE A 1 117 ? 7.067   -11.117 -2.561  1.00 14.65 ? 117 ILE A CG2 1 
ATOM   901  C CD1 . ILE A 1 117 ? 8.800   -11.114 -4.957  1.00 20.10 ? 117 ILE A CD1 1 
ATOM   902  N N   . ASN A 1 118 ? 7.663   -12.050 0.637   1.00 10.97 ? 118 ASN A N   1 
ATOM   903  C CA  . ASN A 1 118 ? 6.632   -12.314 1.678   1.00 9.88  ? 118 ASN A CA  1 
ATOM   904  C C   . ASN A 1 118 ? 5.280   -11.835 1.123   1.00 10.40 ? 118 ASN A C   1 
ATOM   905  O O   . ASN A 1 118 ? 4.474   -12.622 0.530   1.00 11.58 ? 118 ASN A O   1 
ATOM   906  C CB  . ASN A 1 118 ? 6.971   -11.658 3.023   1.00 8.42  ? 118 ASN A CB  1 
ATOM   907  C CG  . ASN A 1 118 ? 5.930   -12.038 4.066   1.00 9.02  ? 118 ASN A CG  1 
ATOM   908  O OD1 . ASN A 1 118 ? 5.499   -11.137 4.805   1.00 9.88  ? 118 ASN A OD1 1 
ATOM   909  N ND2 . ASN A 1 118 ? 5.412   -13.250 4.126   1.00 7.71  ? 118 ASN A ND2 1 
ATOM   910  N N   . ARG A 1 119 ? 4.959   -10.572 1.260   1.00 9.65  ? 119 ARG A N   1 
ATOM   911  C CA  . ARG A 1 119 ? 3.700   -10.000 0.736   1.00 9.92  ? 119 ARG A CA  1 
ATOM   912  C C   . ARG A 1 119 ? 4.090   -8.926  -0.272  1.00 10.95 ? 119 ARG A C   1 
ATOM   913  O O   . ARG A 1 119 ? 5.204   -8.352  -0.216  1.00 10.91 ? 119 ARG A O   1 
ATOM   914  C CB  . ARG A 1 119 ? 2.894   -9.293  1.881   1.00 7.21  ? 119 ARG A CB  1 
ATOM   915  C CG  . ARG A 1 119 ? 2.362   -10.317 2.862   1.00 9.35  ? 119 ARG A CG  1 
ATOM   916  C CD  . ARG A 1 119 ? 1.847   -9.777  4.140   1.00 9.70  ? 119 ARG A CD  1 
ATOM   917  N NE  . ARG A 1 119 ? 1.225   -10.828 4.951   1.00 9.32  ? 119 ARG A NE  1 
ATOM   918  C CZ  . ARG A 1 119 ? 0.826   -10.569 6.193   1.00 11.09 ? 119 ARG A CZ  1 
ATOM   919  N NH1 . ARG A 1 119 ? 1.034   -9.402  6.794   1.00 11.89 ? 119 ARG A NH1 1 
ATOM   920  N NH2 . ARG A 1 119 ? 0.065   -11.444 6.861   1.00 12.39 ? 119 ARG A NH2 1 
ATOM   921  N N   . ILE A 1 120 ? 3.181   -8.550  -1.135  1.00 11.24 ? 120 ILE A N   1 
ATOM   922  C CA  . ILE A 1 120 ? 3.271   -7.518  -2.123  1.00 10.61 ? 120 ILE A CA  1 
ATOM   923  C C   . ILE A 1 120 ? 2.179   -6.437  -1.880  1.00 10.59 ? 120 ILE A C   1 
ATOM   924  O O   . ILE A 1 120 ? 1.006   -6.794  -1.927  1.00 9.07  ? 120 ILE A O   1 
ATOM   925  C CB  . ILE A 1 120 ? 3.080   -8.084  -3.581  1.00 10.66 ? 120 ILE A CB  1 
ATOM   926  C CG1 . ILE A 1 120 ? 3.964   -9.344  -3.775  1.00 12.40 ? 120 ILE A CG1 1 
ATOM   927  C CG2 . ILE A 1 120 ? 3.345   -6.983  -4.650  1.00 8.58  ? 120 ILE A CG2 1 
ATOM   928  C CD1 . ILE A 1 120 ? 3.949   -9.887  -5.241  1.00 13.90 ? 120 ILE A CD1 1 
ATOM   929  N N   . PHE A 1 121 ? 2.619   -5.201  -1.737  1.00 8.60  ? 121 PHE A N   1 
ATOM   930  C CA  . PHE A 1 121 ? 1.732   -4.073  -1.514  1.00 9.95  ? 121 PHE A CA  1 
ATOM   931  C C   . PHE A 1 121 ? 1.807   -3.056  -2.654  1.00 10.83 ? 121 PHE A C   1 
ATOM   932  O O   . PHE A 1 121 ? 2.924   -2.697  -3.150  1.00 13.08 ? 121 PHE A O   1 
ATOM   933  C CB  . PHE A 1 121 ? 2.150   -3.321  -0.220  1.00 8.46  ? 121 PHE A CB  1 
ATOM   934  C CG  . PHE A 1 121 ? 2.107   -4.134  1.012   1.00 11.09 ? 121 PHE A CG  1 
ATOM   935  C CD1 . PHE A 1 121 ? 0.894   -4.152  1.722   1.00 11.46 ? 121 PHE A CD1 1 
ATOM   936  C CD2 . PHE A 1 121 ? 3.188   -4.861  1.491   1.00 9.71  ? 121 PHE A CD2 1 
ATOM   937  C CE1 . PHE A 1 121 ? 0.765   -4.928  2.853   1.00 11.31 ? 121 PHE A CE1 1 
ATOM   938  C CE2 . PHE A 1 121 ? 3.070   -5.656  2.616   1.00 11.41 ? 121 PHE A CE2 1 
ATOM   939  C CZ  . PHE A 1 121 ? 1.841   -5.670  3.323   1.00 12.71 ? 121 PHE A CZ  1 
ATOM   940  N N   . VAL A 1 122 ? 0.666   -2.573  -3.043  1.00 9.03  ? 122 VAL A N   1 
ATOM   941  C CA  . VAL A 1 122 ? 0.507   -1.498  -4.037  1.00 10.24 ? 122 VAL A CA  1 
ATOM   942  C C   . VAL A 1 122 ? 0.285   -0.283  -3.118  1.00 11.36 ? 122 VAL A C   1 
ATOM   943  O O   . VAL A 1 122 ? -0.659  -0.232  -2.292  1.00 10.73 ? 122 VAL A O   1 
ATOM   944  C CB  . VAL A 1 122 ? -0.654  -1.773  -4.998  1.00 9.84  ? 122 VAL A CB  1 
ATOM   945  C CG1 . VAL A 1 122 ? -1.020  -0.559  -5.854  1.00 11.03 ? 122 VAL A CG1 1 
ATOM   946  C CG2 . VAL A 1 122 ? -0.372  -2.911  -5.981  1.00 12.33 ? 122 VAL A CG2 1 
ATOM   947  N N   . ILE A 1 123 ? 1.146   0.723   -3.216  1.00 10.80 ? 123 ILE A N   1 
ATOM   948  C CA  . ILE A 1 123 ? 1.064   1.939   -2.418  1.00 11.20 ? 123 ILE A CA  1 
ATOM   949  C C   . ILE A 1 123 ? 0.658   3.187   -3.208  1.00 11.98 ? 123 ILE A C   1 
ATOM   950  O O   . ILE A 1 123 ? 0.923   4.313   -2.711  1.00 13.46 ? 123 ILE A O   1 
ATOM   951  C CB  . ILE A 1 123 ? 2.372   2.156   -1.556  1.00 11.56 ? 123 ILE A CB  1 
ATOM   952  C CG1 . ILE A 1 123 ? 3.599   2.596   -2.414  1.00 10.07 ? 123 ILE A CG1 1 
ATOM   953  C CG2 . ILE A 1 123 ? 2.646   0.932   -0.666  1.00 10.82 ? 123 ILE A CG2 1 
ATOM   954  C CD1 . ILE A 1 123 ? 4.726   3.221   -1.473  1.00 9.60  ? 123 ILE A CD1 1 
ATOM   955  N N   . GLY A 1 124 ? 0.106   2.956   -4.426  1.00 9.54  ? 124 GLY A N   1 
ATOM   956  C CA  . GLY A 1 124 ? -0.299  4.188   -5.116  1.00 10.41 ? 124 GLY A CA  1 
ATOM   957  C C   . GLY A 1 124 ? 0.649   4.716   -6.141  1.00 12.85 ? 124 GLY A C   1 
ATOM   958  O O   . GLY A 1 124 ? 1.735   4.145   -6.348  1.00 11.67 ? 124 GLY A O   1 
ATOM   959  N N   . GLY A 1 125 ? 0.276   5.815   -6.783  1.00 13.40 ? 125 GLY A N   1 
ATOM   960  C CA  . GLY A 1 125 ? -0.914  6.611   -6.665  1.00 11.94 ? 125 GLY A CA  1 
ATOM   961  C C   . GLY A 1 125 ? -2.135  6.050   -7.369  1.00 13.50 ? 125 GLY A C   1 
ATOM   962  O O   . GLY A 1 125 ? -2.134  4.904   -7.786  1.00 14.53 ? 125 GLY A O   1 
ATOM   963  N N   . ALA A 1 126 ? -3.140  6.914   -7.435  1.00 14.70 ? 126 ALA A N   1 
ATOM   964  C CA  . ALA A 1 126 ? -4.439  6.647   -8.056  1.00 14.85 ? 126 ALA A CA  1 
ATOM   965  C C   . ALA A 1 126 ? -4.281  5.947   -9.419  1.00 15.56 ? 126 ALA A C   1 
ATOM   966  O O   . ALA A 1 126 ? -5.005  5.004   -9.739  1.00 14.90 ? 126 ALA A O   1 
ATOM   967  C CB  . ALA A 1 126 ? -5.207  7.971   -8.149  1.00 16.13 ? 126 ALA A CB  1 
ATOM   968  N N   . GLN A 1 127 ? -3.350  6.326   -10.321 1.00 18.55 ? 127 GLN A N   1 
ATOM   969  C CA  . GLN A 1 127 ? -3.317  5.502   -11.553 1.00 22.15 ? 127 GLN A CA  1 
ATOM   970  C C   . GLN A 1 127 ? -2.893  4.088   -11.187 1.00 18.97 ? 127 GLN A C   1 
ATOM   971  O O   . GLN A 1 127 ? -3.465  3.200   -11.834 1.00 18.74 ? 127 GLN A O   1 
ATOM   972  C CB  . GLN A 1 127 ? -2.460  5.934   -12.737 1.00 25.02 ? 127 GLN A CB  1 
ATOM   973  C CG  . GLN A 1 127 ? -2.923  5.125   -13.992 1.00 31.97 ? 127 GLN A CG  1 
ATOM   974  C CD  . GLN A 1 127 ? -1.860  4.901   -15.074 1.00 35.84 ? 127 GLN A CD  1 
ATOM   975  O OE1 . GLN A 1 127 ? -1.774  3.814   -15.660 1.00 36.89 ? 127 GLN A OE1 1 
ATOM   976  N NE2 . GLN A 1 127 ? -1.054  5.889   -15.402 1.00 36.88 ? 127 GLN A NE2 1 
ATOM   977  N N   . LEU A 1 128 ? -2.006  3.906   -10.229 1.00 18.03 ? 128 LEU A N   1 
ATOM   978  C CA  . LEU A 1 128 ? -1.639  2.494   -9.919  1.00 15.45 ? 128 LEU A CA  1 
ATOM   979  C C   . LEU A 1 128 ? -2.769  1.837   -9.139  1.00 14.27 ? 128 LEU A C   1 
ATOM   980  O O   . LEU A 1 128 ? -2.919  0.615   -9.216  1.00 12.67 ? 128 LEU A O   1 
ATOM   981  C CB  . LEU A 1 128 ? -0.332  2.474   -9.172  1.00 17.55 ? 128 LEU A CB  1 
ATOM   982  C CG  . LEU A 1 128 ? 0.777   1.477   -9.455  1.00 20.39 ? 128 LEU A CG  1 
ATOM   983  C CD1 . LEU A 1 128 ? 1.605   1.173   -8.193  1.00 19.37 ? 128 LEU A CD1 1 
ATOM   984  C CD2 . LEU A 1 128 ? 0.442   0.190   -10.141 1.00 17.24 ? 128 LEU A CD2 1 
ATOM   985  N N   . TYR A 1 129 ? -3.443  2.618   -8.283  1.00 12.97 ? 129 TYR A N   1 
ATOM   986  C CA  . TYR A 1 129 ? -4.563  2.000   -7.524  1.00 13.30 ? 129 TYR A CA  1 
ATOM   987  C C   . TYR A 1 129 ? -5.623  1.517   -8.525  1.00 13.31 ? 129 TYR A C   1 
ATOM   988  O O   . TYR A 1 129 ? -6.291  0.497   -8.290  1.00 16.69 ? 129 TYR A O   1 
ATOM   989  C CB  . TYR A 1 129 ? -5.139  2.987   -6.522  1.00 10.06 ? 129 TYR A CB  1 
ATOM   990  C CG  . TYR A 1 129 ? -4.339  3.276   -5.259  1.00 11.47 ? 129 TYR A CG  1 
ATOM   991  C CD1 . TYR A 1 129 ? -3.701  2.245   -4.556  1.00 9.96  ? 129 TYR A CD1 1 
ATOM   992  C CD2 . TYR A 1 129 ? -4.334  4.561   -4.713  1.00 11.77 ? 129 TYR A CD2 1 
ATOM   993  C CE1 . TYR A 1 129 ? -3.028  2.515   -3.376  1.00 11.21 ? 129 TYR A CE1 1 
ATOM   994  C CE2 . TYR A 1 129 ? -3.688  4.810   -3.490  1.00 10.88 ? 129 TYR A CE2 1 
ATOM   995  C CZ  . TYR A 1 129 ? -3.026  3.802   -2.846  1.00 10.97 ? 129 TYR A CZ  1 
ATOM   996  O OH  . TYR A 1 129 ? -2.373  4.088   -1.669  1.00 9.44  ? 129 TYR A OH  1 
ATOM   997  N N   . LYS A 1 130 ? -5.883  2.254   -9.570  1.00 15.90 ? 130 LYS A N   1 
ATOM   998  C CA  . LYS A 1 130 ? -6.858  1.920   -10.606 1.00 17.25 ? 130 LYS A CA  1 
ATOM   999  C C   . LYS A 1 130 ? -6.464  0.603   -11.223 1.00 17.72 ? 130 LYS A C   1 
ATOM   1000 O O   . LYS A 1 130 ? -7.291  -0.324  -11.285 1.00 17.17 ? 130 LYS A O   1 
ATOM   1001 C CB  . LYS A 1 130 ? -6.923  2.999   -11.670 1.00 22.94 ? 130 LYS A CB  1 
ATOM   1002 C CG  . LYS A 1 130 ? -7.899  2.808   -12.887 1.00 26.34 ? 130 LYS A CG  1 
ATOM   1003 C CD  . LYS A 1 130 ? -9.105  2.075   -12.321 1.00 30.56 ? 130 LYS A CD  1 
ATOM   1004 C CE  . LYS A 1 130 ? -10.255 1.971   -13.318 1.00 32.83 ? 130 LYS A CE  1 
ATOM   1005 N NZ  . LYS A 1 130 ? -9.689  2.137   -14.699 1.00 35.03 ? 130 LYS A NZ  1 
ATOM   1006 N N   . ALA A 1 131 ? -5.208  0.483   -11.681 1.00 17.12 ? 131 ALA A N   1 
ATOM   1007 C CA  . ALA A 1 131 ? -4.748  -0.779  -12.274 1.00 15.85 ? 131 ALA A CA  1 
ATOM   1008 C C   . ALA A 1 131 ? -4.875  -1.940  -11.338 1.00 14.83 ? 131 ALA A C   1 
ATOM   1009 O O   . ALA A 1 131 ? -5.259  -3.057  -11.735 1.00 16.72 ? 131 ALA A O   1 
ATOM   1010 C CB  . ALA A 1 131 ? -3.282  -0.680  -12.761 1.00 15.85 ? 131 ALA A CB  1 
ATOM   1011 N N   . ALA A 1 132 ? -4.594  -1.761  -10.057 1.00 13.46 ? 132 ALA A N   1 
ATOM   1012 C CA  . ALA A 1 132 ? -4.616  -2.876  -9.087  1.00 13.30 ? 132 ALA A CA  1 
ATOM   1013 C C   . ALA A 1 132 ? -6.004  -3.377  -8.868  1.00 13.55 ? 132 ALA A C   1 
ATOM   1014 O O   . ALA A 1 132 ? -6.197  -4.619  -8.785  1.00 13.73 ? 132 ALA A O   1 
ATOM   1015 C CB  . ALA A 1 132 ? -3.946  -2.342  -7.800  1.00 12.84 ? 132 ALA A CB  1 
ATOM   1016 N N   . MET A 1 133 ? -6.890  -2.411  -8.721  1.00 16.79 ? 133 MET A N   1 
ATOM   1017 C CA  . MET A 1 133 ? -8.348  -2.684  -8.496  1.00 19.88 ? 133 MET A CA  1 
ATOM   1018 C C   . MET A 1 133 ? -8.881  -3.563  -9.650  1.00 22.47 ? 133 MET A C   1 
ATOM   1019 O O   . MET A 1 133 ? -9.781  -4.370  -9.413  1.00 24.17 ? 133 MET A O   1 
ATOM   1020 C CB  . MET A 1 133 ? -9.283  -1.490  -8.387  1.00 18.76 ? 133 MET A CB  1 
ATOM   1021 C CG  . MET A 1 133 ? -9.224  -0.650  -7.164  1.00 18.83 ? 133 MET A CG  1 
ATOM   1022 S SD  . MET A 1 133 ? -9.298  -1.568  -5.632  1.00 21.28 ? 133 MET A SD  1 
ATOM   1023 C CE  . MET A 1 133 ? -11.023 -2.005  -5.424  1.00 21.85 ? 133 MET A CE  1 
ATOM   1024 N N   . ASP A 1 134 ? -8.276  -3.472  -10.816 1.00 23.80 ? 134 ASP A N   1 
ATOM   1025 C CA  . ASP A 1 134 ? -8.661  -4.258  -11.980 1.00 24.90 ? 134 ASP A CA  1 
ATOM   1026 C C   . ASP A 1 134 ? -7.842  -5.538  -12.041 1.00 24.17 ? 134 ASP A C   1 
ATOM   1027 O O   . ASP A 1 134 ? -7.860  -6.219  -13.091 1.00 25.16 ? 134 ASP A O   1 
ATOM   1028 C CB  . ASP A 1 134 ? -8.436  -3.467  -13.267 1.00 29.24 ? 134 ASP A CB  1 
ATOM   1029 C CG  . ASP A 1 134 ? -9.422  -2.356  -13.608 1.00 30.98 ? 134 ASP A CG  1 
ATOM   1030 O OD1 . ASP A 1 134 ? -10.599 -2.568  -13.236 1.00 32.07 ? 134 ASP A OD1 1 
ATOM   1031 O OD2 . ASP A 1 134 ? -9.048  -1.317  -14.200 1.00 33.06 ? 134 ASP A OD2 1 
ATOM   1032 N N   . HIS A 1 135 ? -7.091  -5.849  -11.026 1.00 20.93 ? 135 HIS A N   1 
ATOM   1033 C CA  . HIS A 1 135 ? -6.221  -7.051  -11.150 1.00 18.17 ? 135 HIS A CA  1 
ATOM   1034 C C   . HIS A 1 135 ? -6.845  -8.229  -10.461 1.00 19.23 ? 135 HIS A C   1 
ATOM   1035 O O   . HIS A 1 135 ? -7.271  -8.101  -9.326  1.00 19.09 ? 135 HIS A O   1 
ATOM   1036 C CB  . HIS A 1 135 ? -4.787  -6.639  -10.615 1.00 16.40 ? 135 HIS A CB  1 
ATOM   1037 C CG  . HIS A 1 135 ? -3.771  -7.714  -10.952 1.00 15.88 ? 135 HIS A CG  1 
ATOM   1038 N ND1 . HIS A 1 135 ? -2.879  -7.572  -12.006 1.00 17.13 ? 135 HIS A ND1 1 
ATOM   1039 C CD2 . HIS A 1 135 ? -3.530  -8.922  -10.394 1.00 14.89 ? 135 HIS A CD2 1 
ATOM   1040 C CE1 . HIS A 1 135 ? -2.146  -8.667  -12.064 1.00 17.46 ? 135 HIS A CE1 1 
ATOM   1041 N NE2 . HIS A 1 135 ? -2.522  -9.483  -11.110 1.00 19.06 ? 135 HIS A NE2 1 
ATOM   1042 N N   . PRO A 1 136 ? -6.856  -9.388  -11.114 1.00 18.48 ? 136 PRO A N   1 
ATOM   1043 C CA  . PRO A 1 136 ? -7.419  -10.605 -10.619 1.00 18.74 ? 136 PRO A CA  1 
ATOM   1044 C C   . PRO A 1 136 ? -6.792  -11.069 -9.345  1.00 18.85 ? 136 PRO A C   1 
ATOM   1045 O O   . PRO A 1 136 ? -7.442  -11.863 -8.627  1.00 18.42 ? 136 PRO A O   1 
ATOM   1046 C CB  . PRO A 1 136 ? -7.128  -11.665 -11.709 1.00 19.68 ? 136 PRO A CB  1 
ATOM   1047 C CG  . PRO A 1 136 ? -6.158  -11.050 -12.628 1.00 19.46 ? 136 PRO A CG  1 
ATOM   1048 C CD  . PRO A 1 136 ? -6.416  -9.564  -12.521 1.00 19.15 ? 136 PRO A CD  1 
ATOM   1049 N N   . LYS A 1 137 ? -5.597  -10.540 -9.115  1.00 17.46 ? 137 LYS A N   1 
ATOM   1050 C CA  . LYS A 1 137 ? -4.876  -10.954 -7.879  1.00 17.17 ? 137 LYS A CA  1 
ATOM   1051 C C   . LYS A 1 137 ? -5.087  -10.027 -6.677  1.00 15.17 ? 137 LYS A C   1 
ATOM   1052 O O   . LYS A 1 137 ? -4.666  -10.517 -5.627  1.00 13.77 ? 137 LYS A O   1 
ATOM   1053 C CB  . LYS A 1 137 ? -3.382  -11.193 -8.136  1.00 19.22 ? 137 LYS A CB  1 
ATOM   1054 C CG  . LYS A 1 137 ? -3.072  -12.434 -8.993  1.00 20.07 ? 137 LYS A CG  1 
ATOM   1055 C CD  . LYS A 1 137 ? -3.973  -13.554 -8.472  1.00 22.06 ? 137 LYS A CD  1 
ATOM   1056 C CE  . LYS A 1 137 ? -3.305  -14.854 -8.146  1.00 24.09 ? 137 LYS A CE  1 
ATOM   1057 N NZ  . LYS A 1 137 ? -3.519  -15.774 -9.319  1.00 29.03 ? 137 LYS A NZ  1 
ATOM   1058 N N   . LEU A 1 138 ? -5.713  -8.882  -6.829  1.00 12.44 ? 138 LEU A N   1 
ATOM   1059 C CA  . LEU A 1 138 ? -5.975  -7.979  -5.694  1.00 16.40 ? 138 LEU A CA  1 
ATOM   1060 C C   . LEU A 1 138 ? -7.040  -8.581  -4.780  1.00 16.99 ? 138 LEU A C   1 
ATOM   1061 O O   . LEU A 1 138 ? -8.147  -8.747  -5.349  1.00 20.52 ? 138 LEU A O   1 
ATOM   1062 C CB  . LEU A 1 138 ? -6.235  -6.592  -6.233  1.00 16.84 ? 138 LEU A CB  1 
ATOM   1063 C CG  . LEU A 1 138 ? -6.208  -5.323  -5.393  1.00 20.31 ? 138 LEU A CG  1 
ATOM   1064 C CD1 . LEU A 1 138 ? -7.525  -4.921  -4.764  1.00 20.59 ? 138 LEU A CD1 1 
ATOM   1065 C CD2 . LEU A 1 138 ? -5.205  -5.389  -4.255  1.00 18.46 ? 138 LEU A CD2 1 
ATOM   1066 N N   . ASP A 1 139 ? -6.841  -8.908  -3.523  1.00 16.04 ? 139 ASP A N   1 
ATOM   1067 C CA  . ASP A 1 139 ? -7.946  -9.464  -2.709  1.00 14.13 ? 139 ASP A CA  1 
ATOM   1068 C C   . ASP A 1 139 ? -8.074  -8.784  -1.322  1.00 13.73 ? 139 ASP A C   1 
ATOM   1069 O O   . ASP A 1 139 ? -8.920  -9.237  -0.510  1.00 11.94 ? 139 ASP A O   1 
ATOM   1070 C CB  . ASP A 1 139 ? -7.710  -10.972 -2.532  1.00 13.95 ? 139 ASP A CB  1 
ATOM   1071 C CG  . ASP A 1 139 ? -6.425  -11.230 -1.759  1.00 14.87 ? 139 ASP A CG  1 
ATOM   1072 O OD1 . ASP A 1 139 ? -5.535  -10.480 -1.371  1.00 12.57 ? 139 ASP A OD1 1 
ATOM   1073 O OD2 . ASP A 1 139 ? -6.298  -12.416 -1.415  1.00 17.13 ? 139 ASP A OD2 1 
ATOM   1074 N N   . ARG A 1 140 ? -7.239  -7.782  -1.081  1.00 12.92 ? 140 ARG A N   1 
ATOM   1075 C CA  . ARG A 1 140 ? -7.241  -7.113  0.254   1.00 11.01 ? 140 ARG A CA  1 
ATOM   1076 C C   . ARG A 1 140 ? -6.843  -5.678  0.108   1.00 10.82 ? 140 ARG A C   1 
ATOM   1077 O O   . ARG A 1 140 ? -6.016  -5.235  -0.701  1.00 8.34  ? 140 ARG A O   1 
ATOM   1078 C CB  . ARG A 1 140 ? -6.298  -7.797  1.234   1.00 11.52 ? 140 ARG A CB  1 
ATOM   1079 C CG  . ARG A 1 140 ? -6.095  -7.373  2.689   1.00 9.97  ? 140 ARG A CG  1 
ATOM   1080 C CD  . ARG A 1 140 ? -4.976  -8.257  3.241   1.00 10.46 ? 140 ARG A CD  1 
ATOM   1081 N NE  . ARG A 1 140 ? -5.167  -9.665  2.884   1.00 11.99 ? 140 ARG A NE  1 
ATOM   1082 C CZ  . ARG A 1 140 ? -5.892  -10.508 3.633   1.00 15.37 ? 140 ARG A CZ  1 
ATOM   1083 N NH1 . ARG A 1 140 ? -6.492  -10.098 4.757   1.00 12.89 ? 140 ARG A NH1 1 
ATOM   1084 N NH2 . ARG A 1 140 ? -6.091  -11.777 3.268   1.00 15.17 ? 140 ARG A NH2 1 
ATOM   1085 N N   . ILE A 1 141 ? -7.501  -4.876  0.940   1.00 9.31  ? 141 ILE A N   1 
ATOM   1086 C CA  . ILE A 1 141 ? -7.340  -3.450  1.016   1.00 9.34  ? 141 ILE A CA  1 
ATOM   1087 C C   . ILE A 1 141 ? -7.131  -3.072  2.499   1.00 9.71  ? 141 ILE A C   1 
ATOM   1088 O O   . ILE A 1 141 ? -8.050  -3.358  3.272   1.00 10.02 ? 141 ILE A O   1 
ATOM   1089 C CB  . ILE A 1 141 ? -8.541  -2.642  0.425   1.00 9.91  ? 141 ILE A CB  1 
ATOM   1090 C CG1 . ILE A 1 141 ? -8.728  -2.877  -1.107  1.00 10.34 ? 141 ILE A CG1 1 
ATOM   1091 C CG2 . ILE A 1 141 ? -8.399  -1.131  0.769   1.00 10.68 ? 141 ILE A CG2 1 
ATOM   1092 C CD1 . ILE A 1 141 ? -10.077 -2.176  -1.532  1.00 10.50 ? 141 ILE A CD1 1 
ATOM   1093 N N   . MET A 1 142 ? -6.014  -2.470  2.784   1.00 9.02  ? 142 MET A N   1 
ATOM   1094 C CA  . MET A 1 142 ? -5.617  -1.973  4.118   1.00 9.77  ? 142 MET A CA  1 
ATOM   1095 C C   . MET A 1 142 ? -5.900  -0.469  4.005   1.00 9.63  ? 142 MET A C   1 
ATOM   1096 O O   . MET A 1 142 ? -5.182  0.307   3.336   1.00 9.34  ? 142 MET A O   1 
ATOM   1097 C CB  . MET A 1 142 ? -4.137  -2.283  4.415   1.00 9.01  ? 142 MET A CB  1 
ATOM   1098 C CG  . MET A 1 142 ? -3.667  -3.736  4.495   1.00 8.60  ? 142 MET A CG  1 
ATOM   1099 S SD  . MET A 1 142 ? -4.758  -4.917  5.303   1.00 11.60 ? 142 MET A SD  1 
ATOM   1100 C CE  . MET A 1 142 ? -4.479  -4.507  7.047   1.00 10.04 ? 142 MET A CE  1 
ATOM   1101 N N   . ALA A 1 143 ? -7.024  -0.044  4.578   1.00 9.29  ? 143 ALA A N   1 
ATOM   1102 C CA  . ALA A 1 143 ? -7.469  1.343   4.491   1.00 9.59  ? 143 ALA A CA  1 
ATOM   1103 C C   . ALA A 1 143 ? -7.547  2.093   5.797   1.00 10.46 ? 143 ALA A C   1 
ATOM   1104 O O   . ALA A 1 143 ? -8.041  1.517   6.741   1.00 14.30 ? 143 ALA A O   1 
ATOM   1105 C CB  . ALA A 1 143 ? -8.877  1.449   3.854   1.00 10.68 ? 143 ALA A CB  1 
ATOM   1106 N N   . THR A 1 144 ? -7.071  3.322   5.776   1.00 10.22 ? 144 THR A N   1 
ATOM   1107 C CA  . THR A 1 144 ? -7.088  4.238   6.915   1.00 11.68 ? 144 THR A CA  1 
ATOM   1108 C C   . THR A 1 144 ? -8.103  5.299   6.493   1.00 8.77  ? 144 THR A C   1 
ATOM   1109 O O   . THR A 1 144 ? -7.827  5.949   5.524   1.00 9.85  ? 144 THR A O   1 
ATOM   1110 C CB  . THR A 1 144 ? -5.697  4.859   7.347   1.00 9.66  ? 144 THR A CB  1 
ATOM   1111 O OG1 . THR A 1 144 ? -4.884  3.725   7.774   1.00 8.87  ? 144 THR A OG1 1 
ATOM   1112 C CG2 . THR A 1 144 ? -5.912  5.877   8.501   1.00 13.33 ? 144 THR A CG2 1 
ATOM   1113 N N   . ILE A 1 145 ? -9.254  5.348   7.186   1.00 10.14 ? 145 ILE A N   1 
ATOM   1114 C CA  . ILE A 1 145 ? -10.341 6.254   6.901   1.00 11.08 ? 145 ILE A CA  1 
ATOM   1115 C C   . ILE A 1 145 ? -10.221 7.550   7.748   1.00 10.60 ? 145 ILE A C   1 
ATOM   1116 O O   . ILE A 1 145 ? -10.309 7.440   8.939   1.00 10.62 ? 145 ILE A O   1 
ATOM   1117 C CB  . ILE A 1 145 ? -11.824 5.752   7.213   1.00 11.63 ? 145 ILE A CB  1 
ATOM   1118 C CG1 . ILE A 1 145 ? -12.004 4.249   6.985   1.00 14.38 ? 145 ILE A CG1 1 
ATOM   1119 C CG2 . ILE A 1 145 ? -12.868 6.465   6.353   1.00 10.84 ? 145 ILE A CG2 1 
ATOM   1120 C CD1 . ILE A 1 145 ? -11.345 3.749   5.699   1.00 16.99 ? 145 ILE A CD1 1 
ATOM   1121 N N   . ILE A 1 146 ? -10.024 8.609   7.049   1.00 11.66 ? 146 ILE A N   1 
ATOM   1122 C CA  . ILE A 1 146 ? -9.873  9.923   7.650   1.00 15.57 ? 146 ILE A CA  1 
ATOM   1123 C C   . ILE A 1 146 ? -11.272 10.583  7.646   1.00 15.55 ? 146 ILE A C   1 
ATOM   1124 O O   . ILE A 1 146 ? -11.862 10.756  6.606   1.00 16.40 ? 146 ILE A O   1 
ATOM   1125 C CB  . ILE A 1 146 ? -8.804  10.724  6.847   1.00 13.63 ? 146 ILE A CB  1 
ATOM   1126 C CG1 . ILE A 1 146 ? -7.521  9.806   6.891   1.00 14.23 ? 146 ILE A CG1 1 
ATOM   1127 C CG2 . ILE A 1 146 ? -8.632  12.162  7.370   1.00 14.84 ? 146 ILE A CG2 1 
ATOM   1128 C CD1 . ILE A 1 146 ? -6.369  10.560  6.168   1.00 16.05 ? 146 ILE A CD1 1 
ATOM   1129 N N   . TYR A 1 147 ? -11.702 10.890  8.836   1.00 20.16 ? 147 TYR A N   1 
ATOM   1130 C CA  . TYR A 1 147 ? -13.026 11.489  9.137   1.00 23.13 ? 147 TYR A CA  1 
ATOM   1131 C C   . TYR A 1 147 ? -12.909 12.992  9.223   1.00 26.01 ? 147 TYR A C   1 
ATOM   1132 O O   . TYR A 1 147 ? -13.023 13.585  10.321  1.00 27.33 ? 147 TYR A O   1 
ATOM   1133 C CB  . TYR A 1 147 ? -13.324 10.892  10.538  1.00 21.19 ? 147 TYR A CB  1 
ATOM   1134 C CG  . TYR A 1 147 ? -13.838 9.470   10.333  1.00 21.34 ? 147 TYR A CG  1 
ATOM   1135 C CD1 . TYR A 1 147 ? -15.157 9.316   9.853   1.00 19.48 ? 147 TYR A CD1 1 
ATOM   1136 C CD2 . TYR A 1 147 ? -13.090 8.352   10.660  1.00 19.62 ? 147 TYR A CD2 1 
ATOM   1137 C CE1 . TYR A 1 147 ? -15.675 8.045   9.656   1.00 19.33 ? 147 TYR A CE1 1 
ATOM   1138 C CE2 . TYR A 1 147 ? -13.622 7.089   10.479  1.00 20.67 ? 147 TYR A CE2 1 
ATOM   1139 C CZ  . TYR A 1 147 ? -14.916 6.943   9.987   1.00 19.91 ? 147 TYR A CZ  1 
ATOM   1140 O OH  . TYR A 1 147 ? -15.413 5.680   9.811   1.00 21.42 ? 147 TYR A OH  1 
ATOM   1141 N N   . LYS A 1 148 ? -12.612 13.518  8.064   1.00 28.67 ? 148 LYS A N   1 
ATOM   1142 C CA  . LYS A 1 148 ? -12.408 14.945  7.854   1.00 32.53 ? 148 LYS A CA  1 
ATOM   1143 C C   . LYS A 1 148 ? -12.597 15.224  6.367   1.00 35.23 ? 148 LYS A C   1 
ATOM   1144 O O   . LYS A 1 148 ? -12.406 14.384  5.477   1.00 36.57 ? 148 LYS A O   1 
ATOM   1145 C CB  . LYS A 1 148 ? -11.076 15.395  8.424   1.00 34.45 ? 148 LYS A CB  1 
ATOM   1146 C CG  . LYS A 1 148 ? -10.817 16.882  8.664   1.00 34.56 ? 148 LYS A CG  1 
ATOM   1147 C CD  . LYS A 1 148 ? -9.512  17.155  9.381   1.00 35.46 ? 148 LYS A CD  1 
ATOM   1148 C CE  . LYS A 1 148 ? -9.537  18.408  10.229  1.00 38.39 ? 148 LYS A CE  1 
ATOM   1149 N NZ  . LYS A 1 148 ? -10.242 18.225  11.555  1.00 39.87 ? 148 LYS A NZ  1 
ATOM   1150 N N   . ASP A 1 149 ? -13.021 16.462  6.155   1.00 37.56 ? 149 ASP A N   1 
ATOM   1151 C CA  . ASP A 1 149 ? -13.262 16.998  4.816   1.00 41.02 ? 149 ASP A CA  1 
ATOM   1152 C C   . ASP A 1 149 ? -12.082 17.920  4.474   1.00 41.59 ? 149 ASP A C   1 
ATOM   1153 O O   . ASP A 1 149 ? -11.933 19.095  4.830   1.00 41.55 ? 149 ASP A O   1 
ATOM   1154 C CB  . ASP A 1 149 ? -14.680 17.523  4.639   1.00 42.98 ? 149 ASP A CB  1 
ATOM   1155 C CG  . ASP A 1 149 ? -15.356 16.614  3.600   1.00 45.20 ? 149 ASP A CG  1 
ATOM   1156 O OD1 . ASP A 1 149 ? -14.944 15.427  3.487   1.00 46.05 ? 149 ASP A OD1 1 
ATOM   1157 O OD2 . ASP A 1 149 ? -16.249 17.169  2.916   1.00 45.45 ? 149 ASP A OD2 1 
ATOM   1158 N N   . ILE A 1 150 ? -11.183 17.260  3.755   1.00 41.16 ? 150 ILE A N   1 
ATOM   1159 C CA  . ILE A 1 150 ? -9.941  17.879  3.269   1.00 40.83 ? 150 ILE A CA  1 
ATOM   1160 C C   . ILE A 1 150 ? -10.279 18.196  1.797   1.00 41.21 ? 150 ILE A C   1 
ATOM   1161 O O   . ILE A 1 150 ? -10.998 17.430  1.148   1.00 40.75 ? 150 ILE A O   1 
ATOM   1162 C CB  . ILE A 1 150 ? -8.831  16.792  3.448   1.00 40.10 ? 150 ILE A CB  1 
ATOM   1163 C CG1 . ILE A 1 150 ? -8.772  16.231  4.873   1.00 39.99 ? 150 ILE A CG1 1 
ATOM   1164 C CG2 . ILE A 1 150 ? -7.425  17.315  3.143   1.00 41.17 ? 150 ILE A CG2 1 
ATOM   1165 C CD1 . ILE A 1 150 ? -8.360  17.276  5.914   1.00 39.60 ? 150 ILE A CD1 1 
ATOM   1166 N N   . HIS A 1 151 ? -9.839  19.327  1.233   1.00 42.63 ? 151 HIS A N   1 
ATOM   1167 C CA  . HIS A 1 151 ? -10.153 19.576  -0.208  1.00 43.49 ? 151 HIS A CA  1 
ATOM   1168 C C   . HIS A 1 151 ? -9.350  18.566  -1.027  1.00 41.09 ? 151 HIS A C   1 
ATOM   1169 O O   . HIS A 1 151 ? -8.105  18.768  -0.945  1.00 44.49 ? 151 HIS A O   1 
ATOM   1170 C CB  . HIS A 1 151 ? -9.830  21.023  -0.685  1.00 45.47 ? 151 HIS A CB  1 
ATOM   1171 C CG  . HIS A 1 151 ? -8.875  21.155  -1.925  1.00 48.38 ? 151 HIS A CG  1 
ATOM   1172 N ND1 . HIS A 1 151 ? -9.280  20.979  -3.269  1.00 49.23 ? 151 HIS A ND1 1 
ATOM   1173 C CD2 . HIS A 1 151 ? -7.547  21.466  -2.006  1.00 48.26 ? 151 HIS A CD2 1 
ATOM   1174 C CE1 . HIS A 1 151 ? -8.222  21.183  -4.063  1.00 49.01 ? 151 HIS A CE1 1 
ATOM   1175 N NE2 . HIS A 1 151 ? -7.187  21.474  -3.320  1.00 48.91 ? 151 HIS A NE2 1 
ATOM   1176 N N   . CYS A 1 152 ? -9.918  17.616  -1.729  1.00 38.24 ? 152 CYS A N   1 
ATOM   1177 C CA  . CYS A 1 152 ? -8.997  16.727  -2.498  1.00 35.73 ? 152 CYS A CA  1 
ATOM   1178 C C   . CYS A 1 152 ? -9.345  16.911  -3.969  1.00 35.69 ? 152 CYS A C   1 
ATOM   1179 O O   . CYS A 1 152 ? -10.505 17.239  -4.293  1.00 38.05 ? 152 CYS A O   1 
ATOM   1180 C CB  . CYS A 1 152 ? -9.040  15.265  -2.164  1.00 32.23 ? 152 CYS A CB  1 
ATOM   1181 S SG  . CYS A 1 152 ? -8.436  14.846  -0.545  1.00 27.69 ? 152 CYS A SG  1 
ATOM   1182 N N   . ASP A 1 153 ? -8.322  16.685  -4.748  1.00 36.76 ? 153 ASP A N   1 
ATOM   1183 C CA  . ASP A 1 153 ? -8.540  16.805  -6.212  1.00 37.65 ? 153 ASP A CA  1 
ATOM   1184 C C   . ASP A 1 153 ? -8.324  15.382  -6.763  1.00 35.58 ? 153 ASP A C   1 
ATOM   1185 O O   . ASP A 1 153 ? -8.590  15.129  -7.962  1.00 34.18 ? 153 ASP A O   1 
ATOM   1186 C CB  . ASP A 1 153 ? -7.606  17.860  -6.772  1.00 40.99 ? 153 ASP A CB  1 
ATOM   1187 C CG  . ASP A 1 153 ? -6.237  17.241  -7.062  1.00 44.43 ? 153 ASP A CG  1 
ATOM   1188 O OD1 . ASP A 1 153 ? -5.455  17.263  -6.083  1.00 45.59 ? 153 ASP A OD1 1 
ATOM   1189 O OD2 . ASP A 1 153 ? -5.930  16.744  -8.177  1.00 46.25 ? 153 ASP A OD2 1 
ATOM   1190 N N   . VAL A 1 154 ? -7.823  14.553  -5.831  1.00 31.50 ? 154 VAL A N   1 
ATOM   1191 C CA  . VAL A 1 154 ? -7.562  13.160  -6.301  1.00 29.48 ? 154 VAL A CA  1 
ATOM   1192 C C   . VAL A 1 154 ? -8.289  12.168  -5.409  1.00 26.45 ? 154 VAL A C   1 
ATOM   1193 O O   . VAL A 1 154 ? -8.174  12.150  -4.190  1.00 24.33 ? 154 VAL A O   1 
ATOM   1194 C CB  . VAL A 1 154 ? -6.050  13.054  -6.579  1.00 29.89 ? 154 VAL A CB  1 
ATOM   1195 C CG1 . VAL A 1 154 ? -5.207  13.784  -5.532  1.00 31.41 ? 154 VAL A CG1 1 
ATOM   1196 C CG2 . VAL A 1 154 ? -5.539  11.613  -6.611  1.00 28.00 ? 154 VAL A CG2 1 
ATOM   1197 N N   . PHE A 1 155 ? -9.063  11.335  -6.122  1.00 23.41 ? 155 PHE A N   1 
ATOM   1198 C CA  . PHE A 1 155 ? -9.851  10.305  -5.475  1.00 22.62 ? 155 PHE A CA  1 
ATOM   1199 C C   . PHE A 1 155 ? -9.462  8.874   -5.846  1.00 20.38 ? 155 PHE A C   1 
ATOM   1200 O O   . PHE A 1 155 ? -8.951  8.586   -6.945  1.00 18.75 ? 155 PHE A O   1 
ATOM   1201 C CB  . PHE A 1 155 ? -11.347 10.483  -5.866  1.00 23.28 ? 155 PHE A CB  1 
ATOM   1202 C CG  . PHE A 1 155 ? -11.751 11.879  -5.415  1.00 24.60 ? 155 PHE A CG  1 
ATOM   1203 C CD1 . PHE A 1 155 ? -12.151 12.093  -4.100  1.00 23.13 ? 155 PHE A CD1 1 
ATOM   1204 C CD2 . PHE A 1 155 ? -11.652 12.936  -6.314  1.00 24.15 ? 155 PHE A CD2 1 
ATOM   1205 C CE1 . PHE A 1 155 ? -12.506 13.367  -3.704  1.00 25.46 ? 155 PHE A CE1 1 
ATOM   1206 C CE2 . PHE A 1 155 ? -12.006 14.217  -5.958  1.00 24.96 ? 155 PHE A CE2 1 
ATOM   1207 C CZ  . PHE A 1 155 ? -12.435 14.426  -4.634  1.00 25.83 ? 155 PHE A CZ  1 
ATOM   1208 N N   . PHE A 1 156 ? -9.843  8.088   -4.862  1.00 17.47 ? 156 PHE A N   1 
ATOM   1209 C CA  . PHE A 1 156 ? -9.686  6.634   -4.898  1.00 18.35 ? 156 PHE A CA  1 
ATOM   1210 C C   . PHE A 1 156 ? -10.732 6.231   -5.955  1.00 22.73 ? 156 PHE A C   1 
ATOM   1211 O O   . PHE A 1 156 ? -11.854 6.795   -5.876  1.00 23.99 ? 156 PHE A O   1 
ATOM   1212 C CB  . PHE A 1 156 ? -9.871  5.973   -3.561  1.00 16.98 ? 156 PHE A CB  1 
ATOM   1213 C CG  . PHE A 1 156 ? -9.442  4.525   -3.579  1.00 16.36 ? 156 PHE A CG  1 
ATOM   1214 C CD1 . PHE A 1 156 ? -8.095  4.220   -3.411  1.00 15.00 ? 156 PHE A CD1 1 
ATOM   1215 C CD2 . PHE A 1 156 ? -10.390 3.509   -3.817  1.00 14.10 ? 156 PHE A CD2 1 
ATOM   1216 C CE1 . PHE A 1 156 ? -7.700  2.891   -3.416  1.00 14.34 ? 156 PHE A CE1 1 
ATOM   1217 C CE2 . PHE A 1 156 ? -9.993  2.177   -3.882  1.00 14.48 ? 156 PHE A CE2 1 
ATOM   1218 C CZ  . PHE A 1 156 ? -8.608  1.861   -3.668  1.00 14.23 ? 156 PHE A CZ  1 
ATOM   1219 N N   . PRO A 1 157 ? -10.315 5.356   -6.870  1.00 23.09 ? 157 PRO A N   1 
ATOM   1220 C CA  . PRO A 1 157 ? -11.162 4.971   -7.995  1.00 24.32 ? 157 PRO A CA  1 
ATOM   1221 C C   . PRO A 1 157 ? -12.391 4.102   -7.873  1.00 22.82 ? 157 PRO A C   1 
ATOM   1222 O O   . PRO A 1 157 ? -13.116 3.968   -8.887  1.00 22.57 ? 157 PRO A O   1 
ATOM   1223 C CB  . PRO A 1 157 ? -10.104 4.338   -8.988  1.00 23.97 ? 157 PRO A CB  1 
ATOM   1224 C CG  . PRO A 1 157 ? -8.771  4.288   -8.262  1.00 24.42 ? 157 PRO A CG  1 
ATOM   1225 C CD  . PRO A 1 157 ? -8.937  4.855   -6.880  1.00 21.99 ? 157 PRO A CD  1 
ATOM   1226 N N   . LEU A 1 158 ? -12.684 3.491   -6.767  1.00 21.03 ? 158 LEU A N   1 
ATOM   1227 C CA  . LEU A 1 158 ? -13.880 2.653   -6.585  1.00 20.01 ? 158 LEU A CA  1 
ATOM   1228 C C   . LEU A 1 158 ? -14.281 2.886   -5.118  1.00 19.90 ? 158 LEU A C   1 
ATOM   1229 O O   . LEU A 1 158 ? -13.481 2.860   -4.189  1.00 16.56 ? 158 LEU A O   1 
ATOM   1230 C CB  . LEU A 1 158 ? -13.560 1.249   -6.965  1.00 21.46 ? 158 LEU A CB  1 
ATOM   1231 C CG  . LEU A 1 158 ? -14.409 0.029   -7.079  1.00 22.35 ? 158 LEU A CG  1 
ATOM   1232 C CD1 . LEU A 1 158 ? -13.847 -0.856  -8.214  1.00 23.51 ? 158 LEU A CD1 1 
ATOM   1233 C CD2 . LEU A 1 158 ? -14.383 -0.880  -5.846  1.00 22.84 ? 158 LEU A CD2 1 
ATOM   1234 N N   . LYS A 1 159 ? -15.565 3.113   -5.010  1.00 19.36 ? 159 LYS A N   1 
ATOM   1235 C CA  . LYS A 1 159 ? -16.230 3.332   -3.710  1.00 18.77 ? 159 LYS A CA  1 
ATOM   1236 C C   . LYS A 1 159 ? -16.459 2.006   -3.055  1.00 18.56 ? 159 LYS A C   1 
ATOM   1237 O O   . LYS A 1 159 ? -17.624 1.626   -2.869  1.00 21.21 ? 159 LYS A O   1 
ATOM   1238 C CB  . LYS A 1 159 ? -17.591 3.980   -3.941  1.00 19.88 ? 159 LYS A CB  1 
ATOM   1239 C CG  . LYS A 1 159 ? -17.349 5.363   -4.636  1.00 21.42 ? 159 LYS A CG  1 
ATOM   1240 C CD  . LYS A 1 159 ? -18.725 6.015   -4.855  1.00 25.11 ? 159 LYS A CD  1 
ATOM   1241 C CE  . LYS A 1 159 ? -18.510 7.521   -5.056  1.00 27.10 ? 159 LYS A CE  1 
ATOM   1242 N NZ  . LYS A 1 159 ? -17.135 7.510   -5.662  1.00 28.82 ? 159 LYS A NZ  1 
ATOM   1243 N N   . PHE A 1 160 ? -15.388 1.326   -2.682  1.00 16.39 ? 160 PHE A N   1 
ATOM   1244 C CA  . PHE A 1 160 ? -15.500 0.003   -2.095  1.00 14.75 ? 160 PHE A CA  1 
ATOM   1245 C C   . PHE A 1 160 ? -16.156 -0.102  -0.721  1.00 13.45 ? 160 PHE A C   1 
ATOM   1246 O O   . PHE A 1 160 ? -16.418 -1.268  -0.421  1.00 13.44 ? 160 PHE A O   1 
ATOM   1247 C CB  . PHE A 1 160 ? -14.146 -0.702  -1.995  1.00 12.58 ? 160 PHE A CB  1 
ATOM   1248 C CG  . PHE A 1 160 ? -13.207 -0.003  -1.047  1.00 10.66 ? 160 PHE A CG  1 
ATOM   1249 C CD1 . PHE A 1 160 ? -12.432 1.059   -1.503  1.00 9.77  ? 160 PHE A CD1 1 
ATOM   1250 C CD2 . PHE A 1 160 ? -13.067 -0.514  0.261   1.00 9.52  ? 160 PHE A CD2 1 
ATOM   1251 C CE1 . PHE A 1 160 ? -11.578 1.714   -0.615  1.00 9.21  ? 160 PHE A CE1 1 
ATOM   1252 C CE2 . PHE A 1 160 ? -12.211 0.117   1.185   1.00 6.15  ? 160 PHE A CE2 1 
ATOM   1253 C CZ  . PHE A 1 160 ? -11.537 1.256   0.705   1.00 8.98  ? 160 PHE A CZ  1 
ATOM   1254 N N   . ARG A 1 161 ? -16.347 0.962   -0.008  1.00 14.90 ? 161 ARG A N   1 
ATOM   1255 C CA  . ARG A 1 161 ? -16.982 0.923   1.345   1.00 16.05 ? 161 ARG A CA  1 
ATOM   1256 C C   . ARG A 1 161 ? -18.485 1.208   1.233   1.00 17.67 ? 161 ARG A C   1 
ATOM   1257 O O   . ARG A 1 161 ? -19.152 1.184   2.297   1.00 19.35 ? 161 ARG A O   1 
ATOM   1258 C CB  . ARG A 1 161 ? -16.427 1.973   2.317   1.00 14.14 ? 161 ARG A CB  1 
ATOM   1259 C CG  . ARG A 1 161 ? -14.887 1.924   2.336   1.00 17.69 ? 161 ARG A CG  1 
ATOM   1260 C CD  . ARG A 1 161 ? -14.253 2.990   3.192   1.00 16.46 ? 161 ARG A CD  1 
ATOM   1261 N NE  . ARG A 1 161 ? -14.627 2.698   4.587   1.00 17.37 ? 161 ARG A NE  1 
ATOM   1262 C CZ  . ARG A 1 161 ? -15.491 3.455   5.255   1.00 18.01 ? 161 ARG A CZ  1 
ATOM   1263 N NH1 . ARG A 1 161 ? -16.072 4.542   4.761   1.00 17.57 ? 161 ARG A NH1 1 
ATOM   1264 N NH2 . ARG A 1 161 ? -15.749 3.020   6.511   1.00 19.31 ? 161 ARG A NH2 1 
ATOM   1265 N N   . ASP A 1 162 ? -18.947 1.501   0.059   1.00 16.67 ? 162 ASP A N   1 
ATOM   1266 C CA  . ASP A 1 162 ? -20.364 1.791   -0.205  1.00 19.81 ? 162 ASP A CA  1 
ATOM   1267 C C   . ASP A 1 162 ? -21.243 0.540   -0.296  1.00 18.48 ? 162 ASP A C   1 
ATOM   1268 O O   . ASP A 1 162 ? -20.777 -0.586  -0.453  1.00 14.43 ? 162 ASP A O   1 
ATOM   1269 C CB  . ASP A 1 162 ? -20.645 2.594   -1.472  1.00 21.31 ? 162 ASP A CB  1 
ATOM   1270 C CG  . ASP A 1 162 ? -20.096 3.987   -1.258  1.00 24.47 ? 162 ASP A CG  1 
ATOM   1271 O OD1 . ASP A 1 162 ? -19.426 4.329   -0.259  1.00 26.90 ? 162 ASP A OD1 1 
ATOM   1272 O OD2 . ASP A 1 162 ? -20.338 4.697   -2.250  1.00 26.11 ? 162 ASP A OD2 1 
ATOM   1273 N N   . LYS A 1 163 ? -22.559 0.846   -0.177  1.00 17.98 ? 163 LYS A N   1 
ATOM   1274 C CA  . LYS A 1 163 ? -23.530 -0.265  -0.233  1.00 19.09 ? 163 LYS A CA  1 
ATOM   1275 C C   . LYS A 1 163 ? -23.471 -1.104  -1.500  1.00 15.89 ? 163 LYS A C   1 
ATOM   1276 O O   . LYS A 1 163 ? -23.553 -2.353  -1.452  1.00 15.81 ? 163 LYS A O   1 
ATOM   1277 C CB  . LYS A 1 163 ? -24.997 0.217   -0.021  1.00 24.19 ? 163 LYS A CB  1 
ATOM   1278 C CG  . LYS A 1 163 ? -25.884 -1.082  0.078   1.00 28.39 ? 163 LYS A CG  1 
ATOM   1279 C CD  . LYS A 1 163 ? -26.578 -1.467  -1.245  1.00 28.83 ? 163 LYS A CD  1 
ATOM   1280 C CE  . LYS A 1 163 ? -27.946 -0.822  -1.431  1.00 30.15 ? 163 LYS A CE  1 
ATOM   1281 N NZ  . LYS A 1 163 ? -28.310 -0.372  -2.819  1.00 27.49 ? 163 LYS A NZ  1 
ATOM   1282 N N   . GLU A 1 164 ? -23.331 -0.475  -2.583  1.00 14.85 ? 164 GLU A N   1 
ATOM   1283 C CA  . GLU A 1 164 ? -23.228 -0.866  -3.958  1.00 18.96 ? 164 GLU A CA  1 
ATOM   1284 C C   . GLU A 1 164 ? -22.136 -1.899  -4.089  1.00 20.74 ? 164 GLU A C   1 
ATOM   1285 O O   . GLU A 1 164 ? -22.100 -2.657  -5.098  1.00 23.35 ? 164 GLU A O   1 
ATOM   1286 C CB  . GLU A 1 164 ? -22.895 0.451   -4.666  1.00 24.21 ? 164 GLU A CB  1 
ATOM   1287 C CG  . GLU A 1 164 ? -22.778 0.367   -6.198  1.00 31.60 ? 164 GLU A CG  1 
ATOM   1288 C CD  . GLU A 1 164 ? -21.610 1.194   -6.804  1.00 35.68 ? 164 GLU A CD  1 
ATOM   1289 O OE1 . GLU A 1 164 ? -21.307 2.369   -6.355  1.00 37.21 ? 164 GLU A OE1 1 
ATOM   1290 O OE2 . GLU A 1 164 ? -20.924 0.698   -7.786  1.00 36.42 ? 164 GLU A OE2 1 
ATOM   1291 N N   . TRP A 1 165 ? -21.232 -2.011  -3.123  1.00 18.45 ? 165 TRP A N   1 
ATOM   1292 C CA  . TRP A 1 165 ? -20.130 -2.994  -3.257  1.00 17.09 ? 165 TRP A CA  1 
ATOM   1293 C C   . TRP A 1 165 ? -20.074 -4.001  -2.160  1.00 16.21 ? 165 TRP A C   1 
ATOM   1294 O O   . TRP A 1 165 ? -19.140 -4.817  -2.141  1.00 15.75 ? 165 TRP A O   1 
ATOM   1295 C CB  . TRP A 1 165 ? -18.777 -2.242  -3.341  1.00 16.69 ? 165 TRP A CB  1 
ATOM   1296 C CG  . TRP A 1 165 ? -18.520 -1.655  -4.687  1.00 15.62 ? 165 TRP A CG  1 
ATOM   1297 C CD1 . TRP A 1 165 ? -18.706 -0.342  -5.036  1.00 17.95 ? 165 TRP A CD1 1 
ATOM   1298 C CD2 . TRP A 1 165 ? -18.079 -2.298  -5.885  1.00 15.71 ? 165 TRP A CD2 1 
ATOM   1299 N NE1 . TRP A 1 165 ? -18.398 -0.126  -6.351  1.00 16.76 ? 165 TRP A NE1 1 
ATOM   1300 C CE2 . TRP A 1 165 ? -18.020 -1.310  -6.881  1.00 15.59 ? 165 TRP A CE2 1 
ATOM   1301 C CE3 . TRP A 1 165 ? -17.730 -3.608  -6.164  1.00 15.01 ? 165 TRP A CE3 1 
ATOM   1302 C CZ2 . TRP A 1 165 ? -17.644 -1.580  -8.193  1.00 18.75 ? 165 TRP A CZ2 1 
ATOM   1303 C CZ3 . TRP A 1 165 ? -17.336 -3.862  -7.478  1.00 17.01 ? 165 TRP A CZ3 1 
ATOM   1304 C CH2 . TRP A 1 165 ? -17.260 -2.893  -8.463  1.00 15.40 ? 165 TRP A CH2 1 
ATOM   1305 N N   . SER A 1 166 ? -21.048 -3.992  -1.295  1.00 17.20 ? 166 SER A N   1 
ATOM   1306 C CA  . SER A 1 166 ? -21.093 -4.922  -0.128  1.00 19.93 ? 166 SER A CA  1 
ATOM   1307 C C   . SER A 1 166 ? -21.091 -6.405  -0.367  1.00 20.32 ? 166 SER A C   1 
ATOM   1308 O O   . SER A 1 166 ? -20.634 -7.126  0.538   1.00 21.86 ? 166 SER A O   1 
ATOM   1309 C CB  . SER A 1 166 ? -22.266 -4.566  0.818   1.00 20.32 ? 166 SER A CB  1 
ATOM   1310 O OG  . SER A 1 166 ? -23.330 -3.997  0.016   1.00 23.84 ? 166 SER A OG  1 
ATOM   1311 N N   . SER A 1 167 ? -21.582 -6.955  -1.437  1.00 22.96 ? 167 SER A N   1 
ATOM   1312 C CA  . SER A 1 167 ? -21.558 -8.398  -1.667  1.00 22.33 ? 167 SER A CA  1 
ATOM   1313 C C   . SER A 1 167 ? -20.191 -8.721  -2.325  1.00 21.59 ? 167 SER A C   1 
ATOM   1314 O O   . SER A 1 167 ? -20.090 -9.916  -2.560  1.00 23.98 ? 167 SER A O   1 
ATOM   1315 C CB  . SER A 1 167 ? -22.522 -8.993  -2.660  1.00 22.54 ? 167 SER A CB  1 
ATOM   1316 O OG  . SER A 1 167 ? -23.855 -8.843  -2.235  1.00 27.36 ? 167 SER A OG  1 
ATOM   1317 N N   . VAL A 1 168 ? -19.332 -7.780  -2.638  1.00 18.57 ? 168 VAL A N   1 
ATOM   1318 C CA  . VAL A 1 168 ? -18.054 -8.154  -3.266  1.00 15.49 ? 168 VAL A CA  1 
ATOM   1319 C C   . VAL A 1 168 ? -16.928 -7.942  -2.230  1.00 16.68 ? 168 VAL A C   1 
ATOM   1320 O O   . VAL A 1 168 ? -16.205 -8.900  -1.924  1.00 18.74 ? 168 VAL A O   1 
ATOM   1321 C CB  . VAL A 1 168 ? -17.838 -7.323  -4.558  1.00 14.48 ? 168 VAL A CB  1 
ATOM   1322 C CG1 . VAL A 1 168 ? -16.434 -7.537  -5.087  1.00 13.10 ? 168 VAL A CG1 1 
ATOM   1323 C CG2 . VAL A 1 168 ? -18.847 -7.711  -5.626  1.00 15.97 ? 168 VAL A CG2 1 
ATOM   1324 N N   . TRP A 1 169 ? -16.824 -6.752  -1.701  1.00 15.63 ? 169 TRP A N   1 
ATOM   1325 C CA  . TRP A 1 169 ? -15.825 -6.304  -0.715  1.00 15.47 ? 169 TRP A CA  1 
ATOM   1326 C C   . TRP A 1 169 ? -16.423 -6.269  0.662   1.00 15.54 ? 169 TRP A C   1 
ATOM   1327 O O   . TRP A 1 169 ? -17.352 -5.467  0.948   1.00 19.52 ? 169 TRP A O   1 
ATOM   1328 C CB  . TRP A 1 169 ? -15.330 -4.893  -1.106  1.00 16.28 ? 169 TRP A CB  1 
ATOM   1329 C CG  . TRP A 1 169 ? -14.450 -4.767  -2.298  1.00 16.81 ? 169 TRP A CG  1 
ATOM   1330 C CD1 . TRP A 1 169 ? -14.740 -4.275  -3.544  1.00 16.34 ? 169 TRP A CD1 1 
ATOM   1331 C CD2 . TRP A 1 169 ? -13.040 -5.092  -2.326  1.00 17.12 ? 169 TRP A CD2 1 
ATOM   1332 N NE1 . TRP A 1 169 ? -13.633 -4.315  -4.328  1.00 14.57 ? 169 TRP A NE1 1 
ATOM   1333 C CE2 . TRP A 1 169 ? -12.582 -4.822  -3.630  1.00 16.30 ? 169 TRP A CE2 1 
ATOM   1334 C CE3 . TRP A 1 169 ? -12.160 -5.621  -1.351  1.00 17.53 ? 169 TRP A CE3 1 
ATOM   1335 C CZ2 . TRP A 1 169 ? -11.260 -5.019  -3.980  1.00 15.84 ? 169 TRP A CZ2 1 
ATOM   1336 C CZ3 . TRP A 1 169 ? -10.838 -5.864  -1.724  1.00 16.61 ? 169 TRP A CZ3 1 
ATOM   1337 C CH2 . TRP A 1 169 ? -10.395 -5.570  -3.054  1.00 16.61 ? 169 TRP A CH2 1 
ATOM   1338 N N   . LYS A 1 170 ? -15.918 -7.059  1.519   1.00 16.05 ? 170 LYS A N   1 
ATOM   1339 C CA  . LYS A 1 170 ? -16.291 -7.271  2.917   1.00 18.33 ? 170 LYS A CA  1 
ATOM   1340 C C   . LYS A 1 170 ? -15.255 -6.685  3.894   1.00 17.71 ? 170 LYS A C   1 
ATOM   1341 O O   . LYS A 1 170 ? -14.044 -6.906  3.747   1.00 14.55 ? 170 LYS A O   1 
ATOM   1342 C CB  . LYS A 1 170 ? -16.250 -8.811  3.064   1.00 21.65 ? 170 LYS A CB  1 
ATOM   1343 C CG  . LYS A 1 170 ? -16.911 -9.548  1.891   1.00 27.74 ? 170 LYS A CG  1 
ATOM   1344 C CD  . LYS A 1 170 ? -18.367 -9.131  1.657   1.00 30.56 ? 170 LYS A CD  1 
ATOM   1345 C CE  . LYS A 1 170 ? -19.073 -9.979  0.592   1.00 33.63 ? 170 LYS A CE  1 
ATOM   1346 N NZ  . LYS A 1 170 ? -19.804 -11.125 1.158   1.00 36.13 ? 170 LYS A NZ  1 
ATOM   1347 N N   . LYS A 1 171 ? -15.770 -5.963  4.885   1.00 17.10 ? 171 LYS A N   1 
ATOM   1348 C CA  . LYS A 1 171 ? -14.950 -5.387  5.975   1.00 16.84 ? 171 LYS A CA  1 
ATOM   1349 C C   . LYS A 1 171 ? -14.771 -6.477  7.032   1.00 16.85 ? 171 LYS A C   1 
ATOM   1350 O O   . LYS A 1 171 ? -15.749 -6.976  7.606   1.00 16.95 ? 171 LYS A O   1 
ATOM   1351 C CB  . LYS A 1 171 ? -15.661 -4.158  6.580   1.00 18.65 ? 171 LYS A CB  1 
ATOM   1352 C CG  . LYS A 1 171 ? -14.901 -3.487  7.743   1.00 18.89 ? 171 LYS A CG  1 
ATOM   1353 C CD  . LYS A 1 171 ? -13.393 -3.753  7.718   1.00 21.67 ? 171 LYS A CD  1 
ATOM   1354 C CE  . LYS A 1 171 ? -12.666 -3.271  8.982   1.00 21.55 ? 171 LYS A CE  1 
ATOM   1355 N NZ  . LYS A 1 171 ? -11.518 -4.119  9.347   1.00 15.17 ? 171 LYS A NZ  1 
ATOM   1356 N N   . GLU A 1 172 ? -13.529 -6.838  7.245   1.00 17.88 ? 172 GLU A N   1 
ATOM   1357 C CA  . GLU A 1 172 ? -13.167 -7.887  8.204   1.00 16.09 ? 172 GLU A CA  1 
ATOM   1358 C C   . GLU A 1 172 ? -13.259 -7.351  9.634   1.00 13.89 ? 172 GLU A C   1 
ATOM   1359 O O   . GLU A 1 172 ? -13.256 -6.130  9.860   1.00 14.33 ? 172 GLU A O   1 
ATOM   1360 C CB  . GLU A 1 172 ? -11.733 -8.346  7.935   1.00 18.04 ? 172 GLU A CB  1 
ATOM   1361 C CG  . GLU A 1 172 ? -11.532 -8.858  6.506   1.00 23.76 ? 172 GLU A CG  1 
ATOM   1362 C CD  . GLU A 1 172 ? -11.948 -10.316 6.352   1.00 28.30 ? 172 GLU A CD  1 
ATOM   1363 O OE1 . GLU A 1 172 ? -11.909 -11.096 7.375   1.00 29.76 ? 172 GLU A OE1 1 
ATOM   1364 O OE2 . GLU A 1 172 ? -12.340 -10.767 5.213   1.00 32.00 ? 172 GLU A OE2 1 
ATOM   1365 N N   . LYS A 1 173 ? -13.346 -8.296  10.554  1.00 15.42 ? 173 LYS A N   1 
ATOM   1366 C CA  . LYS A 1 173 ? -13.390 -8.005  11.995  1.00 16.61 ? 173 LYS A CA  1 
ATOM   1367 C C   . LYS A 1 173 ? -12.039 -7.426  12.398  1.00 16.69 ? 173 LYS A C   1 
ATOM   1368 O O   . LYS A 1 173 ? -10.954 -7.798  11.817  1.00 13.61 ? 173 LYS A O   1 
ATOM   1369 C CB  . LYS A 1 173 ? -13.644 -9.277  12.783  1.00 18.65 ? 173 LYS A CB  1 
ATOM   1370 C CG  . LYS A 1 173 ? -15.026 -9.856  12.533  1.00 20.93 ? 173 LYS A CG  1 
ATOM   1371 C CD  . LYS A 1 173 ? -15.075 -11.351 12.801  1.00 25.92 ? 173 LYS A CD  1 
ATOM   1372 C CE  . LYS A 1 173 ? -14.338 -11.753 14.079  1.00 29.87 ? 173 LYS A CE  1 
ATOM   1373 N NZ  . LYS A 1 173 ? -14.881 -12.981 14.675  1.00 33.85 ? 173 LYS A NZ  1 
ATOM   1374 N N   . HIS A 1 174 ? -12.181 -6.634  13.457  1.00 14.37 ? 174 HIS A N   1 
ATOM   1375 C CA  . HIS A 1 174 ? -10.892 -6.020  13.923  1.00 16.85 ? 174 HIS A CA  1 
ATOM   1376 C C   . HIS A 1 174 ? -9.848  -7.062  14.258  1.00 14.91 ? 174 HIS A C   1 
ATOM   1377 O O   . HIS A 1 174 ? -8.641  -6.926  13.982  1.00 13.48 ? 174 HIS A O   1 
ATOM   1378 C CB  . HIS A 1 174 ? -11.188 -5.088  15.122  1.00 15.93 ? 174 HIS A CB  1 
ATOM   1379 C CG  . HIS A 1 174 ? -9.989  -4.207  15.430  1.00 15.14 ? 174 HIS A CG  1 
ATOM   1380 N ND1 . HIS A 1 174 ? -9.111  -4.460  16.432  1.00 16.13 ? 174 HIS A ND1 1 
ATOM   1381 C CD2 . HIS A 1 174 ? -9.613  -3.051  14.882  1.00 14.16 ? 174 HIS A CD2 1 
ATOM   1382 C CE1 . HIS A 1 174 ? -8.215  -3.462  16.440  1.00 13.05 ? 174 HIS A CE1 1 
ATOM   1383 N NE2 . HIS A 1 174 ? -8.530  -2.603  15.556  1.00 15.21 ? 174 HIS A NE2 1 
ATOM   1384 N N   . SER A 1 175 ? -10.284 -8.133  14.881  1.00 15.23 ? 175 SER A N   1 
ATOM   1385 C CA  . SER A 1 175 ? -9.384  -9.214  15.279  1.00 15.65 ? 175 SER A CA  1 
ATOM   1386 C C   . SER A 1 175 ? -8.719  -9.889  14.088  1.00 15.75 ? 175 SER A C   1 
ATOM   1387 O O   . SER A 1 175 ? -7.632  -10.461 14.254  1.00 14.38 ? 175 SER A O   1 
ATOM   1388 C CB  . SER A 1 175 ? -10.016 -10.310 16.128  1.00 16.49 ? 175 SER A CB  1 
ATOM   1389 O OG  . SER A 1 175 ? -11.074 -10.907 15.449  1.00 21.52 ? 175 SER A OG  1 
ATOM   1390 N N   . ASP A 1 176 ? -9.376  -9.920  12.943  1.00 18.00 ? 176 ASP A N   1 
ATOM   1391 C CA  . ASP A 1 176 ? -8.690  -10.534 11.773  1.00 16.79 ? 176 ASP A CA  1 
ATOM   1392 C C   . ASP A 1 176 ? -7.654  -9.496  11.325  1.00 14.45 ? 176 ASP A C   1 
ATOM   1393 O O   . ASP A 1 176 ? -6.592  -9.910  10.848  1.00 13.73 ? 176 ASP A O   1 
ATOM   1394 C CB  . ASP A 1 176 ? -9.688  -10.922 10.707  1.00 19.47 ? 176 ASP A CB  1 
ATOM   1395 C CG  . ASP A 1 176 ? -10.430 -12.144 11.253  1.00 24.57 ? 176 ASP A CG  1 
ATOM   1396 O OD1 . ASP A 1 176 ? -9.956  -12.969 12.051  1.00 25.91 ? 176 ASP A OD1 1 
ATOM   1397 O OD2 . ASP A 1 176 ? -11.601 -12.178 10.830  1.00 27.84 ? 176 ASP A OD2 1 
ATOM   1398 N N   . LEU A 1 177 ? -7.962  -8.218  11.311  1.00 12.97 ? 177 LEU A N   1 
ATOM   1399 C CA  . LEU A 1 177 ? -6.961  -7.224  10.944  1.00 12.54 ? 177 LEU A CA  1 
ATOM   1400 C C   . LEU A 1 177 ? -5.727  -7.352  11.809  1.00 12.45 ? 177 LEU A C   1 
ATOM   1401 O O   . LEU A 1 177 ? -4.551  -7.358  11.297  1.00 11.32 ? 177 LEU A O   1 
ATOM   1402 C CB  . LEU A 1 177 ? -7.565  -5.832  10.982  1.00 12.89 ? 177 LEU A CB  1 
ATOM   1403 C CG  . LEU A 1 177 ? -6.684  -4.654  10.587  1.00 13.85 ? 177 LEU A CG  1 
ATOM   1404 C CD1 . LEU A 1 177 ? -7.491  -3.343  10.515  1.00 11.59 ? 177 LEU A CD1 1 
ATOM   1405 C CD2 . LEU A 1 177 ? -5.562  -4.382  11.583  1.00 12.65 ? 177 LEU A CD2 1 
ATOM   1406 N N   . GLU A 1 178 ? -5.905  -7.476  13.094  1.00 11.47 ? 178 GLU A N   1 
ATOM   1407 C CA  . GLU A 1 178 ? -4.773  -7.577  14.041  1.00 11.71 ? 178 GLU A CA  1 
ATOM   1408 C C   . GLU A 1 178 ? -4.017  -8.866  13.758  1.00 14.37 ? 178 GLU A C   1 
ATOM   1409 O O   . GLU A 1 178 ? -2.778  -8.955  13.857  1.00 11.12 ? 178 GLU A O   1 
ATOM   1410 C CB  . GLU A 1 178 ? -5.249  -7.570  15.511  1.00 13.00 ? 178 GLU A CB  1 
ATOM   1411 C CG  . GLU A 1 178 ? -5.860  -6.190  15.901  1.00 10.82 ? 178 GLU A CG  1 
ATOM   1412 C CD  . GLU A 1 178 ? -6.471  -6.123  17.258  1.00 13.42 ? 178 GLU A CD  1 
ATOM   1413 O OE1 . GLU A 1 178 ? -7.020  -7.165  17.538  1.00 13.07 ? 178 GLU A OE1 1 
ATOM   1414 O OE2 . GLU A 1 178 ? -6.427  -5.141  17.965  1.00 14.70 ? 178 GLU A OE2 1 
ATOM   1415 N N   . SER A 1 179 ? -4.766  -9.900  13.381  1.00 15.21 ? 179 SER A N   1 
ATOM   1416 C CA  . SER A 1 179 ? -4.041  -11.171 13.149  1.00 18.23 ? 179 SER A CA  1 
ATOM   1417 C C   . SER A 1 179 ? -3.216  -11.104 11.873  1.00 17.39 ? 179 SER A C   1 
ATOM   1418 O O   . SER A 1 179 ? -2.066  -11.554 11.858  1.00 19.26 ? 179 SER A O   1 
ATOM   1419 C CB  . SER A 1 179 ? -4.957  -12.356 13.400  1.00 19.48 ? 179 SER A CB  1 
ATOM   1420 O OG  . SER A 1 179 ? -5.064  -12.916 12.112  1.00 26.15 ? 179 SER A OG  1 
ATOM   1421 N N   . TRP A 1 180 ? -3.675  -10.479 10.809  1.00 15.37 ? 180 TRP A N   1 
ATOM   1422 C CA  . TRP A 1 180 ? -2.986  -10.338 9.520   1.00 12.61 ? 180 TRP A CA  1 
ATOM   1423 C C   . TRP A 1 180 ? -1.756  -9.479  9.656   1.00 14.00 ? 180 TRP A C   1 
ATOM   1424 O O   . TRP A 1 180 ? -0.705  -9.822  9.127   1.00 15.45 ? 180 TRP A O   1 
ATOM   1425 C CB  . TRP A 1 180 ? -3.980  -9.856  8.461   1.00 9.10  ? 180 TRP A CB  1 
ATOM   1426 C CG  . TRP A 1 180 ? -3.440  -10.065 7.060   1.00 6.46  ? 180 TRP A CG  1 
ATOM   1427 C CD1 . TRP A 1 180 ? -3.497  -11.248 6.358   1.00 7.28  ? 180 TRP A CD1 1 
ATOM   1428 C CD2 . TRP A 1 180 ? -2.764  -9.121  6.260   1.00 6.19  ? 180 TRP A CD2 1 
ATOM   1429 N NE1 . TRP A 1 180 ? -2.889  -11.081 5.138   1.00 5.54  ? 180 TRP A NE1 1 
ATOM   1430 C CE2 . TRP A 1 180 ? -2.415  -9.775  5.050   1.00 5.97  ? 180 TRP A CE2 1 
ATOM   1431 C CE3 . TRP A 1 180 ? -2.402  -7.807  6.404   1.00 7.85  ? 180 TRP A CE3 1 
ATOM   1432 C CZ2 . TRP A 1 180 ? -1.711  -9.167  4.028   1.00 3.94  ? 180 TRP A CZ2 1 
ATOM   1433 C CZ3 . TRP A 1 180 ? -1.706  -7.166  5.376   1.00 9.44  ? 180 TRP A CZ3 1 
ATOM   1434 C CH2 . TRP A 1 180 ? -1.347  -7.852  4.227   1.00 6.84  ? 180 TRP A CH2 1 
ATOM   1435 N N   . VAL A 1 181 ? -1.813  -8.373  10.361  1.00 15.54 ? 181 VAL A N   1 
ATOM   1436 C CA  . VAL A 1 181 ? -0.688  -7.404  10.621  1.00 16.42 ? 181 VAL A CA  1 
ATOM   1437 C C   . VAL A 1 181 ? 0.239   -7.893  11.723  1.00 18.69 ? 181 VAL A C   1 
ATOM   1438 O O   . VAL A 1 181 ? 1.382   -7.373  11.943  1.00 19.39 ? 181 VAL A O   1 
ATOM   1439 C CB  . VAL A 1 181 ? -1.572  -6.162  10.819  1.00 16.10 ? 181 VAL A CB  1 
ATOM   1440 C CG1 . VAL A 1 181 ? -1.244  -5.363  12.079  1.00 16.58 ? 181 VAL A CG1 1 
ATOM   1441 C CG2 . VAL A 1 181 ? -1.509  -5.189  9.643   1.00 15.53 ? 181 VAL A CG2 1 
ATOM   1442 N N   . GLY A 1 182 ? -0.156  -8.916  12.477  1.00 16.49 ? 182 GLY A N   1 
ATOM   1443 C CA  . GLY A 1 182 ? 0.666   -9.470  13.561  1.00 18.65 ? 182 GLY A CA  1 
ATOM   1444 C C   . GLY A 1 182 ? 0.785   -8.590  14.808  1.00 19.37 ? 182 GLY A C   1 
ATOM   1445 O O   . GLY A 1 182 ? 1.712   -8.739  15.620  1.00 21.03 ? 182 GLY A O   1 
ATOM   1446 N N   . THR A 1 183 ? -0.147  -7.711  15.075  1.00 19.44 ? 183 THR A N   1 
ATOM   1447 C CA  . THR A 1 183 ? -0.135  -6.846  16.288  1.00 20.70 ? 183 THR A CA  1 
ATOM   1448 C C   . THR A 1 183 ? -1.534  -6.358  16.636  1.00 18.75 ? 183 THR A C   1 
ATOM   1449 O O   . THR A 1 183 ? -2.392  -6.219  15.741  1.00 17.94 ? 183 THR A O   1 
ATOM   1450 C CB  . THR A 1 183 ? 0.809   -5.583  16.140  1.00 20.52 ? 183 THR A CB  1 
ATOM   1451 O OG1 . THR A 1 183 ? 0.658   -4.883  17.422  1.00 23.52 ? 183 THR A OG1 1 
ATOM   1452 C CG2 . THR A 1 183 ? 0.495   -4.637  15.010  1.00 18.40 ? 183 THR A CG2 1 
ATOM   1453 N N   . LYS A 1 184 ? -1.736  -6.094  17.905  1.00 19.42 ? 184 LYS A N   1 
ATOM   1454 C CA  . LYS A 1 184 ? -3.033  -5.534  18.367  1.00 17.52 ? 184 LYS A CA  1 
ATOM   1455 C C   . LYS A 1 184 ? -3.000  -4.103  17.847  1.00 16.74 ? 184 LYS A C   1 
ATOM   1456 O O   . LYS A 1 184 ? -1.921  -3.469  17.799  1.00 17.24 ? 184 LYS A O   1 
ATOM   1457 C CB  . LYS A 1 184 ? -3.194  -5.542  19.869  1.00 20.25 ? 184 LYS A CB  1 
ATOM   1458 C CG  . LYS A 1 184 ? -3.235  -6.936  20.448  1.00 20.20 ? 184 LYS A CG  1 
ATOM   1459 C CD  . LYS A 1 184 ? -4.607  -7.545  20.480  1.00 24.60 ? 184 LYS A CD  1 
ATOM   1460 C CE  . LYS A 1 184 ? -4.635  -8.965  21.040  1.00 25.09 ? 184 LYS A CE  1 
ATOM   1461 N NZ  . LYS A 1 184 ? -3.256  -9.535  20.970  1.00 29.08 ? 184 LYS A NZ  1 
ATOM   1462 N N   . VAL A 1 185 ? -4.120  -3.527  17.480  1.00 15.89 ? 185 VAL A N   1 
ATOM   1463 C CA  . VAL A 1 185 ? -4.297  -2.165  16.937  1.00 13.56 ? 185 VAL A CA  1 
ATOM   1464 C C   . VAL A 1 185 ? -5.427  -1.496  17.679  1.00 15.53 ? 185 VAL A C   1 
ATOM   1465 O O   . VAL A 1 185 ? -6.373  -2.237  18.039  1.00 13.99 ? 185 VAL A O   1 
ATOM   1466 C CB  . VAL A 1 185 ? -4.640  -2.521  15.455  1.00 16.97 ? 185 VAL A CB  1 
ATOM   1467 C CG1 . VAL A 1 185 ? -5.117  -1.318  14.642  1.00 14.94 ? 185 VAL A CG1 1 
ATOM   1468 C CG2 . VAL A 1 185 ? -3.450  -3.110  14.691  1.00 13.06 ? 185 VAL A CG2 1 
ATOM   1469 N N   . PRO A 1 186 ? -5.344  -0.206  17.911  1.00 17.69 ? 186 PRO A N   1 
ATOM   1470 C CA  . PRO A 1 186 ? -6.357  0.568   18.614  1.00 19.97 ? 186 PRO A CA  1 
ATOM   1471 C C   . PRO A 1 186 ? -7.686  0.497   17.874  1.00 20.33 ? 186 PRO A C   1 
ATOM   1472 O O   . PRO A 1 186 ? -7.747  0.666   16.652  1.00 21.38 ? 186 PRO A O   1 
ATOM   1473 C CB  . PRO A 1 186 ? -5.782  1.990   18.667  1.00 19.95 ? 186 PRO A CB  1 
ATOM   1474 C CG  . PRO A 1 186 ? -4.316  1.853   18.499  1.00 19.74 ? 186 PRO A CG  1 
ATOM   1475 C CD  . PRO A 1 186 ? -4.230  0.670   17.530  1.00 19.30 ? 186 PRO A CD  1 
ATOM   1476 N N   . HIS A 1 187 ? -8.754  0.245   18.579  1.00 21.68 ? 187 HIS A N   1 
ATOM   1477 C CA  . HIS A 1 187 ? -10.111 0.119   18.021  1.00 22.38 ? 187 HIS A CA  1 
ATOM   1478 C C   . HIS A 1 187 ? -10.726 1.470   17.811  1.00 22.49 ? 187 HIS A C   1 
ATOM   1479 O O   . HIS A 1 187 ? -10.222 2.412   18.490  1.00 25.90 ? 187 HIS A O   1 
ATOM   1480 C CB  . HIS A 1 187 ? -11.037 -0.498  19.108  1.00 23.99 ? 187 HIS A CB  1 
ATOM   1481 C CG  . HIS A 1 187 ? -10.897 -1.954  19.212  1.00 23.86 ? 187 HIS A CG  1 
ATOM   1482 N ND1 . HIS A 1 187 ? -9.909  -2.585  19.884  1.00 25.75 ? 187 HIS A ND1 1 
ATOM   1483 C CD2 . HIS A 1 187 ? -11.703 -2.931  18.702  1.00 26.30 ? 187 HIS A CD2 1 
ATOM   1484 C CE1 . HIS A 1 187 ? -10.041 -3.911  19.834  1.00 26.43 ? 187 HIS A CE1 1 
ATOM   1485 N NE2 . HIS A 1 187 ? -11.136 -4.132  19.109  1.00 28.42 ? 187 HIS A NE2 1 
ATOM   1486 N N   . GLY A 1 188 ? -11.725 1.678   17.023  1.00 20.73 ? 188 GLY A N   1 
ATOM   1487 C CA  . GLY A 1 188 ? -12.335 3.011   16.874  1.00 19.59 ? 188 GLY A CA  1 
ATOM   1488 C C   . GLY A 1 188 ? -11.450 4.104   16.299  1.00 20.71 ? 188 GLY A C   1 
ATOM   1489 O O   . GLY A 1 188 ? -10.366 3.849   15.771  1.00 19.95 ? 188 GLY A O   1 
ATOM   1490 N N   . LYS A 1 189 ? -11.949 5.322   16.361  1.00 18.90 ? 189 LYS A N   1 
ATOM   1491 C CA  . LYS A 1 189 ? -11.349 6.554   15.860  1.00 21.73 ? 189 LYS A CA  1 
ATOM   1492 C C   . LYS A 1 189 ? -10.164 6.925   16.742  1.00 22.94 ? 189 LYS A C   1 
ATOM   1493 O O   . LYS A 1 189 ? -10.207 6.794   17.980  1.00 24.84 ? 189 LYS A O   1 
ATOM   1494 C CB  . LYS A 1 189 ? -12.376 7.675   15.763  1.00 21.05 ? 189 LYS A CB  1 
ATOM   1495 C CG  . LYS A 1 189 ? -13.558 7.330   14.847  1.00 20.59 ? 189 LYS A CG  1 
ATOM   1496 C CD  . LYS A 1 189 ? -14.375 8.610   14.615  1.00 20.92 ? 189 LYS A CD  1 
ATOM   1497 C CE  . LYS A 1 189 ? -15.607 8.361   13.735  1.00 21.49 ? 189 LYS A CE  1 
ATOM   1498 N NZ  . LYS A 1 189 ? -16.327 9.651   13.590  1.00 21.66 ? 189 LYS A NZ  1 
ATOM   1499 N N   . ILE A 1 190 ? -9.102  7.302   16.060  1.00 23.31 ? 190 ILE A N   1 
ATOM   1500 C CA  . ILE A 1 190 ? -7.836  7.680   16.731  1.00 22.51 ? 190 ILE A CA  1 
ATOM   1501 C C   . ILE A 1 190 ? -7.707  9.166   16.463  1.00 23.08 ? 190 ILE A C   1 
ATOM   1502 O O   . ILE A 1 190 ? -8.020  9.497   15.325  1.00 22.63 ? 190 ILE A O   1 
ATOM   1503 C CB  . ILE A 1 190 ? -6.661  6.834   16.170  1.00 22.27 ? 190 ILE A CB  1 
ATOM   1504 C CG1 . ILE A 1 190 ? -6.827  5.396   16.769  1.00 21.57 ? 190 ILE A CG1 1 
ATOM   1505 C CG2 . ILE A 1 190 ? -5.254  7.440   16.391  1.00 21.05 ? 190 ILE A CG2 1 
ATOM   1506 C CD1 . ILE A 1 190 ? -6.349  4.400   15.672  1.00 21.61 ? 190 ILE A CD1 1 
ATOM   1507 N N   . ASN A 1 191 ? -7.390  9.994   17.465  1.00 24.82 ? 191 ASN A N   1 
ATOM   1508 C CA  . ASN A 1 191 ? -7.272  11.424  17.098  1.00 26.73 ? 191 ASN A CA  1 
ATOM   1509 C C   . ASN A 1 191 ? -5.744  11.698  17.036  1.00 26.64 ? 191 ASN A C   1 
ATOM   1510 O O   . ASN A 1 191 ? -5.033  11.341  17.985  1.00 28.21 ? 191 ASN A O   1 
ATOM   1511 C CB  . ASN A 1 191 ? -8.039  12.415  17.983  1.00 28.83 ? 191 ASN A CB  1 
ATOM   1512 C CG  . ASN A 1 191 ? -8.015  13.865  17.487  1.00 31.32 ? 191 ASN A CG  1 
ATOM   1513 O OD1 . ASN A 1 191 ? -8.964  14.331  16.792  1.00 33.99 ? 191 ASN A OD1 1 
ATOM   1514 N ND2 . ASN A 1 191 ? -6.973  14.680  17.774  1.00 31.23 ? 191 ASN A ND2 1 
ATOM   1515 N N   . GLU A 1 192 ? -5.321  12.335  15.967  1.00 25.22 ? 192 GLU A N   1 
ATOM   1516 C CA  . GLU A 1 192 ? -3.930  12.712  15.842  1.00 26.45 ? 192 GLU A CA  1 
ATOM   1517 C C   . GLU A 1 192 ? -3.937  14.088  15.240  1.00 26.12 ? 192 GLU A C   1 
ATOM   1518 O O   . GLU A 1 192 ? -4.383  14.169  14.112  1.00 26.98 ? 192 GLU A O   1 
ATOM   1519 C CB  . GLU A 1 192 ? -3.080  11.721  15.017  1.00 26.63 ? 192 GLU A CB  1 
ATOM   1520 C CG  . GLU A 1 192 ? -1.574  11.889  15.157  1.00 25.18 ? 192 GLU A CG  1 
ATOM   1521 C CD  . GLU A 1 192 ? -0.759  10.944  14.315  1.00 25.76 ? 192 GLU A CD  1 
ATOM   1522 O OE1 . GLU A 1 192 ? -1.187  9.933   13.787  1.00 23.70 ? 192 GLU A OE1 1 
ATOM   1523 O OE2 . GLU A 1 192 ? 0.417   11.351  14.312  1.00 26.17 ? 192 GLU A OE2 1 
ATOM   1524 N N   . ASP A 1 193 ? -3.508  15.113  15.957  1.00 27.92 ? 193 ASP A N   1 
ATOM   1525 C CA  . ASP A 1 193 ? -3.461  16.482  15.427  1.00 29.98 ? 193 ASP A CA  1 
ATOM   1526 C C   . ASP A 1 193 ? -4.725  17.042  14.762  1.00 30.41 ? 193 ASP A C   1 
ATOM   1527 O O   . ASP A 1 193 ? -4.697  17.635  13.651  1.00 30.66 ? 193 ASP A O   1 
ATOM   1528 C CB  . ASP A 1 193 ? -2.316  16.546  14.426  1.00 32.90 ? 193 ASP A CB  1 
ATOM   1529 C CG  . ASP A 1 193 ? -1.461  17.781  14.709  1.00 36.33 ? 193 ASP A CG  1 
ATOM   1530 O OD1 . ASP A 1 193 ? -1.937  18.926  14.795  1.00 37.04 ? 193 ASP A OD1 1 
ATOM   1531 O OD2 . ASP A 1 193 ? -0.277  17.423  14.871  1.00 37.97 ? 193 ASP A OD2 1 
ATOM   1532 N N   . GLY A 1 194 ? -5.804  16.850  15.479  1.00 28.71 ? 194 GLY A N   1 
ATOM   1533 C CA  . GLY A 1 194 ? -7.098  17.329  14.985  1.00 28.84 ? 194 GLY A CA  1 
ATOM   1534 C C   . GLY A 1 194 ? -7.693  16.397  13.948  1.00 26.45 ? 194 GLY A C   1 
ATOM   1535 O O   . GLY A 1 194 ? -8.730  16.739  13.380  1.00 26.57 ? 194 GLY A O   1 
ATOM   1536 N N   . PHE A 1 195 ? -7.022  15.278  13.720  1.00 26.65 ? 195 PHE A N   1 
ATOM   1537 C CA  . PHE A 1 195 ? -7.552  14.346  12.705  1.00 24.26 ? 195 PHE A CA  1 
ATOM   1538 C C   . PHE A 1 195 ? -8.047  13.064  13.365  1.00 22.08 ? 195 PHE A C   1 
ATOM   1539 O O   . PHE A 1 195 ? -7.369  12.510  14.225  1.00 20.52 ? 195 PHE A O   1 
ATOM   1540 C CB  . PHE A 1 195 ? -6.576  13.997  11.608  1.00 26.08 ? 195 PHE A CB  1 
ATOM   1541 C CG  . PHE A 1 195 ? -6.135  14.976  10.593  1.00 27.04 ? 195 PHE A CG  1 
ATOM   1542 C CD1 . PHE A 1 195 ? -6.866  15.156  9.429   1.00 28.24 ? 195 PHE A CD1 1 
ATOM   1543 C CD2 . PHE A 1 195 ? -4.954  15.697  10.785  1.00 29.22 ? 195 PHE A CD2 1 
ATOM   1544 C CE1 . PHE A 1 195 ? -6.415  16.057  8.448   1.00 30.13 ? 195 PHE A CE1 1 
ATOM   1545 C CE2 . PHE A 1 195 ? -4.472  16.598  9.828   1.00 30.09 ? 195 PHE A CE2 1 
ATOM   1546 C CZ  . PHE A 1 195 ? -5.231  16.794  8.666   1.00 29.82 ? 195 PHE A CZ  1 
ATOM   1547 N N   . ASP A 1 196 ? -9.242  12.718  12.878  1.00 19.71 ? 196 ASP A N   1 
ATOM   1548 C CA  . ASP A 1 196 ? -9.827  11.457  13.367  1.00 19.37 ? 196 ASP A CA  1 
ATOM   1549 C C   . ASP A 1 196 ? -9.639  10.445  12.176  1.00 14.43 ? 196 ASP A C   1 
ATOM   1550 O O   . ASP A 1 196 ? -10.089 10.780  11.081  1.00 16.62 ? 196 ASP A O   1 
ATOM   1551 C CB  . ASP A 1 196 ? -11.331 11.449  13.696  1.00 18.93 ? 196 ASP A CB  1 
ATOM   1552 C CG  . ASP A 1 196 ? -11.686 12.088  15.011  1.00 21.65 ? 196 ASP A CG  1 
ATOM   1553 O OD1 . ASP A 1 196 ? -11.054 11.761  16.002  1.00 25.20 ? 196 ASP A OD1 1 
ATOM   1554 O OD2 . ASP A 1 196 ? -12.589 12.951  14.969  1.00 23.82 ? 196 ASP A OD2 1 
ATOM   1555 N N   . TYR A 1 197 ? -9.157  9.318   12.516  1.00 13.15 ? 197 TYR A N   1 
ATOM   1556 C CA  . TYR A 1 197 ? -8.978  8.245   11.543  1.00 14.57 ? 197 TYR A CA  1 
ATOM   1557 C C   . TYR A 1 197 ? -9.175  6.908   12.205  1.00 13.27 ? 197 TYR A C   1 
ATOM   1558 O O   . TYR A 1 197 ? -9.071  6.679   13.413  1.00 14.78 ? 197 TYR A O   1 
ATOM   1559 C CB  . TYR A 1 197 ? -7.631  8.434   10.786  1.00 12.60 ? 197 TYR A CB  1 
ATOM   1560 C CG  . TYR A 1 197 ? -6.392  8.278   11.624  1.00 12.93 ? 197 TYR A CG  1 
ATOM   1561 C CD1 . TYR A 1 197 ? -5.939  7.002   12.011  1.00 15.18 ? 197 TYR A CD1 1 
ATOM   1562 C CD2 . TYR A 1 197 ? -5.712  9.423   11.980  1.00 14.59 ? 197 TYR A CD2 1 
ATOM   1563 C CE1 . TYR A 1 197 ? -4.766  6.899   12.774  1.00 14.18 ? 197 TYR A CE1 1 
ATOM   1564 C CE2 . TYR A 1 197 ? -4.548  9.325   12.735  1.00 14.78 ? 197 TYR A CE2 1 
ATOM   1565 C CZ  . TYR A 1 197 ? -4.073  8.068   13.133  1.00 15.20 ? 197 TYR A CZ  1 
ATOM   1566 O OH  . TYR A 1 197 ? -2.935  8.003   13.866  1.00 16.92 ? 197 TYR A OH  1 
ATOM   1567 N N   . GLU A 1 198 ? -9.527  5.917   11.359  1.00 12.53 ? 198 GLU A N   1 
ATOM   1568 C CA  . GLU A 1 198 ? -9.710  4.555   11.798  1.00 11.20 ? 198 GLU A CA  1 
ATOM   1569 C C   . GLU A 1 198 ? -9.089  3.531   10.863  1.00 9.23  ? 198 GLU A C   1 
ATOM   1570 O O   . GLU A 1 198 ? -9.277  3.685   9.645   1.00 9.23  ? 198 GLU A O   1 
ATOM   1571 C CB  . GLU A 1 198 ? -11.253 4.259   11.747  1.00 13.49 ? 198 GLU A CB  1 
ATOM   1572 C CG  . GLU A 1 198 ? -11.658 3.121   12.644  1.00 16.89 ? 198 GLU A CG  1 
ATOM   1573 C CD  . GLU A 1 198 ? -13.153 2.920   12.709  1.00 20.85 ? 198 GLU A CD  1 
ATOM   1574 O OE1 . GLU A 1 198 ? -13.955 3.649   12.182  1.00 22.46 ? 198 GLU A OE1 1 
ATOM   1575 O OE2 . GLU A 1 198 ? -13.390 1.880   13.342  1.00 26.71 ? 198 GLU A OE2 1 
ATOM   1576 N N   . PHE A 1 199 ? -8.483  2.499   11.332  1.00 10.56 ? 199 PHE A N   1 
ATOM   1577 C CA  . PHE A 1 199 ? -7.886  1.455   10.447  1.00 11.35 ? 199 PHE A CA  1 
ATOM   1578 C C   . PHE A 1 199 ? -8.900  0.383   10.051  1.00 8.66  ? 199 PHE A C   1 
ATOM   1579 O O   . PHE A 1 199 ? -9.516  -0.130  10.939  1.00 9.32  ? 199 PHE A O   1 
ATOM   1580 C CB  . PHE A 1 199 ? -6.750  0.688   11.163  1.00 10.23 ? 199 PHE A CB  1 
ATOM   1581 C CG  . PHE A 1 199 ? -5.666  1.644   11.609  1.00 11.56 ? 199 PHE A CG  1 
ATOM   1582 C CD1 . PHE A 1 199 ? -4.950  2.362   10.649  1.00 9.56  ? 199 PHE A CD1 1 
ATOM   1583 C CD2 . PHE A 1 199 ? -5.419  1.792   12.979  1.00 12.83 ? 199 PHE A CD2 1 
ATOM   1584 C CE1 . PHE A 1 199 ? -3.932  3.219   11.061  1.00 11.71 ? 199 PHE A CE1 1 
ATOM   1585 C CE2 . PHE A 1 199 ? -4.387  2.684   13.374  1.00 12.74 ? 199 PHE A CE2 1 
ATOM   1586 C CZ  . PHE A 1 199 ? -3.620  3.366   12.410  1.00 10.42 ? 199 PHE A CZ  1 
ATOM   1587 N N   . GLU A 1 200 ? -9.009  -0.032  8.804   1.00 8.72  ? 200 GLU A N   1 
ATOM   1588 C CA  . GLU A 1 200 ? -9.861  -1.107  8.374   1.00 8.24  ? 200 GLU A CA  1 
ATOM   1589 C C   . GLU A 1 200 ? -9.147  -2.085  7.419   1.00 11.25 ? 200 GLU A C   1 
ATOM   1590 O O   . GLU A 1 200 ? -8.171  -1.634  6.794   1.00 11.20 ? 200 GLU A O   1 
ATOM   1591 C CB  . GLU A 1 200 ? -11.036 -0.538  7.605   1.00 9.55  ? 200 GLU A CB  1 
ATOM   1592 C CG  . GLU A 1 200 ? -12.024 0.311   8.332   1.00 11.91 ? 200 GLU A CG  1 
ATOM   1593 C CD  . GLU A 1 200 ? -13.055 0.950   7.432   1.00 15.93 ? 200 GLU A CD  1 
ATOM   1594 O OE1 . GLU A 1 200 ? -13.048 0.904   6.225   1.00 16.09 ? 200 GLU A OE1 1 
ATOM   1595 O OE2 . GLU A 1 200 ? -13.962 1.536   8.095   1.00 16.68 ? 200 GLU A OE2 1 
ATOM   1596 N N   . MET A 1 201 ? -9.661  -3.280  7.291   1.00 8.79  ? 201 MET A N   1 
ATOM   1597 C CA  . MET A 1 201 ? -9.164  -4.312  6.384   1.00 10.46 ? 201 MET A CA  1 
ATOM   1598 C C   . MET A 1 201 ? -10.380 -4.823  5.587   1.00 9.54  ? 201 MET A C   1 
ATOM   1599 O O   . MET A 1 201 ? -11.334 -5.267  6.224   1.00 11.15 ? 201 MET A O   1 
ATOM   1600 C CB  . MET A 1 201 ? -8.477  -5.498  7.043   1.00 9.43  ? 201 MET A CB  1 
ATOM   1601 C CG  . MET A 1 201 ? -7.970  -6.495  5.952   1.00 7.49  ? 201 MET A CG  1 
ATOM   1602 S SD  . MET A 1 201 ? -6.808  -7.572  6.854   1.00 10.44 ? 201 MET A SD  1 
ATOM   1603 C CE  . MET A 1 201 ? -7.970  -8.717  7.668   1.00 9.50  ? 201 MET A CE  1 
ATOM   1604 N N   . TRP A 1 202 ? -10.443 -4.711  4.286   1.00 9.00  ? 202 TRP A N   1 
ATOM   1605 C CA  . TRP A 1 202 ? -11.486 -5.224  3.430   1.00 9.85  ? 202 TRP A CA  1 
ATOM   1606 C C   . TRP A 1 202 ? -10.974 -6.343  2.503   1.00 11.53 ? 202 TRP A C   1 
ATOM   1607 O O   . TRP A 1 202 ? -9.865  -6.182  1.991   1.00 11.04 ? 202 TRP A O   1 
ATOM   1608 C CB  . TRP A 1 202 ? -11.932 -4.072  2.502   1.00 10.84 ? 202 TRP A CB  1 
ATOM   1609 C CG  . TRP A 1 202 ? -12.620 -2.991  3.268   1.00 10.78 ? 202 TRP A CG  1 
ATOM   1610 C CD1 . TRP A 1 202 ? -11.981 -2.053  4.049   1.00 12.56 ? 202 TRP A CD1 1 
ATOM   1611 C CD2 . TRP A 1 202 ? -14.027 -2.737  3.369   1.00 11.05 ? 202 TRP A CD2 1 
ATOM   1612 N NE1 . TRP A 1 202 ? -12.922 -1.222  4.628   1.00 13.78 ? 202 TRP A NE1 1 
ATOM   1613 C CE2 . TRP A 1 202 ? -14.175 -1.626  4.215   1.00 12.77 ? 202 TRP A CE2 1 
ATOM   1614 C CE3 . TRP A 1 202 ? -15.129 -3.287  2.770   1.00 10.33 ? 202 TRP A CE3 1 
ATOM   1615 C CZ2 . TRP A 1 202 ? -15.415 -1.077  4.510   1.00 12.99 ? 202 TRP A CZ2 1 
ATOM   1616 C CZ3 . TRP A 1 202 ? -16.398 -2.764  3.049   1.00 13.81 ? 202 TRP A CZ3 1 
ATOM   1617 C CH2 . TRP A 1 202 ? -16.512 -1.677  3.910   1.00 13.45 ? 202 TRP A CH2 1 
ATOM   1618 N N   . THR A 1 203 ? -11.673 -7.428  2.276   1.00 12.08 ? 203 THR A N   1 
ATOM   1619 C CA  . THR A 1 203 ? -11.174 -8.477  1.374   1.00 12.27 ? 203 THR A CA  1 
ATOM   1620 C C   . THR A 1 203 ? -12.256 -8.770  0.323   1.00 15.24 ? 203 THR A C   1 
ATOM   1621 O O   . THR A 1 203 ? -13.427 -8.361  0.436   1.00 13.09 ? 203 THR A O   1 
ATOM   1622 C CB  . THR A 1 203 ? -10.692 -9.740  2.170   1.00 12.47 ? 203 THR A CB  1 
ATOM   1623 O OG1 . THR A 1 203 ? -11.952 -10.161 2.801   1.00 13.03 ? 203 THR A OG1 1 
ATOM   1624 C CG2 . THR A 1 203 ? -9.613  -9.398  3.204   1.00 11.24 ? 203 THR A CG2 1 
ATOM   1625 N N   . ARG A 1 204 ? -11.794 -9.439  -0.723  1.00 18.78 ? 204 ARG A N   1 
ATOM   1626 C CA  . ARG A 1 204 ? -12.641 -9.779  -1.892  1.00 23.13 ? 204 ARG A CA  1 
ATOM   1627 C C   . ARG A 1 204 ? -12.282 -11.211 -2.168  1.00 26.66 ? 204 ARG A C   1 
ATOM   1628 O O   . ARG A 1 204 ? -11.105 -11.552 -1.952  1.00 26.01 ? 204 ARG A O   1 
ATOM   1629 C CB  . ARG A 1 204 ? -12.394 -8.806  -3.038  1.00 23.61 ? 204 ARG A CB  1 
ATOM   1630 C CG  . ARG A 1 204 ? -12.149 -9.375  -4.385  1.00 27.96 ? 204 ARG A CG  1 
ATOM   1631 C CD  . ARG A 1 204 ? -12.240 -8.559  -5.579  1.00 28.66 ? 204 ARG A CD  1 
ATOM   1632 N NE  . ARG A 1 204 ? -11.176 -7.822  -6.158  1.00 32.12 ? 204 ARG A NE  1 
ATOM   1633 C CZ  . ARG A 1 204 ? -10.263 -8.029  -7.091  1.00 36.08 ? 204 ARG A CZ  1 
ATOM   1634 N NH1 . ARG A 1 204 ? -10.157 -9.251  -7.677  1.00 38.93 ? 204 ARG A NH1 1 
ATOM   1635 N NH2 . ARG A 1 204 ? -9.413  -7.123  -7.627  1.00 35.60 ? 204 ARG A NH2 1 
ATOM   1636 N N   . ASP A 1 205 ? -13.283 -11.969 -2.569  1.00 31.29 ? 205 ASP A N   1 
ATOM   1637 C CA  . ASP A 1 205 ? -13.143 -13.394 -2.895  1.00 36.77 ? 205 ASP A CA  1 
ATOM   1638 C C   . ASP A 1 205 ? -12.517 -13.466 -4.295  1.00 37.24 ? 205 ASP A C   1 
ATOM   1639 O O   . ASP A 1 205 ? -12.874 -12.684 -5.167  1.00 37.71 ? 205 ASP A O   1 
ATOM   1640 C CB  . ASP A 1 205 ? -14.442 -14.182 -2.986  1.00 42.62 ? 205 ASP A CB  1 
ATOM   1641 C CG  . ASP A 1 205 ? -15.526 -14.043 -1.943  1.00 47.10 ? 205 ASP A CG  1 
ATOM   1642 O OD1 . ASP A 1 205 ? -15.115 -14.316 -0.774  1.00 48.26 ? 205 ASP A OD1 1 
ATOM   1643 O OD2 . ASP A 1 205 ? -16.718 -13.703 -2.300  1.00 49.82 ? 205 ASP A OD2 1 
ATOM   1644 N N   . LEU A 1 206 ? -11.628 -14.400 -4.414  1.00 39.81 ? 206 LEU A N   1 
ATOM   1645 C CA  . LEU A 1 206 ? -10.985 -14.602 -5.743  1.00 42.57 ? 206 LEU A CA  1 
ATOM   1646 C C   . LEU A 1 206 ? -11.417 -16.014 -6.167  1.00 43.10 ? 206 LEU A C   1 
ATOM   1647 O O   . LEU A 1 206 ? -11.895 -16.101 -7.318  1.00 43.49 ? 206 LEU A O   1 
ATOM   1648 C CB  . LEU A 1 206 ? -9.511  -14.276 -5.665  1.00 43.84 ? 206 LEU A CB  1 
ATOM   1649 C CG  . LEU A 1 206 ? -8.876  -14.415 -4.283  1.00 45.57 ? 206 LEU A CG  1 
ATOM   1650 C CD1 . LEU A 1 206 ? -9.376  -15.706 -3.604  1.00 45.17 ? 206 LEU A CD1 1 
ATOM   1651 C CD2 . LEU A 1 206 ? -7.362  -14.308 -4.479  1.00 44.47 ? 206 LEU A CD2 1 
ATOM   1652 O OXT . LEU A 1 206 ? -11.334 -16.960 -5.363  1.00 44.06 ? 206 LEU A OXT 1 
HETATM 1653 N N1  . FOL B 2 .   ? -1.148  4.436   3.400   1.00 13.24 ? 207 FOL A N1  1 
HETATM 1654 C C2  . FOL B 2 .   ? -1.286  4.890   4.670   1.00 13.97 ? 207 FOL A C2  1 
HETATM 1655 N NA2 . FOL B 2 .   ? -2.027  4.166   5.413   1.00 14.47 ? 207 FOL A NA2 1 
HETATM 1656 N N3  . FOL B 2 .   ? -0.740  6.050   5.056   1.00 13.04 ? 207 FOL A N3  1 
HETATM 1657 C C4  . FOL B 2 .   ? 0.038   6.697   4.213   1.00 16.59 ? 207 FOL A C4  1 
HETATM 1658 O O4  . FOL B 2 .   ? 0.654   7.804   4.526   1.00 16.81 ? 207 FOL A O4  1 
HETATM 1659 C C4A . FOL B 2 .   ? 0.297   6.207   2.847   1.00 16.08 ? 207 FOL A C4A 1 
HETATM 1660 N N5  . FOL B 2 .   ? 1.127   6.868   2.022   1.00 16.98 ? 207 FOL A N5  1 
HETATM 1661 C C6  . FOL B 2 .   ? 1.223   6.334   0.811   1.00 18.89 ? 207 FOL A C6  1 
HETATM 1662 C C7  . FOL B 2 .   ? 0.546   5.171   0.471   1.00 16.57 ? 207 FOL A C7  1 
HETATM 1663 N N8  . FOL B 2 .   ? -0.216  4.484   1.294   1.00 14.37 ? 207 FOL A N8  1 
HETATM 1664 C C8A . FOL B 2 .   ? -0.364  5.039   2.481   1.00 15.08 ? 207 FOL A C8A 1 
HETATM 1665 C C9  . FOL B 2 .   ? 2.103   7.021   -0.234  1.00 18.49 ? 207 FOL A C9  1 
HETATM 1666 N N10 . FOL B 2 .   ? 2.981   7.985   0.303   1.00 20.29 ? 207 FOL A N10 1 
HETATM 1667 C C11 . FOL B 2 .   ? 6.051   7.415   3.171   1.00 22.55 ? 207 FOL A C11 1 
HETATM 1668 C C12 . FOL B 2 .   ? 5.848   8.640   2.559   1.00 22.12 ? 207 FOL A C12 1 
HETATM 1669 C C13 . FOL B 2 .   ? 4.852   8.798   1.585   1.00 22.08 ? 207 FOL A C13 1 
HETATM 1670 C C14 . FOL B 2 .   ? 4.003   7.740   1.211   1.00 21.65 ? 207 FOL A C14 1 
HETATM 1671 C C15 . FOL B 2 .   ? 4.251   6.512   1.826   1.00 21.20 ? 207 FOL A C15 1 
HETATM 1672 C C16 . FOL B 2 .   ? 5.257   6.384   2.734   1.00 21.63 ? 207 FOL A C16 1 
HETATM 1673 C C   . FOL B 2 .   ? 7.099   7.224   4.182   1.00 23.62 ? 207 FOL A C   1 
HETATM 1674 O O   . FOL B 2 .   ? 7.876   8.092   4.618   1.00 28.71 ? 207 FOL A O   1 
HETATM 1675 N N   . FOL B 2 .   ? 7.377   6.066   4.705   1.00 21.01 ? 207 FOL A N   1 
HETATM 1676 C CA  . FOL B 2 .   ? 8.437   5.736   5.612   1.00 19.62 ? 207 FOL A CA  1 
HETATM 1677 C CB  . FOL B 2 .   ? 8.155   6.173   7.060   1.00 21.90 ? 207 FOL A CB  1 
HETATM 1678 C CG  . FOL B 2 .   ? 8.341   7.654   7.199   1.00 23.51 ? 207 FOL A CG  1 
HETATM 1679 C CD  . FOL B 2 .   ? 8.406   7.922   8.646   1.00 24.27 ? 207 FOL A CD  1 
HETATM 1680 O OE1 . FOL B 2 .   ? 8.462   7.163   9.688   1.00 24.93 ? 207 FOL A OE1 1 
HETATM 1681 O OE2 . FOL B 2 .   ? 8.453   9.135   9.108   1.00 25.35 ? 207 FOL A OE2 1 
HETATM 1682 C CT  . FOL B 2 .   ? 8.622   4.215   5.582   1.00 15.80 ? 207 FOL A CT  1 
HETATM 1683 O O1  . FOL B 2 .   ? 9.775   3.902   5.908   1.00 15.46 ? 207 FOL A O1  1 
HETATM 1684 O O2  . FOL B 2 .   ? 7.627   3.563   5.347   1.00 13.46 ? 207 FOL A O2  1 
HETATM 1685 O O   . HOH C 3 .   ? -3.702  9.903   7.522   1.00 58.02 ? 208 HOH A O   1 
HETATM 1686 O O   . HOH C 3 .   ? -1.663  9.574   2.550   1.00 33.25 ? 209 HOH A O   1 
HETATM 1687 O O   . HOH C 3 .   ? -4.204  1.545   6.004   1.00 11.62 ? 210 HOH A O   1 
HETATM 1688 O O   . HOH C 3 .   ? -5.437  -0.738  7.642   1.00 12.99 ? 211 HOH A O   1 
HETATM 1689 O O   . HOH C 3 .   ? -8.679  2.131   14.557  1.00 14.53 ? 212 HOH A O   1 
HETATM 1690 O O   . HOH C 3 .   ? -9.647  -0.147  13.964  1.00 27.58 ? 213 HOH A O   1 
HETATM 1691 O O   . HOH C 3 .   ? -10.989 -2.403  12.296  1.00 25.28 ? 214 HOH A O   1 
HETATM 1692 O O   . HOH C 3 .   ? 12.421  4.182   4.718   1.00 8.17  ? 215 HOH A O   1 
HETATM 1693 O O   . HOH C 3 .   ? 7.432   10.817  5.368   1.00 28.37 ? 216 HOH A O   1 
HETATM 1694 O O   . HOH C 3 .   ? 0.100   -9.726  -0.493  1.00 33.89 ? 217 HOH A O   1 
HETATM 1695 O O   . HOH C 3 .   ? 3.107   -7.388  6.278   1.00 11.03 ? 218 HOH A O   1 
HETATM 1696 O O   . HOH C 3 .   ? 17.136  -14.580 13.910  1.00 30.22 ? 219 HOH A O   1 
HETATM 1697 O O   . HOH C 3 .   ? 5.691   14.335  -6.615  1.00 32.80 ? 220 HOH A O   1 
HETATM 1698 O O   . HOH C 3 .   ? 2.267   7.831   -8.351  1.00 6.55  ? 221 HOH A O   1 
HETATM 1699 O O   . HOH C 3 .   ? -0.180  -0.273  -14.496 1.00 30.34 ? 222 HOH A O   1 
HETATM 1700 O O   . HOH C 3 .   ? 10.238  14.757  -1.431  1.00 19.23 ? 223 HOH A O   1 
HETATM 1701 O O   . HOH C 3 .   ? 18.405  7.673   5.997   1.00 11.16 ? 224 HOH A O   1 
HETATM 1702 O O   . HOH C 3 .   ? 16.907  4.184   2.131   1.00 25.05 ? 225 HOH A O   1 
HETATM 1703 O O   . HOH C 3 .   ? 16.968  -1.098  3.189   1.00 22.04 ? 226 HOH A O   1 
HETATM 1704 O O   . HOH C 3 .   ? 10.022  -6.187  4.359   1.00 9.91  ? 227 HOH A O   1 
HETATM 1705 O O   . HOH C 3 .   ? 8.966   -4.335  -17.467 1.00 32.54 ? 228 HOH A O   1 
HETATM 1706 O O   . HOH C 3 .   ? -2.095  -3.792  -14.825 1.00 44.13 ? 229 HOH A O   1 
HETATM 1707 O O   . HOH C 3 .   ? -9.915  -7.896  -12.613 1.00 40.22 ? 230 HOH A O   1 
HETATM 1708 O O   . HOH C 3 .   ? -10.196 -11.864 -8.310  1.00 57.12 ? 231 HOH A O   1 
HETATM 1709 O O   . HOH C 3 .   ? -11.190 14.663  11.644  1.00 36.76 ? 232 HOH A O   1 
HETATM 1710 O O   . HOH C 3 .   ? -12.428 14.552  1.072   1.00 27.06 ? 233 HOH A O   1 
HETATM 1711 O O   . HOH C 3 .   ? 15.492  -4.811  -12.163 1.00 23.94 ? 234 HOH A O   1 
HETATM 1712 O O   . HOH C 3 .   ? -18.820 -2.290  0.601   1.00 19.69 ? 235 HOH A O   1 
HETATM 1713 O O   . HOH C 3 .   ? -16.032 -11.149 -2.885  1.00 23.37 ? 236 HOH A O   1 
HETATM 1714 O O   . HOH C 3 .   ? -13.443 -11.156 9.345   1.00 21.21 ? 237 HOH A O   1 
HETATM 1715 O O   . HOH C 3 .   ? 0.558   -11.911 -7.997  1.00 40.09 ? 238 HOH A O   1 
HETATM 1716 O O   . HOH C 3 .   ? -1.544  -11.857 0.853   1.00 31.51 ? 239 HOH A O   1 
HETATM 1717 O O   . HOH C 3 .   ? 2.493   -10.336 -15.017 1.00 28.45 ? 240 HOH A O   1 
HETATM 1718 O O   . HOH C 3 .   ? 0.262   24.338  -4.647  1.00 19.26 ? 241 HOH A O   1 
HETATM 1719 O O   . HOH C 3 .   ? 3.725   -5.591  13.295  1.00 34.56 ? 242 HOH A O   1 
HETATM 1720 O O   . HOH C 3 .   ? 15.309  -17.069 12.638  1.00 34.73 ? 243 HOH A O   1 
HETATM 1721 O O   . HOH C 3 .   ? 14.668  -19.457 13.746  1.00 35.93 ? 244 HOH A O   1 
HETATM 1722 O O   . HOH C 3 .   ? 13.286  -8.479  6.720   1.00 31.26 ? 245 HOH A O   1 
HETATM 1723 O O   . HOH C 3 .   ? 6.379   -15.703 3.370   1.00 23.41 ? 246 HOH A O   1 
HETATM 1724 O O   . HOH C 3 .   ? 10.209  11.553  -13.832 1.00 45.37 ? 247 HOH A O   1 
HETATM 1725 O O   . HOH C 3 .   ? 15.111  15.021  3.484   1.00 27.28 ? 248 HOH A O   1 
HETATM 1726 O O   . HOH C 3 .   ? 17.556  6.332   2.179   1.00 32.30 ? 249 HOH A O   1 
HETATM 1727 O O   . HOH C 3 .   ? 18.338  8.669   -0.718  1.00 33.13 ? 250 HOH A O   1 
HETATM 1728 O O   . HOH C 3 .   ? -1.998  9.609   -6.724  1.00 49.20 ? 251 HOH A O   1 
HETATM 1729 O O   . HOH C 3 .   ? 0.183   6.145   -10.048 1.00 20.70 ? 252 HOH A O   1 
HETATM 1730 O O   . HOH C 3 .   ? -14.908 11.865  13.641  1.00 29.33 ? 253 HOH A O   1 
HETATM 1731 O O   . HOH C 3 .   ? -8.992  -13.856 14.249  1.00 45.44 ? 254 HOH A O   1 
HETATM 1732 O O   . HOH C 3 .   ? -16.334 -0.500  9.620   1.00 51.53 ? 255 HOH A O   1 
HETATM 1733 O O   . HOH C 3 .   ? 0.591   6.789   -3.288  1.00 31.72 ? 256 HOH A O   1 
HETATM 1734 O O   . HOH C 3 .   ? 10.147  14.061  6.960   1.00 41.73 ? 257 HOH A O   1 
HETATM 1735 O O   . HOH C 3 .   ? 5.882   12.717  1.368   1.00 44.72 ? 258 HOH A O   1 
HETATM 1736 O O   . HOH C 3 .   ? -2.638  7.064   0.394   1.00 30.21 ? 259 HOH A O   1 
HETATM 1737 O O   . HOH C 3 .   ? 5.905   15.408  -0.586  1.00 52.47 ? 260 HOH A O   1 
HETATM 1738 O O   . HOH C 3 .   ? 6.606   1.329   12.400  1.00 32.08 ? 261 HOH A O   1 
HETATM 1739 O O   . HOH C 3 .   ? 2.709   14.419  -1.795  1.00 41.33 ? 262 HOH A O   1 
# 
